data_1SZZ
#
_entry.id   1SZZ
#
_cell.length_a   87.487
_cell.length_b   118.926
_cell.length_c   95.761
_cell.angle_alpha   90.00
_cell.angle_beta   111.53
_cell.angle_gamma   90.00
#
_symmetry.space_group_name_H-M   'P 1 21 1'
#
loop_
_entity.id
_entity.type
_entity.pdbx_description
1 polymer 'Peptide deformylase'
2 non-polymer 'ZINC ION'
3 non-polymer ACTINONIN
4 water water
#
_entity_poly.entity_id   1
_entity_poly.type   'polypeptide(L)'
_entity_poly.pdbx_seq_one_letter_code
;SVRKILRMGDPILRKISEPVTEDEIQTKEFKKLIRDMFTTMRHAEGVGLAAPQIGILKQIVVVGSEDNERYPGTPDVPER
IILNPVITPLTKDTSGFWEGCLSVPGMRGYVERPNQIRMQWMDEKGNQFDETIDGYKAIVYQHECDHLQGILYVDRLKDT
KLFGFNETLDSSHNVLD
;
_entity_poly.pdbx_strand_id   A,B,C,D,E,F,G,H
#
# COMPACT_ATOMS: atom_id res chain seq x y z
N SER A 1 -4.79 -40.42 -3.21
CA SER A 1 -3.49 -39.71 -3.02
C SER A 1 -2.54 -40.51 -2.10
N VAL A 2 -1.26 -40.14 -2.11
CA VAL A 2 -0.25 -40.81 -1.28
C VAL A 2 0.11 -39.98 -0.03
N ARG A 3 0.17 -40.66 1.11
CA ARG A 3 0.51 -40.01 2.38
C ARG A 3 1.90 -40.41 2.85
N LYS A 4 2.46 -39.60 3.74
CA LYS A 4 3.79 -39.85 4.25
C LYS A 4 3.75 -40.98 5.27
N ILE A 5 4.80 -41.80 5.28
CA ILE A 5 4.90 -42.90 6.21
C ILE A 5 5.84 -42.55 7.34
N LEU A 6 5.38 -42.78 8.56
CA LEU A 6 6.17 -42.49 9.75
C LEU A 6 7.31 -43.49 9.89
N ARG A 7 8.51 -42.99 10.22
CA ARG A 7 9.68 -43.84 10.37
C ARG A 7 9.87 -44.24 11.84
N MET A 8 10.48 -45.38 12.08
CA MET A 8 10.69 -45.82 13.44
C MET A 8 11.42 -44.76 14.22
N GLY A 9 10.84 -44.39 15.35
CA GLY A 9 11.43 -43.35 16.17
C GLY A 9 10.30 -42.44 16.57
N ASP A 10 9.43 -42.14 15.62
CA ASP A 10 8.28 -41.31 15.91
C ASP A 10 7.44 -42.11 16.90
N PRO A 11 7.03 -41.50 18.03
CA PRO A 11 6.24 -42.19 19.05
C PRO A 11 4.83 -42.62 18.64
N ILE A 12 4.28 -41.99 17.61
CA ILE A 12 2.95 -42.38 17.17
C ILE A 12 2.93 -43.88 16.93
N LEU A 13 4.04 -44.40 16.41
CA LEU A 13 4.19 -45.82 16.09
C LEU A 13 4.19 -46.73 17.29
N ARG A 14 4.22 -46.18 18.49
CA ARG A 14 4.22 -46.99 19.71
C ARG A 14 2.94 -46.87 20.49
N LYS A 15 2.03 -46.02 20.05
CA LYS A 15 0.76 -45.86 20.76
C LYS A 15 -0.30 -46.82 20.23
N ILE A 16 -1.27 -47.13 21.08
CA ILE A 16 -2.33 -48.05 20.72
C ILE A 16 -3.43 -47.41 19.92
N SER A 17 -3.68 -47.95 18.74
CA SER A 17 -4.74 -47.44 17.89
C SER A 17 -6.07 -47.93 18.47
N GLU A 18 -7.11 -47.10 18.37
CA GLU A 18 -8.39 -47.51 18.90
C GLU A 18 -9.40 -47.94 17.84
N PRO A 19 -10.42 -48.72 18.25
CA PRO A 19 -11.51 -49.25 17.42
C PRO A 19 -12.18 -48.30 16.44
N VAL A 20 -12.85 -48.89 15.46
CA VAL A 20 -13.58 -48.13 14.45
C VAL A 20 -15.05 -48.39 14.72
N THR A 21 -15.86 -47.34 14.74
CA THR A 21 -17.30 -47.49 15.04
C THR A 21 -18.11 -47.94 13.82
N GLU A 22 -19.23 -48.60 14.09
CA GLU A 22 -20.12 -49.08 13.03
C GLU A 22 -20.61 -47.90 12.19
N ASP A 23 -20.31 -46.68 12.63
CA ASP A 23 -20.72 -45.46 11.93
C ASP A 23 -19.63 -44.91 11.05
N GLU A 24 -18.43 -44.79 11.62
CA GLU A 24 -17.28 -44.25 10.89
C GLU A 24 -17.12 -44.85 9.49
N ILE A 25 -17.38 -46.15 9.39
CA ILE A 25 -17.24 -46.87 8.12
C ILE A 25 -18.12 -46.33 6.97
N GLN A 26 -19.01 -45.40 7.26
CA GLN A 26 -19.87 -44.81 6.26
C GLN A 26 -19.48 -43.38 5.95
N THR A 27 -18.76 -42.75 6.87
CA THR A 27 -18.30 -41.37 6.69
C THR A 27 -17.56 -41.27 5.37
N LYS A 28 -17.80 -40.20 4.63
CA LYS A 28 -17.13 -40.02 3.35
C LYS A 28 -15.64 -39.92 3.61
N GLU A 29 -15.31 -39.37 4.78
CA GLU A 29 -13.92 -39.19 5.20
C GLU A 29 -13.21 -40.54 5.30
N PHE A 30 -13.93 -41.53 5.79
CA PHE A 30 -13.40 -42.87 5.95
C PHE A 30 -12.98 -43.45 4.61
N LYS A 31 -13.96 -43.56 3.71
CA LYS A 31 -13.74 -44.11 2.38
C LYS A 31 -12.49 -43.50 1.74
N LYS A 32 -12.23 -42.22 2.02
CA LYS A 32 -11.05 -41.55 1.47
C LYS A 32 -9.78 -42.08 2.11
N LEU A 33 -9.84 -42.38 3.40
CA LEU A 33 -8.69 -42.91 4.10
C LEU A 33 -8.24 -44.20 3.45
N ILE A 34 -9.18 -45.14 3.35
CA ILE A 34 -8.90 -46.42 2.73
C ILE A 34 -8.16 -46.15 1.43
N ARG A 35 -8.82 -45.47 0.50
CA ARG A 35 -8.23 -45.14 -0.79
C ARG A 35 -6.79 -44.72 -0.60
N ASP A 36 -6.57 -43.71 0.23
CA ASP A 36 -5.23 -43.23 0.50
C ASP A 36 -4.31 -44.37 0.92
N MET A 37 -4.72 -45.09 1.96
CA MET A 37 -3.91 -46.20 2.46
C MET A 37 -3.47 -47.07 1.32
N PHE A 38 -4.43 -47.55 0.54
CA PHE A 38 -4.09 -48.40 -0.61
C PHE A 38 -3.14 -47.67 -1.53
N THR A 39 -3.58 -46.57 -2.10
CA THR A 39 -2.72 -45.83 -3.02
C THR A 39 -1.33 -45.66 -2.41
N THR A 40 -1.27 -45.53 -1.09
CA THR A 40 0.00 -45.35 -0.39
C THR A 40 0.83 -46.62 -0.36
N MET A 41 0.18 -47.72 0.01
CA MET A 41 0.83 -49.02 0.08
C MET A 41 1.35 -49.43 -1.29
N ARG A 42 0.48 -49.33 -2.29
CA ARG A 42 0.82 -49.68 -3.65
C ARG A 42 2.08 -48.95 -4.09
N HIS A 43 2.19 -47.68 -3.71
CA HIS A 43 3.34 -46.89 -4.08
C HIS A 43 4.66 -47.43 -3.53
N ALA A 44 4.69 -47.68 -2.23
CA ALA A 44 5.90 -48.18 -1.57
C ALA A 44 6.14 -49.67 -1.84
N GLU A 45 5.26 -50.28 -2.62
CA GLU A 45 5.36 -51.69 -2.97
C GLU A 45 5.25 -52.60 -1.76
N GLY A 46 4.26 -52.32 -0.92
CA GLY A 46 4.07 -53.12 0.27
C GLY A 46 2.98 -54.17 0.12
N VAL A 47 2.95 -55.10 1.06
CA VAL A 47 1.97 -56.15 1.05
C VAL A 47 0.85 -55.81 2.03
N GLY A 48 1.08 -54.81 2.86
CA GLY A 48 0.09 -54.41 3.84
C GLY A 48 0.37 -53.06 4.45
N LEU A 49 -0.60 -52.53 5.18
CA LEU A 49 -0.43 -51.23 5.80
C LEU A 49 -1.40 -51.02 6.94
N ALA A 50 -0.93 -50.32 7.97
CA ALA A 50 -1.72 -50.02 9.16
C ALA A 50 -1.90 -48.53 9.33
N ALA A 51 -3.13 -48.11 9.62
CA ALA A 51 -3.48 -46.70 9.81
C ALA A 51 -2.39 -45.88 10.49
N PRO A 52 -1.91 -46.35 11.64
CA PRO A 52 -0.86 -45.60 12.31
C PRO A 52 0.34 -45.30 11.42
N GLN A 53 0.74 -46.26 10.60
CA GLN A 53 1.88 -46.08 9.74
C GLN A 53 1.81 -44.76 8.99
N ILE A 54 0.61 -44.21 8.87
CA ILE A 54 0.46 -42.95 8.18
C ILE A 54 0.00 -41.87 9.12
N GLY A 55 -0.15 -42.24 10.40
CA GLY A 55 -0.53 -41.26 11.39
C GLY A 55 -1.92 -41.33 12.01
N ILE A 56 -2.69 -42.36 11.71
CA ILE A 56 -4.03 -42.43 12.30
C ILE A 56 -4.11 -43.59 13.27
N LEU A 57 -4.42 -43.29 14.52
CA LEU A 57 -4.51 -44.36 15.49
C LEU A 57 -5.89 -44.95 15.55
N LYS A 58 -6.17 -45.77 14.54
CA LYS A 58 -7.43 -46.47 14.38
C LYS A 58 -7.11 -47.91 13.92
N GLN A 59 -7.82 -48.88 14.46
CA GLN A 59 -7.58 -50.26 14.08
C GLN A 59 -8.04 -50.52 12.65
N ILE A 60 -7.21 -50.12 11.69
CA ILE A 60 -7.51 -50.28 10.27
C ILE A 60 -6.32 -50.86 9.51
N VAL A 61 -6.54 -52.01 8.87
CA VAL A 61 -5.47 -52.64 8.12
C VAL A 61 -5.83 -52.82 6.68
N VAL A 62 -4.81 -52.82 5.82
CA VAL A 62 -5.01 -52.98 4.39
C VAL A 62 -3.97 -53.95 3.83
N VAL A 63 -4.43 -55.01 3.18
CA VAL A 63 -3.52 -56.00 2.61
C VAL A 63 -3.84 -56.27 1.16
N GLY A 64 -2.90 -56.89 0.47
CA GLY A 64 -3.14 -57.19 -0.92
C GLY A 64 -1.94 -56.86 -1.75
N SER A 65 -1.53 -57.82 -2.59
CA SER A 65 -0.38 -57.69 -3.49
C SER A 65 -0.81 -57.89 -4.94
N GLU A 66 -0.48 -56.92 -5.79
CA GLU A 66 -0.85 -56.95 -7.20
C GLU A 66 0.02 -57.84 -8.10
N ASP A 67 0.26 -59.08 -7.66
CA ASP A 67 1.06 -60.07 -8.42
C ASP A 67 2.19 -59.46 -9.27
N ASN A 68 3.02 -58.61 -8.64
CA ASN A 68 4.07 -57.92 -9.39
C ASN A 68 5.54 -58.01 -8.98
N GLU A 69 6.34 -57.27 -9.75
CA GLU A 69 7.81 -57.16 -9.63
C GLU A 69 8.36 -57.27 -8.21
N ARG A 70 9.60 -57.77 -8.13
CA ARG A 70 10.26 -58.00 -6.85
C ARG A 70 9.35 -58.99 -6.14
N TYR A 71 9.94 -60.01 -5.51
CA TYR A 71 9.21 -61.06 -4.80
C TYR A 71 8.80 -62.24 -5.72
N PRO A 72 9.59 -62.50 -6.81
CA PRO A 72 9.24 -63.62 -7.71
C PRO A 72 9.54 -64.91 -6.94
N GLY A 73 9.08 -64.90 -5.68
CA GLY A 73 9.27 -66.01 -4.78
C GLY A 73 8.40 -65.73 -3.58
N THR A 74 7.48 -64.78 -3.73
CA THR A 74 6.57 -64.43 -2.65
C THR A 74 5.16 -64.54 -3.16
N PRO A 75 4.39 -65.46 -2.57
CA PRO A 75 2.99 -65.69 -2.96
C PRO A 75 2.17 -64.44 -2.84
N ASP A 76 0.92 -64.54 -3.25
CA ASP A 76 0.04 -63.40 -3.21
C ASP A 76 -0.94 -63.42 -2.06
N VAL A 77 -1.45 -62.25 -1.78
CA VAL A 77 -2.38 -61.96 -0.73
C VAL A 77 -3.50 -61.15 -1.36
N PRO A 78 -4.76 -61.63 -1.26
CA PRO A 78 -5.91 -60.93 -1.84
C PRO A 78 -6.20 -59.57 -1.20
N GLU A 79 -6.60 -58.61 -2.03
CA GLU A 79 -6.93 -57.28 -1.53
C GLU A 79 -8.00 -57.43 -0.47
N ARG A 80 -7.90 -56.68 0.62
CA ARG A 80 -8.90 -56.77 1.66
C ARG A 80 -8.74 -55.72 2.76
N ILE A 81 -9.85 -55.34 3.38
CA ILE A 81 -9.84 -54.38 4.45
C ILE A 81 -10.07 -55.14 5.74
N ILE A 82 -9.21 -54.91 6.73
CA ILE A 82 -9.29 -55.55 8.03
C ILE A 82 -9.55 -54.48 9.06
N LEU A 83 -10.63 -54.63 9.83
CA LEU A 83 -10.97 -53.65 10.85
C LEU A 83 -11.17 -54.30 12.20
N ASN A 84 -10.62 -53.66 13.23
CA ASN A 84 -10.75 -54.14 14.60
C ASN A 84 -10.41 -55.61 14.72
N PRO A 85 -9.23 -56.01 14.18
CA PRO A 85 -8.78 -57.41 14.22
C PRO A 85 -8.41 -57.86 15.60
N VAL A 86 -8.60 -59.14 15.86
CA VAL A 86 -8.24 -59.71 17.13
C VAL A 86 -7.72 -61.11 16.84
N ILE A 87 -6.48 -61.35 17.23
CA ILE A 87 -5.82 -62.63 16.97
C ILE A 87 -5.59 -63.48 18.18
N THR A 88 -5.54 -64.79 17.97
CA THR A 88 -5.29 -65.74 19.03
C THR A 88 -4.44 -66.87 18.46
N PRO A 89 -3.29 -67.15 19.07
CA PRO A 89 -2.44 -68.22 18.57
C PRO A 89 -3.15 -69.55 18.77
N LEU A 90 -2.93 -70.48 17.86
CA LEU A 90 -3.55 -71.78 17.92
C LEU A 90 -2.52 -72.87 18.18
N THR A 91 -1.25 -72.57 17.93
CA THR A 91 -0.20 -73.56 18.18
C THR A 91 1.07 -72.87 18.65
N LYS A 92 1.98 -73.65 19.22
CA LYS A 92 3.22 -73.09 19.68
C LYS A 92 4.31 -73.25 18.62
N ASP A 93 3.94 -73.78 17.46
CA ASP A 93 4.90 -73.97 16.39
C ASP A 93 5.26 -72.67 15.72
N THR A 94 6.51 -72.57 15.26
CA THR A 94 6.95 -71.34 14.65
C THR A 94 7.49 -71.52 13.25
N SER A 95 7.35 -70.44 12.48
CA SER A 95 7.84 -70.40 11.12
C SER A 95 8.69 -69.13 11.00
N GLY A 96 9.99 -69.32 10.73
CA GLY A 96 10.88 -68.19 10.60
C GLY A 96 10.65 -67.39 9.33
N PHE A 97 11.05 -66.13 9.33
CA PHE A 97 10.87 -65.31 8.15
C PHE A 97 11.58 -63.99 8.28
N TRP A 98 12.16 -63.49 7.18
CA TRP A 98 12.84 -62.22 7.21
C TRP A 98 11.86 -61.09 6.91
N GLU A 99 11.40 -60.39 7.95
CA GLU A 99 10.46 -59.30 7.75
C GLU A 99 11.16 -57.96 7.55
N GLY A 100 10.42 -57.03 6.96
CA GLY A 100 10.93 -55.70 6.72
C GLY A 100 9.75 -54.78 6.92
N CYS A 101 9.94 -53.67 7.61
CA CYS A 101 8.79 -52.82 7.80
C CYS A 101 8.99 -51.68 6.88
N LEU A 102 7.90 -51.00 6.54
CA LEU A 102 7.99 -49.84 5.68
C LEU A 102 8.51 -48.71 6.52
N SER A 103 8.27 -48.81 7.81
CA SER A 103 8.73 -47.77 8.72
C SER A 103 10.19 -47.95 9.06
N VAL A 104 10.75 -49.09 8.71
CA VAL A 104 12.16 -49.38 8.97
C VAL A 104 12.76 -49.77 7.64
N PRO A 105 12.91 -48.78 6.75
CA PRO A 105 13.46 -48.88 5.39
C PRO A 105 14.88 -49.41 5.22
N GLY A 106 15.06 -50.27 4.23
CA GLY A 106 16.38 -50.83 3.95
C GLY A 106 16.93 -51.87 4.91
N MET A 107 16.07 -52.43 5.76
CA MET A 107 16.54 -53.41 6.72
C MET A 107 15.57 -54.53 6.95
N ARG A 108 16.11 -55.72 7.11
CA ARG A 108 15.25 -56.85 7.32
C ARG A 108 15.73 -57.56 8.54
N GLY A 109 14.83 -58.24 9.22
CA GLY A 109 15.21 -58.94 10.43
C GLY A 109 14.48 -60.27 10.53
N TYR A 110 15.15 -61.27 11.08
CA TYR A 110 14.56 -62.58 11.20
C TYR A 110 13.57 -62.63 12.34
N VAL A 111 12.33 -62.98 12.05
CA VAL A 111 11.28 -63.04 13.06
C VAL A 111 10.43 -64.31 13.08
N GLU A 112 10.37 -64.98 14.23
CA GLU A 112 9.57 -66.19 14.33
C GLU A 112 8.23 -65.89 15.00
N ARG A 113 7.14 -66.21 14.31
CA ARG A 113 5.78 -65.98 14.83
C ARG A 113 5.04 -67.30 14.72
N PRO A 114 3.91 -67.41 15.43
CA PRO A 114 3.12 -68.64 15.36
C PRO A 114 2.64 -68.80 13.94
N ASN A 115 2.32 -70.00 13.51
CA ASN A 115 1.87 -70.21 12.14
C ASN A 115 0.44 -70.69 12.02
N GLN A 116 -0.30 -70.62 13.12
CA GLN A 116 -1.70 -71.02 13.09
C GLN A 116 -2.41 -70.07 14.04
N ILE A 117 -3.30 -69.23 13.51
CA ILE A 117 -3.99 -68.26 14.34
C ILE A 117 -5.45 -68.11 14.02
N ARG A 118 -6.24 -67.73 15.01
CA ARG A 118 -7.65 -67.52 14.82
C ARG A 118 -7.88 -66.04 14.88
N MET A 119 -8.20 -65.46 13.74
CA MET A 119 -8.43 -64.03 13.69
C MET A 119 -9.91 -63.69 13.49
N GLN A 120 -10.31 -62.56 14.04
CA GLN A 120 -11.69 -62.12 13.94
C GLN A 120 -11.68 -60.65 13.55
N TRP A 121 -12.32 -60.31 12.43
CA TRP A 121 -12.34 -58.93 11.99
C TRP A 121 -13.66 -58.44 11.44
N MET A 122 -13.58 -57.46 10.56
CA MET A 122 -14.80 -56.89 10.01
C MET A 122 -14.40 -56.08 8.78
N ASP A 123 -15.22 -56.12 7.72
CA ASP A 123 -14.89 -55.39 6.49
C ASP A 123 -15.67 -54.11 6.27
N GLU A 124 -15.29 -53.37 5.25
CA GLU A 124 -15.92 -52.09 4.90
C GLU A 124 -17.44 -52.17 4.87
N LYS A 125 -17.94 -53.36 4.65
CA LYS A 125 -19.39 -53.57 4.56
C LYS A 125 -20.02 -53.83 5.90
N GLY A 126 -19.20 -54.24 6.87
CA GLY A 126 -19.72 -54.51 8.20
C GLY A 126 -19.85 -55.98 8.53
N ASN A 127 -19.52 -56.84 7.57
CA ASN A 127 -19.60 -58.28 7.80
C ASN A 127 -18.49 -58.67 8.77
N GLN A 128 -18.85 -59.45 9.79
CA GLN A 128 -17.87 -59.90 10.78
C GLN A 128 -17.44 -61.35 10.53
N PHE A 129 -16.13 -61.59 10.44
CA PHE A 129 -15.63 -62.94 10.20
C PHE A 129 -15.00 -63.55 11.43
N ASP A 130 -14.60 -64.81 11.30
CA ASP A 130 -13.97 -65.55 12.38
C ASP A 130 -13.46 -66.86 11.81
N GLU A 131 -12.32 -66.77 11.11
CA GLU A 131 -11.73 -67.96 10.50
C GLU A 131 -10.33 -68.23 11.06
N THR A 132 -9.80 -69.39 10.73
CA THR A 132 -8.47 -69.75 11.18
C THR A 132 -7.49 -69.61 10.01
N ILE A 133 -6.47 -68.77 10.19
CA ILE A 133 -5.49 -68.51 9.15
C ILE A 133 -4.18 -69.25 9.42
N ASP A 134 -3.43 -69.52 8.36
CA ASP A 134 -2.13 -70.18 8.49
C ASP A 134 -1.18 -69.78 7.37
N GLY A 135 0.08 -70.16 7.50
CA GLY A 135 1.08 -69.80 6.51
C GLY A 135 1.23 -68.30 6.31
N TYR A 136 2.07 -67.93 5.35
CA TYR A 136 2.35 -66.55 5.01
C TYR A 136 1.32 -65.50 5.39
N LYS A 137 0.05 -65.76 5.10
CA LYS A 137 -0.98 -64.78 5.44
C LYS A 137 -0.95 -64.46 6.92
N ALA A 138 -0.96 -65.50 7.75
CA ALA A 138 -0.92 -65.32 9.20
C ALA A 138 0.24 -64.43 9.56
N ILE A 139 1.37 -64.63 8.89
CA ILE A 139 2.56 -63.83 9.11
C ILE A 139 2.21 -62.39 8.83
N VAL A 140 1.78 -62.12 7.61
CA VAL A 140 1.37 -60.77 7.26
C VAL A 140 0.42 -60.25 8.32
N TYR A 141 -0.74 -60.89 8.42
CA TYR A 141 -1.73 -60.48 9.37
C TYR A 141 -1.18 -60.11 10.73
N GLN A 142 -0.40 -61.00 11.31
CA GLN A 142 0.17 -60.73 12.63
C GLN A 142 1.05 -59.49 12.63
N HIS A 143 1.89 -59.35 11.61
CA HIS A 143 2.77 -58.19 11.51
C HIS A 143 1.89 -56.95 11.55
N GLU A 144 0.88 -56.91 10.71
CA GLU A 144 0.03 -55.74 10.69
C GLU A 144 -0.71 -55.53 12.00
N CYS A 145 -1.35 -56.58 12.51
CA CYS A 145 -2.07 -56.44 13.75
C CYS A 145 -1.18 -55.90 14.85
N ASP A 146 0.13 -56.18 14.80
CA ASP A 146 1.07 -55.66 15.80
C ASP A 146 1.10 -54.14 15.87
N HIS A 147 1.28 -53.48 14.75
CA HIS A 147 1.30 -52.02 14.72
C HIS A 147 0.12 -51.43 15.49
N LEU A 148 -1.02 -52.12 15.50
CA LEU A 148 -2.20 -51.60 16.19
C LEU A 148 -1.98 -51.57 17.67
N GLN A 149 -1.09 -52.43 18.14
CA GLN A 149 -0.77 -52.50 19.55
C GLN A 149 0.51 -51.73 19.79
N GLY A 150 0.91 -50.95 18.81
CA GLY A 150 2.13 -50.18 18.94
C GLY A 150 3.37 -51.03 18.99
N ILE A 151 3.45 -52.05 18.14
CA ILE A 151 4.62 -52.93 18.10
C ILE A 151 5.25 -53.14 16.73
N LEU A 152 6.56 -52.98 16.66
CA LEU A 152 7.28 -53.15 15.40
C LEU A 152 8.05 -54.44 15.41
N TYR A 153 8.15 -55.10 14.27
CA TYR A 153 8.88 -56.37 14.22
C TYR A 153 10.20 -56.34 14.96
N VAL A 154 10.85 -55.18 14.95
CA VAL A 154 12.13 -55.05 15.62
C VAL A 154 12.02 -55.47 17.08
N ASP A 155 10.84 -55.35 17.64
CA ASP A 155 10.60 -55.73 19.02
C ASP A 155 10.61 -57.22 19.19
N ARG A 156 10.49 -57.96 18.10
CA ARG A 156 10.46 -59.42 18.20
C ARG A 156 11.65 -60.14 17.58
N LEU A 157 12.70 -59.40 17.22
CA LEU A 157 13.86 -60.06 16.64
C LEU A 157 14.31 -61.22 17.53
N LYS A 158 14.54 -62.36 16.90
CA LYS A 158 14.98 -63.57 17.60
C LYS A 158 16.37 -63.32 18.14
N ASP A 159 17.25 -62.90 17.26
CA ASP A 159 18.61 -62.61 17.62
C ASP A 159 19.03 -61.39 16.83
N THR A 160 19.52 -60.37 17.53
CA THR A 160 19.95 -59.13 16.90
C THR A 160 21.06 -59.33 15.90
N LYS A 161 21.69 -60.50 15.91
CA LYS A 161 22.75 -60.76 14.96
C LYS A 161 22.10 -60.87 13.58
N LEU A 162 20.92 -61.49 13.54
CA LEU A 162 20.11 -61.69 12.32
C LEU A 162 19.23 -60.50 12.05
N PHE A 163 19.85 -59.40 11.65
CA PHE A 163 19.14 -58.14 11.41
C PHE A 163 20.18 -57.27 10.75
N GLY A 164 19.84 -56.66 9.64
CA GLY A 164 20.80 -55.80 8.95
C GLY A 164 20.22 -55.08 7.75
N PHE A 165 21.07 -54.45 6.95
CA PHE A 165 20.58 -53.74 5.78
C PHE A 165 20.47 -54.65 4.58
N ASN A 166 19.42 -54.46 3.78
CA ASN A 166 19.20 -55.26 2.59
C ASN A 166 20.46 -55.21 1.70
N GLU A 167 20.88 -53.99 1.37
CA GLU A 167 22.07 -53.78 0.55
C GLU A 167 23.16 -54.81 0.84
N THR A 168 23.42 -55.09 2.13
CA THR A 168 24.47 -56.04 2.52
C THR A 168 24.04 -57.45 2.95
N LEU A 169 22.73 -57.67 3.13
CA LEU A 169 22.28 -59.00 3.53
C LEU A 169 22.28 -59.90 2.29
N ASP A 170 22.20 -59.25 1.13
CA ASP A 170 22.19 -59.92 -0.16
C ASP A 170 23.65 -60.08 -0.64
N SER A 171 24.43 -60.84 0.14
CA SER A 171 25.82 -61.13 -0.18
C SER A 171 26.39 -62.12 0.84
N SER B 1 -12.34 9.45 46.72
CA SER B 1 -11.65 8.63 45.69
C SER B 1 -10.30 9.23 45.30
N VAL B 2 -9.48 8.45 44.60
CA VAL B 2 -8.15 8.90 44.17
C VAL B 2 -8.12 9.29 42.69
N ARG B 3 -7.50 10.43 42.39
CA ARG B 3 -7.40 10.90 41.01
C ARG B 3 -5.97 10.76 40.49
N LYS B 4 -5.82 10.79 39.18
CA LYS B 4 -4.50 10.66 38.56
C LYS B 4 -3.74 11.96 38.67
N ILE B 5 -2.42 11.85 38.83
CA ILE B 5 -1.58 13.03 38.94
C ILE B 5 -0.82 13.28 37.65
N LEU B 6 -0.89 14.51 37.16
CA LEU B 6 -0.22 14.87 35.93
C LEU B 6 1.27 14.91 36.11
N ARG B 7 2.00 14.34 35.16
CA ARG B 7 3.45 14.30 35.23
C ARG B 7 4.05 15.48 34.49
N MET B 8 5.25 15.88 34.87
CA MET B 8 5.88 17.00 34.22
C MET B 8 6.00 16.75 32.73
N GLY B 9 5.52 17.69 31.95
CA GLY B 9 5.56 17.55 30.51
C GLY B 9 4.20 17.97 30.03
N ASP B 10 3.17 17.53 30.74
CA ASP B 10 1.80 17.89 30.39
C ASP B 10 1.73 19.40 30.57
N PRO B 11 1.25 20.14 29.56
CA PRO B 11 1.17 21.60 29.65
C PRO B 11 0.19 22.17 30.70
N ILE B 12 -0.79 21.39 31.11
CA ILE B 12 -1.73 21.86 32.12
C ILE B 12 -0.94 22.43 33.30
N LEU B 13 0.13 21.72 33.65
CA LEU B 13 1.00 22.09 34.75
C LEU B 13 1.69 23.42 34.57
N ARG B 14 1.59 24.01 33.38
CA ARG B 14 2.25 25.27 33.15
C ARG B 14 1.29 26.40 33.01
N LYS B 15 0.01 26.09 33.05
CA LYS B 15 -0.96 27.16 32.92
C LYS B 15 -1.38 27.75 34.26
N ILE B 16 -1.85 28.99 34.23
CA ILE B 16 -2.25 29.68 35.45
C ILE B 16 -3.64 29.30 35.91
N SER B 17 -3.73 28.80 37.14
CA SER B 17 -5.01 28.41 37.72
C SER B 17 -5.75 29.68 38.12
N GLU B 18 -7.07 29.68 38.02
CA GLU B 18 -7.80 30.89 38.36
C GLU B 18 -8.54 30.80 39.69
N PRO B 19 -8.90 31.96 40.27
CA PRO B 19 -9.61 32.12 41.54
C PRO B 19 -10.85 31.28 41.77
N VAL B 20 -11.20 31.13 43.04
CA VAL B 20 -12.36 30.36 43.45
C VAL B 20 -13.36 31.39 43.96
N THR B 21 -14.62 31.29 43.53
CA THR B 21 -15.64 32.25 43.94
C THR B 21 -16.23 31.93 45.30
N GLU B 22 -16.72 32.97 45.96
CA GLU B 22 -17.32 32.82 47.28
C GLU B 22 -18.53 31.88 47.20
N ASP B 23 -18.91 31.50 45.99
CA ASP B 23 -20.05 30.60 45.75
C ASP B 23 -19.60 29.16 45.58
N GLU B 24 -18.63 28.96 44.70
CA GLU B 24 -18.12 27.64 44.42
C GLU B 24 -17.86 26.83 45.68
N ILE B 25 -17.35 27.49 46.71
CA ILE B 25 -17.03 26.82 47.98
C ILE B 25 -18.22 26.13 48.67
N GLN B 26 -19.42 26.33 48.13
CA GLN B 26 -20.62 25.72 48.69
C GLN B 26 -21.12 24.60 47.80
N THR B 27 -20.78 24.65 46.52
CA THR B 27 -21.19 23.62 45.58
C THR B 27 -20.85 22.24 46.13
N LYS B 28 -21.77 21.29 45.97
CA LYS B 28 -21.52 19.95 46.47
C LYS B 28 -20.34 19.38 45.68
N GLU B 29 -20.19 19.84 44.44
CA GLU B 29 -19.11 19.40 43.56
C GLU B 29 -17.76 19.78 44.16
N PHE B 30 -17.73 20.94 44.77
CA PHE B 30 -16.51 21.45 45.39
C PHE B 30 -16.08 20.53 46.52
N LYS B 31 -16.95 20.39 47.50
CA LYS B 31 -16.67 19.56 48.65
C LYS B 31 -16.08 18.23 48.23
N LYS B 32 -16.55 17.70 47.11
CA LYS B 32 -16.05 16.43 46.63
C LYS B 32 -14.60 16.56 46.17
N LEU B 33 -14.29 17.66 45.50
CA LEU B 33 -12.95 17.91 45.00
C LEU B 33 -11.95 17.82 46.14
N ILE B 34 -12.23 18.61 47.17
CA ILE B 34 -11.38 18.63 48.35
C ILE B 34 -11.15 17.18 48.77
N ARG B 35 -12.21 16.50 49.18
CA ARG B 35 -12.10 15.12 49.59
C ARG B 35 -11.15 14.38 48.69
N ASP B 36 -11.40 14.45 47.38
CA ASP B 36 -10.54 13.78 46.40
C ASP B 36 -9.08 14.20 46.57
N MET B 37 -8.85 15.50 46.54
CA MET B 37 -7.50 16.01 46.68
C MET B 37 -6.84 15.36 47.86
N PHE B 38 -7.45 15.46 49.03
CA PHE B 38 -6.87 14.85 50.22
C PHE B 38 -6.63 13.38 50.01
N THR B 39 -7.71 12.63 49.76
CA THR B 39 -7.58 11.19 49.57
C THR B 39 -6.46 10.90 48.56
N THR B 40 -6.27 11.79 47.59
CA THR B 40 -5.23 11.62 46.57
C THR B 40 -3.83 11.85 47.14
N MET B 41 -3.69 12.96 47.85
CA MET B 41 -2.42 13.33 48.48
C MET B 41 -2.01 12.26 49.46
N ARG B 42 -2.92 11.88 50.34
CA ARG B 42 -2.68 10.85 51.35
C ARG B 42 -2.14 9.57 50.73
N HIS B 43 -2.67 9.23 49.56
CA HIS B 43 -2.23 8.02 48.89
C HIS B 43 -0.79 8.07 48.43
N ALA B 44 -0.42 9.13 47.73
CA ALA B 44 0.95 9.27 47.23
C ALA B 44 1.94 9.65 48.32
N GLU B 45 1.45 9.80 49.54
CA GLU B 45 2.27 10.16 50.69
C GLU B 45 2.86 11.57 50.53
N GLY B 46 2.02 12.52 50.16
CA GLY B 46 2.47 13.88 49.98
C GLY B 46 2.18 14.75 51.19
N VAL B 47 2.80 15.93 51.20
CA VAL B 47 2.64 16.88 52.28
C VAL B 47 1.72 17.98 51.79
N GLY B 48 1.50 18.01 50.49
CA GLY B 48 0.64 19.03 49.93
C GLY B 48 0.20 18.69 48.52
N LEU B 49 -0.77 19.43 48.00
CA LEU B 49 -1.28 19.19 46.67
C LEU B 49 -2.01 20.41 46.09
N ALA B 50 -1.88 20.58 44.79
CA ALA B 50 -2.52 21.69 44.12
C ALA B 50 -3.48 21.21 43.04
N ALA B 51 -4.67 21.79 43.01
CA ALA B 51 -5.72 21.44 42.03
C ALA B 51 -5.17 21.04 40.67
N PRO B 52 -4.33 21.89 40.08
CA PRO B 52 -3.77 21.54 38.78
C PRO B 52 -3.10 20.19 38.78
N GLN B 53 -2.34 19.90 39.81
CA GLN B 53 -1.68 18.60 39.84
C GLN B 53 -2.60 17.43 39.48
N ILE B 54 -3.90 17.64 39.58
CA ILE B 54 -4.85 16.60 39.25
C ILE B 54 -5.69 17.03 38.05
N GLY B 55 -5.40 18.21 37.51
CA GLY B 55 -6.14 18.65 36.33
C GLY B 55 -7.11 19.82 36.45
N ILE B 56 -7.21 20.43 37.62
CA ILE B 56 -8.12 21.56 37.76
C ILE B 56 -7.36 22.86 37.95
N LEU B 57 -7.56 23.79 37.05
CA LEU B 57 -6.89 25.07 37.15
C LEU B 57 -7.68 26.07 38.01
N LYS B 58 -7.66 25.80 39.30
CA LYS B 58 -8.33 26.63 40.29
C LYS B 58 -7.35 26.79 41.45
N GLN B 59 -7.26 28.01 41.97
CA GLN B 59 -6.36 28.26 43.07
C GLN B 59 -6.81 27.52 44.34
N ILE B 60 -6.51 26.23 44.40
CA ILE B 60 -6.88 25.40 45.55
C ILE B 60 -5.69 24.57 46.03
N VAL B 61 -5.33 24.69 47.31
CA VAL B 61 -4.23 23.94 47.86
C VAL B 61 -4.66 23.13 49.06
N VAL B 62 -3.98 22.02 49.28
CA VAL B 62 -4.27 21.14 50.39
C VAL B 62 -2.97 20.69 51.05
N VAL B 63 -2.83 20.92 52.35
CA VAL B 63 -1.60 20.53 53.04
C VAL B 63 -1.91 19.68 54.25
N GLY B 64 -0.95 18.87 54.67
CA GLY B 64 -1.15 18.01 55.84
C GLY B 64 -0.01 17.04 56.17
N SER B 65 0.95 17.46 56.99
CA SER B 65 2.08 16.60 57.39
C SER B 65 1.64 15.78 58.57
N GLU B 66 0.74 16.36 59.36
CA GLU B 66 0.18 15.72 60.55
C GLU B 66 0.92 14.46 61.03
N ASP B 67 1.68 14.64 62.12
CA ASP B 67 2.44 13.57 62.77
C ASP B 67 3.92 13.49 62.37
N ASN B 68 4.44 12.26 62.37
CA ASN B 68 5.82 11.98 62.03
C ASN B 68 5.86 10.70 61.19
N GLU B 69 4.73 10.37 60.57
CA GLU B 69 4.63 9.18 59.74
C GLU B 69 5.45 9.33 58.47
N ARG B 70 6.60 8.64 58.45
CA ARG B 70 7.50 8.64 57.30
C ARG B 70 8.58 9.72 57.27
N TYR B 71 8.32 10.91 57.84
CA TYR B 71 9.30 12.00 57.82
C TYR B 71 9.83 12.55 59.15
N PRO B 72 11.16 12.67 59.27
CA PRO B 72 11.91 13.17 60.44
C PRO B 72 12.05 14.69 60.58
N GLY B 73 13.13 15.22 60.00
CA GLY B 73 13.44 16.63 60.04
C GLY B 73 12.29 17.48 59.53
N THR B 74 11.11 16.91 59.58
CA THR B 74 9.91 17.60 59.14
C THR B 74 9.05 17.94 60.33
N PRO B 75 8.80 19.22 60.52
CA PRO B 75 7.99 19.84 61.57
C PRO B 75 6.48 19.77 61.40
N ASP B 76 5.95 18.58 61.12
CA ASP B 76 4.50 18.34 60.95
C ASP B 76 3.63 19.51 60.41
N VAL B 77 2.67 19.16 59.56
CA VAL B 77 1.82 20.17 58.96
C VAL B 77 0.37 19.81 59.18
N PRO B 78 -0.37 20.71 59.84
CA PRO B 78 -1.79 20.47 60.12
C PRO B 78 -2.67 20.47 58.87
N GLU B 79 -3.69 19.62 58.88
CA GLU B 79 -4.62 19.53 57.75
C GLU B 79 -5.22 20.89 57.53
N ARG B 80 -5.34 21.31 56.28
CA ARG B 80 -5.93 22.60 56.02
C ARG B 80 -6.18 22.84 54.55
N ILE B 81 -7.18 23.67 54.26
CA ILE B 81 -7.53 24.02 52.89
C ILE B 81 -7.06 25.44 52.66
N ILE B 82 -6.34 25.66 51.56
CA ILE B 82 -5.83 26.97 51.23
C ILE B 82 -6.47 27.39 49.93
N LEU B 83 -7.11 28.54 49.92
CA LEU B 83 -7.75 29.01 48.71
C LEU B 83 -7.32 30.40 48.34
N ASN B 84 -7.07 30.60 47.05
CA ASN B 84 -6.68 31.89 46.54
C ASN B 84 -5.57 32.51 47.36
N PRO B 85 -4.49 31.77 47.58
CA PRO B 85 -3.34 32.22 48.37
C PRO B 85 -2.52 33.27 47.65
N VAL B 86 -1.94 34.18 48.44
CA VAL B 86 -1.09 35.21 47.89
C VAL B 86 0.08 35.38 48.85
N ILE B 87 1.28 35.19 48.34
CA ILE B 87 2.46 35.28 49.17
C ILE B 87 3.35 36.50 48.90
N THR B 88 4.08 36.90 49.94
CA THR B 88 5.00 38.01 49.87
C THR B 88 6.20 37.72 50.75
N PRO B 89 7.40 37.71 50.16
CA PRO B 89 8.61 37.43 50.93
C PRO B 89 8.80 38.54 51.96
N LEU B 90 9.36 38.17 53.10
CA LEU B 90 9.59 39.14 54.16
C LEU B 90 11.08 39.35 54.39
N THR B 91 11.90 38.41 53.94
CA THR B 91 13.34 38.55 54.10
C THR B 91 14.08 37.97 52.93
N LYS B 92 15.34 38.36 52.77
CA LYS B 92 16.13 37.86 51.68
C LYS B 92 16.91 36.64 52.09
N ASP B 93 16.69 36.18 53.31
CA ASP B 93 17.40 34.99 53.80
C ASP B 93 16.85 33.72 53.20
N THR B 94 17.70 32.73 52.99
CA THR B 94 17.26 31.49 52.39
C THR B 94 17.57 30.26 53.21
N SER B 95 16.72 29.26 53.06
CA SER B 95 16.87 27.97 53.72
C SER B 95 16.83 26.89 52.65
N GLY B 96 17.95 26.18 52.50
CA GLY B 96 18.01 25.13 51.50
C GLY B 96 17.17 23.91 51.84
N PHE B 97 16.81 23.13 50.84
CA PHE B 97 16.01 21.97 51.10
C PHE B 97 15.89 21.11 49.85
N TRP B 98 15.84 19.80 50.01
CA TRP B 98 15.71 18.91 48.86
C TRP B 98 14.23 18.63 48.62
N GLU B 99 13.66 19.29 47.62
CA GLU B 99 12.25 19.11 47.31
C GLU B 99 12.02 18.01 46.28
N GLY B 100 10.81 17.47 46.29
CA GLY B 100 10.40 16.44 45.36
C GLY B 100 8.95 16.73 45.03
N CYS B 101 8.55 16.69 43.76
CA CYS B 101 7.16 16.96 43.39
C CYS B 101 6.47 15.75 42.80
N LEU B 102 5.26 15.52 43.28
CA LEU B 102 4.49 14.37 42.84
C LEU B 102 4.47 14.25 41.34
N SER B 103 4.49 15.39 40.67
CA SER B 103 4.46 15.40 39.24
C SER B 103 5.82 15.08 38.65
N VAL B 104 6.85 15.02 39.48
CA VAL B 104 8.16 14.67 38.99
C VAL B 104 8.65 13.56 39.87
N PRO B 105 8.05 12.38 39.72
CA PRO B 105 8.32 11.13 40.45
C PRO B 105 9.73 10.57 40.39
N GLY B 106 10.21 10.10 41.55
CA GLY B 106 11.53 9.52 41.67
C GLY B 106 12.74 10.44 41.59
N MET B 107 12.52 11.75 41.76
CA MET B 107 13.62 12.71 41.66
C MET B 107 13.48 13.86 42.64
N ARG B 108 14.60 14.29 43.18
CA ARG B 108 14.59 15.40 44.09
C ARG B 108 15.49 16.46 43.53
N GLY B 109 15.45 17.63 44.16
CA GLY B 109 16.30 18.72 43.72
C GLY B 109 16.49 19.72 44.83
N TYR B 110 17.69 20.27 44.95
CA TYR B 110 17.96 21.24 45.99
C TYR B 110 17.38 22.60 45.60
N VAL B 111 16.54 23.14 46.47
CA VAL B 111 15.90 24.41 46.20
C VAL B 111 15.92 25.40 47.38
N GLU B 112 16.43 26.60 47.13
CA GLU B 112 16.47 27.63 48.16
C GLU B 112 15.33 28.63 47.95
N ARG B 113 14.49 28.78 48.98
CA ARG B 113 13.36 29.71 48.94
C ARG B 113 13.43 30.61 50.17
N PRO B 114 12.78 31.78 50.15
CA PRO B 114 12.81 32.67 51.30
C PRO B 114 12.23 31.89 52.48
N ASN B 115 12.54 32.29 53.71
CA ASN B 115 12.03 31.56 54.88
C ASN B 115 11.11 32.39 55.77
N GLN B 116 10.69 33.54 55.28
CA GLN B 116 9.78 34.38 56.02
C GLN B 116 8.85 35.00 54.98
N ILE B 117 7.58 34.62 55.01
CA ILE B 117 6.64 35.14 54.04
C ILE B 117 5.29 35.53 54.62
N ARG B 118 4.63 36.50 53.98
CA ARG B 118 3.33 36.95 54.42
C ARG B 118 2.31 36.41 53.45
N MET B 119 1.53 35.44 53.89
CA MET B 119 0.52 34.86 53.03
C MET B 119 -0.90 35.27 53.41
N GLN B 120 -1.74 35.39 52.40
CA GLN B 120 -3.13 35.77 52.61
C GLN B 120 -4.00 34.79 51.82
N TRP B 121 -4.92 34.12 52.51
CA TRP B 121 -5.77 33.16 51.85
C TRP B 121 -7.21 33.16 52.32
N MET B 122 -7.86 32.02 52.19
CA MET B 122 -9.26 31.90 52.56
C MET B 122 -9.61 30.43 52.63
N ASP B 123 -10.43 30.07 53.61
CA ASP B 123 -10.79 28.66 53.81
C ASP B 123 -12.18 28.28 53.31
N GLU B 124 -12.46 26.98 53.32
CA GLU B 124 -13.74 26.43 52.88
C GLU B 124 -14.93 27.18 53.47
N LYS B 125 -14.71 27.81 54.62
CA LYS B 125 -15.78 28.53 55.29
C LYS B 125 -15.88 29.99 54.81
N GLY B 126 -14.84 30.47 54.16
CA GLY B 126 -14.89 31.84 53.68
C GLY B 126 -14.13 32.83 54.53
N ASN B 127 -13.55 32.36 55.63
CA ASN B 127 -12.79 33.23 56.50
C ASN B 127 -11.49 33.59 55.78
N GLN B 128 -11.15 34.88 55.78
CA GLN B 128 -9.92 35.35 55.12
C GLN B 128 -8.81 35.64 56.15
N PHE B 129 -7.64 35.04 55.93
CA PHE B 129 -6.52 35.25 56.84
C PHE B 129 -5.44 36.14 56.26
N ASP B 130 -4.44 36.44 57.08
CA ASP B 130 -3.32 37.28 56.72
C ASP B 130 -2.28 37.20 57.84
N GLU B 131 -1.52 36.11 57.85
CA GLU B 131 -0.51 35.92 58.87
C GLU B 131 0.85 35.77 58.24
N THR B 132 1.87 35.78 59.06
CA THR B 132 3.22 35.65 58.57
C THR B 132 3.69 34.24 58.89
N ILE B 133 4.16 33.52 57.88
CA ILE B 133 4.61 32.16 58.03
C ILE B 133 6.11 32.03 57.91
N ASP B 134 6.69 31.03 58.57
CA ASP B 134 8.12 30.80 58.49
C ASP B 134 8.45 29.32 58.62
N GLY B 135 9.71 28.99 58.32
CA GLY B 135 10.16 27.61 58.40
C GLY B 135 9.44 26.69 57.44
N TYR B 136 9.74 25.41 57.57
CA TYR B 136 9.14 24.38 56.74
C TYR B 136 7.79 24.72 56.13
N LYS B 137 6.85 25.20 56.93
CA LYS B 137 5.54 25.53 56.38
C LYS B 137 5.65 26.48 55.20
N ALA B 138 6.37 27.57 55.38
CA ALA B 138 6.55 28.53 54.31
C ALA B 138 7.07 27.83 53.07
N ILE B 139 7.95 26.86 53.27
CA ILE B 139 8.52 26.10 52.15
C ILE B 139 7.38 25.39 51.45
N VAL B 140 6.68 24.53 52.18
CA VAL B 140 5.54 23.84 51.60
C VAL B 140 4.67 24.86 50.91
N TYR B 141 4.08 25.77 51.66
CA TYR B 141 3.21 26.79 51.08
C TYR B 141 3.70 27.39 49.76
N GLN B 142 4.94 27.83 49.73
CA GLN B 142 5.49 28.41 48.53
C GLN B 142 5.54 27.38 47.42
N HIS B 143 5.95 26.17 47.75
CA HIS B 143 6.01 25.11 46.76
C HIS B 143 4.65 24.95 46.09
N GLU B 144 3.62 24.74 46.90
CA GLU B 144 2.28 24.56 46.37
C GLU B 144 1.84 25.77 45.61
N CYS B 145 1.88 26.94 46.23
CA CYS B 145 1.44 28.13 45.53
C CYS B 145 2.10 28.24 44.13
N ASP B 146 3.33 27.75 43.99
CA ASP B 146 4.03 27.81 42.72
C ASP B 146 3.26 27.14 41.59
N HIS B 147 2.67 25.98 41.84
CA HIS B 147 1.91 25.26 40.80
C HIS B 147 0.76 26.14 40.32
N LEU B 148 0.24 26.94 41.23
CA LEU B 148 -0.85 27.79 40.84
C LEU B 148 -0.40 28.77 39.80
N GLN B 149 0.88 29.14 39.82
CA GLN B 149 1.44 30.07 38.86
C GLN B 149 2.10 29.32 37.72
N GLY B 150 1.83 28.03 37.67
CA GLY B 150 2.40 27.21 36.63
C GLY B 150 3.91 27.06 36.77
N ILE B 151 4.38 26.85 38.00
CA ILE B 151 5.80 26.67 38.23
C ILE B 151 6.21 25.42 39.00
N LEU B 152 7.20 24.70 38.48
CA LEU B 152 7.67 23.49 39.14
C LEU B 152 9.02 23.71 39.74
N TYR B 153 9.26 23.09 40.90
CA TYR B 153 10.55 23.27 41.56
C TYR B 153 11.74 23.17 40.62
N VAL B 154 11.60 22.36 39.59
CA VAL B 154 12.69 22.23 38.68
C VAL B 154 13.06 23.57 38.09
N ASP B 155 12.12 24.51 38.09
CA ASP B 155 12.40 25.83 37.53
C ASP B 155 13.28 26.65 38.46
N ARG B 156 13.39 26.21 39.71
CA ARG B 156 14.20 26.96 40.67
C ARG B 156 15.48 26.25 41.16
N LEU B 157 15.84 25.13 40.55
CA LEU B 157 17.04 24.45 40.98
C LEU B 157 18.20 25.45 41.08
N LYS B 158 18.90 25.38 42.20
CA LYS B 158 20.02 26.28 42.39
C LYS B 158 21.12 25.91 41.41
N ASP B 159 21.47 24.63 41.40
CA ASP B 159 22.50 24.13 40.51
C ASP B 159 22.04 22.76 40.00
N THR B 160 21.99 22.61 38.67
CA THR B 160 21.56 21.38 38.01
C THR B 160 22.39 20.18 38.40
N LYS B 161 23.55 20.43 38.98
CA LYS B 161 24.39 19.34 39.40
C LYS B 161 23.66 18.67 40.56
N LEU B 162 23.03 19.51 41.39
CA LEU B 162 22.29 19.05 42.57
C LEU B 162 20.85 18.72 42.22
N PHE B 163 20.68 17.62 41.50
CA PHE B 163 19.38 17.19 41.03
C PHE B 163 19.63 15.81 40.48
N GLY B 164 18.84 14.82 40.90
CA GLY B 164 19.03 13.46 40.42
C GLY B 164 17.96 12.49 40.88
N PHE B 165 18.16 11.20 40.64
CA PHE B 165 17.18 10.21 41.04
C PHE B 165 17.36 9.76 42.47
N ASN B 166 16.27 9.57 43.19
CA ASN B 166 16.35 9.11 44.58
C ASN B 166 17.19 7.85 44.67
N GLU B 167 16.81 6.84 43.87
CA GLU B 167 17.52 5.57 43.85
C GLU B 167 19.03 5.79 44.00
N THR B 168 19.62 6.75 43.28
CA THR B 168 21.06 6.98 43.35
C THR B 168 21.55 8.15 44.20
N LEU B 169 20.65 8.98 44.69
CA LEU B 169 21.09 10.09 45.53
C LEU B 169 21.36 9.55 46.91
N ASP B 170 20.72 8.43 47.21
CA ASP B 170 20.88 7.77 48.49
C ASP B 170 22.12 6.90 48.45
N SER B 171 23.24 7.63 48.34
CA SER B 171 24.60 7.13 48.29
C SER B 171 25.45 8.25 47.66
N SER C 1 44.72 -42.41 3.24
CA SER C 1 43.53 -42.59 2.34
C SER C 1 42.31 -43.06 3.14
N VAL C 2 41.12 -42.99 2.52
CA VAL C 2 39.88 -43.40 3.17
C VAL C 2 39.41 -44.76 2.68
N ARG C 3 39.00 -45.61 3.63
CA ARG C 3 38.53 -46.94 3.30
C ARG C 3 37.02 -47.05 3.51
N LYS C 4 36.42 -48.08 2.91
CA LYS C 4 34.98 -48.28 3.02
C LYS C 4 34.63 -48.89 4.36
N ILE C 5 33.48 -48.48 4.90
CA ILE C 5 33.02 -48.99 6.19
C ILE C 5 31.92 -50.02 6.01
N LEU C 6 32.09 -51.16 6.63
CA LEU C 6 31.12 -52.23 6.53
C LEU C 6 29.84 -51.89 7.26
N ARG C 7 28.70 -52.15 6.64
CA ARG C 7 27.40 -51.84 7.25
C ARG C 7 26.87 -53.06 7.99
N MET C 8 26.00 -52.85 8.98
CA MET C 8 25.44 -53.95 9.75
C MET C 8 24.73 -54.91 8.85
N GLY C 9 25.12 -56.17 8.94
CA GLY C 9 24.55 -57.18 8.08
C GLY C 9 25.70 -58.03 7.58
N ASP C 10 26.79 -57.39 7.20
CA ASP C 10 27.99 -58.07 6.73
C ASP C 10 28.45 -58.86 7.95
N PRO C 11 28.71 -60.16 7.79
CA PRO C 11 29.16 -61.01 8.91
C PRO C 11 30.54 -60.69 9.47
N ILE C 12 31.38 -60.03 8.70
CA ILE C 12 32.70 -59.69 9.20
C ILE C 12 32.56 -58.99 10.54
N LEU C 13 31.53 -58.15 10.65
CA LEU C 13 31.23 -57.40 11.86
C LEU C 13 30.86 -58.25 13.05
N ARG C 14 30.65 -59.54 12.85
CA ARG C 14 30.29 -60.39 13.96
C ARG C 14 31.36 -61.38 14.35
N LYS C 15 32.47 -61.37 13.63
CA LYS C 15 33.54 -62.29 13.96
C LYS C 15 34.53 -61.64 14.94
N ILE C 16 35.23 -62.47 15.70
CA ILE C 16 36.19 -62.00 16.68
C ILE C 16 37.54 -61.64 16.09
N SER C 17 37.92 -60.39 16.28
CA SER C 17 39.19 -59.90 15.76
C SER C 17 40.30 -60.52 16.62
N GLU C 18 41.46 -60.80 16.05
CA GLU C 18 42.52 -61.39 16.85
C GLU C 18 43.66 -60.41 17.16
N PRO C 19 44.44 -60.71 18.21
CA PRO C 19 45.58 -59.93 18.72
C PRO C 19 46.60 -59.41 17.70
N VAL C 20 47.34 -58.40 18.12
CA VAL C 20 48.36 -57.80 17.30
C VAL C 20 49.71 -58.19 17.92
N THR C 21 50.64 -58.68 17.10
CA THR C 21 51.94 -59.12 17.61
C THR C 21 52.90 -57.95 17.86
N GLU C 22 53.84 -58.19 18.77
CA GLU C 22 54.84 -57.17 19.11
C GLU C 22 55.68 -56.82 17.87
N ASP C 23 55.48 -57.58 16.80
CA ASP C 23 56.22 -57.37 15.54
C ASP C 23 55.42 -56.55 14.55
N GLU C 24 54.18 -56.96 14.33
CA GLU C 24 53.30 -56.28 13.39
C GLU C 24 53.34 -54.76 13.54
N ILE C 25 53.42 -54.29 14.79
CA ILE C 25 53.43 -52.86 15.07
C ILE C 25 54.59 -52.08 14.43
N GLN C 26 55.53 -52.81 13.83
CA GLN C 26 56.67 -52.18 13.17
C GLN C 26 56.56 -52.27 11.66
N THR C 27 55.78 -53.23 11.17
CA THR C 27 55.57 -53.40 9.74
C THR C 27 55.15 -52.07 9.12
N LYS C 28 55.71 -51.75 7.97
CA LYS C 28 55.35 -50.51 7.30
C LYS C 28 53.86 -50.59 6.93
N GLU C 29 53.38 -51.81 6.69
CA GLU C 29 51.99 -52.03 6.33
C GLU C 29 51.08 -51.58 7.48
N PHE C 30 51.53 -51.86 8.71
CA PHE C 30 50.78 -51.49 9.90
C PHE C 30 50.58 -49.99 9.99
N LYS C 31 51.69 -49.27 10.03
CA LYS C 31 51.65 -47.83 10.12
C LYS C 31 50.67 -47.24 9.13
N LYS C 32 50.55 -47.88 7.97
CA LYS C 32 49.64 -47.39 6.94
C LYS C 32 48.19 -47.60 7.37
N LEU C 33 47.94 -48.74 7.99
CA LEU C 33 46.60 -49.07 8.46
C LEU C 33 46.11 -47.96 9.37
N ILE C 34 46.89 -47.70 10.41
CA ILE C 34 46.57 -46.66 11.37
C ILE C 34 46.18 -45.41 10.60
N ARG C 35 47.12 -44.86 9.83
CA ARG C 35 46.87 -43.65 9.04
C ARG C 35 45.49 -43.75 8.39
N ASP C 36 45.26 -44.85 7.68
CA ASP C 36 43.99 -45.05 7.02
C ASP C 36 42.85 -44.96 8.04
N MET C 37 42.91 -45.77 9.08
CA MET C 37 41.85 -45.76 10.06
C MET C 37 41.54 -44.34 10.46
N PHE C 38 42.55 -43.61 10.88
CA PHE C 38 42.32 -42.23 11.28
C PHE C 38 41.66 -41.44 10.15
N THR C 39 42.37 -41.31 9.04
CA THR C 39 41.85 -40.55 7.91
C THR C 39 40.39 -40.98 7.62
N THR C 40 40.08 -42.24 7.88
CA THR C 40 38.74 -42.76 7.64
C THR C 40 37.76 -42.24 8.67
N MET C 41 38.13 -42.39 9.93
CA MET C 41 37.31 -41.94 11.04
C MET C 41 37.04 -40.45 10.91
N ARG C 42 38.11 -39.68 10.72
CA ARG C 42 38.00 -38.23 10.59
C ARG C 42 36.99 -37.84 9.54
N HIS C 43 36.97 -38.59 8.43
CA HIS C 43 36.06 -38.31 7.34
C HIS C 43 34.58 -38.46 7.74
N ALA C 44 34.26 -39.60 8.33
CA ALA C 44 32.87 -39.88 8.73
C ALA C 44 32.45 -39.11 9.97
N GLU C 45 33.38 -38.34 10.51
CA GLU C 45 33.14 -37.53 11.71
C GLU C 45 32.87 -38.40 12.95
N GLY C 46 33.70 -39.43 13.12
CA GLY C 46 33.54 -40.31 14.24
C GLY C 46 34.45 -39.99 15.40
N VAL C 47 34.16 -40.60 16.54
CA VAL C 47 34.91 -40.39 17.74
C VAL C 47 35.85 -41.57 17.93
N GLY C 48 35.58 -42.65 17.21
CA GLY C 48 36.41 -43.83 17.32
C GLY C 48 36.21 -44.79 16.17
N LEU C 49 37.07 -45.80 16.07
CA LEU C 49 36.98 -46.75 14.99
C LEU C 49 37.68 -48.05 15.31
N ALA C 50 37.14 -49.15 14.83
CA ALA C 50 37.74 -50.44 15.07
C ALA C 50 38.12 -51.12 13.75
N ALA C 51 39.31 -51.71 13.72
CA ALA C 51 39.82 -52.39 12.52
C ALA C 51 38.72 -53.11 11.72
N PRO C 52 37.96 -53.99 12.38
CA PRO C 52 36.90 -54.70 11.67
C PRO C 52 35.96 -53.80 10.91
N GLN C 53 35.64 -52.66 11.48
CA GLN C 53 34.73 -51.74 10.82
C GLN C 53 35.17 -51.44 9.37
N ILE C 54 36.45 -51.65 9.07
CA ILE C 54 36.93 -51.43 7.72
C ILE C 54 37.34 -52.73 7.07
N GLY C 55 37.16 -53.83 7.80
CA GLY C 55 37.47 -55.13 7.24
C GLY C 55 38.65 -55.91 7.78
N ILE C 56 39.31 -55.41 8.82
CA ILE C 56 40.46 -56.13 9.36
C ILE C 56 40.16 -56.69 10.73
N LEU C 57 40.27 -58.01 10.88
CA LEU C 57 39.98 -58.62 12.18
C LEU C 57 41.21 -58.69 13.08
N LYS C 58 41.60 -57.51 13.54
CA LYS C 58 42.74 -57.33 14.43
C LYS C 58 42.31 -56.39 15.56
N GLN C 59 42.69 -56.73 16.78
CA GLN C 59 42.31 -55.90 17.91
C GLN C 59 43.01 -54.55 17.85
N ILE C 60 42.49 -53.66 16.99
CA ILE C 60 43.05 -52.32 16.81
C ILE C 60 41.98 -51.22 16.92
N VAL C 61 42.16 -50.28 17.85
CA VAL C 61 41.18 -49.22 18.02
C VAL C 61 41.82 -47.86 17.85
N VAL C 62 41.02 -46.90 17.42
CA VAL C 62 41.48 -45.55 17.20
C VAL C 62 40.45 -44.57 17.74
N VAL C 63 40.87 -43.68 18.63
CA VAL C 63 39.92 -42.74 19.20
C VAL C 63 40.42 -41.32 19.08
N GLY C 64 39.52 -40.36 19.26
CA GLY C 64 39.95 -38.98 19.18
C GLY C 64 39.04 -37.90 18.64
N SER C 65 38.61 -37.03 19.55
CA SER C 65 37.75 -35.90 19.22
C SER C 65 38.39 -34.66 19.86
N GLU C 66 38.97 -33.76 19.04
CA GLU C 66 39.61 -32.54 19.54
C GLU C 66 38.62 -31.38 19.76
N ASP C 67 38.68 -30.37 18.90
CA ASP C 67 37.79 -29.21 19.01
C ASP C 67 36.34 -29.68 18.87
N ASN C 68 35.69 -29.99 20.00
CA ASN C 68 34.31 -30.48 20.02
C ASN C 68 33.28 -29.50 19.44
N GLU C 69 33.60 -28.96 18.26
CA GLU C 69 32.73 -28.03 17.57
C GLU C 69 31.62 -28.86 16.89
N ARG C 70 31.87 -30.18 16.77
CA ARG C 70 30.92 -31.14 16.17
C ARG C 70 29.87 -31.51 17.23
N TYR C 71 30.32 -32.19 18.29
CA TYR C 71 29.44 -32.58 19.36
C TYR C 71 29.85 -31.89 20.66
N PRO C 72 28.95 -31.04 21.19
CA PRO C 72 29.05 -30.23 22.41
C PRO C 72 28.95 -30.98 23.75
N GLY C 73 27.73 -31.34 24.12
CA GLY C 73 27.48 -32.02 25.38
C GLY C 73 28.49 -33.02 25.91
N THR C 74 29.59 -33.22 25.19
CA THR C 74 30.56 -34.17 25.66
C THR C 74 31.99 -33.74 25.77
N PRO C 75 32.73 -34.44 26.63
CA PRO C 75 34.14 -34.29 26.97
C PRO C 75 34.96 -34.38 25.71
N ASP C 76 36.27 -34.41 25.90
CA ASP C 76 37.19 -34.47 24.79
C ASP C 76 37.77 -35.86 24.78
N VAL C 77 38.06 -36.38 23.59
CA VAL C 77 38.72 -37.66 23.60
C VAL C 77 40.03 -37.50 22.86
N PRO C 78 41.14 -37.58 23.59
CA PRO C 78 42.47 -37.44 23.01
C PRO C 78 42.81 -38.52 22.00
N GLU C 79 43.54 -38.15 20.95
CA GLU C 79 43.95 -39.10 19.92
C GLU C 79 44.73 -40.21 20.59
N ARG C 80 44.49 -41.45 20.19
CA ARG C 80 45.20 -42.56 20.79
C ARG C 80 44.94 -43.89 20.10
N ILE C 81 45.94 -44.77 20.15
CA ILE C 81 45.85 -46.10 19.57
C ILE C 81 45.67 -47.07 20.72
N ILE C 82 44.67 -47.93 20.60
CA ILE C 82 44.37 -48.94 21.61
C ILE C 82 44.57 -50.31 20.96
N LEU C 83 45.41 -51.14 21.55
CA LEU C 83 45.67 -52.45 21.00
C LEU C 83 45.47 -53.54 22.02
N ASN C 84 44.83 -54.62 21.60
CA ASN C 84 44.57 -55.75 22.49
C ASN C 84 44.00 -55.32 23.84
N PRO C 85 42.92 -54.52 23.82
CA PRO C 85 42.26 -54.02 25.02
C PRO C 85 41.51 -55.09 25.76
N VAL C 86 41.47 -54.97 27.08
CA VAL C 86 40.76 -55.92 27.91
C VAL C 86 40.09 -55.12 29.00
N ILE C 87 38.77 -55.17 29.06
CA ILE C 87 38.03 -54.42 30.04
C ILE C 87 37.41 -55.24 31.18
N THR C 88 37.21 -54.59 32.31
CA THR C 88 36.60 -55.22 33.47
C THR C 88 35.76 -54.15 34.15
N PRO C 89 34.47 -54.42 34.35
CA PRO C 89 33.60 -53.45 35.01
C PRO C 89 34.04 -53.33 36.46
N LEU C 90 33.89 -52.13 37.03
CA LEU C 90 34.27 -51.90 38.40
C LEU C 90 33.08 -51.66 39.29
N THR C 91 31.95 -51.29 38.69
CA THR C 91 30.73 -51.05 39.45
C THR C 91 29.49 -51.50 38.69
N LYS C 92 28.38 -51.64 39.40
CA LYS C 92 27.14 -52.05 38.76
C LYS C 92 26.31 -50.84 38.36
N ASP C 93 26.83 -49.64 38.59
CA ASP C 93 26.11 -48.41 38.25
C ASP C 93 26.13 -48.18 36.74
N THR C 94 25.06 -47.59 36.23
CA THR C 94 24.97 -47.35 34.81
C THR C 94 24.70 -45.92 34.45
N SER C 95 25.19 -45.55 33.27
CA SER C 95 25.00 -44.21 32.74
C SER C 95 24.38 -44.39 31.36
N GLY C 96 23.18 -43.84 31.17
CA GLY C 96 22.50 -43.95 29.89
C GLY C 96 23.09 -43.06 28.83
N PHE C 97 22.90 -43.42 27.56
CA PHE C 97 23.44 -42.62 26.48
C PHE C 97 22.93 -43.06 25.12
N TRP C 98 22.71 -42.11 24.22
CA TRP C 98 22.23 -42.46 22.89
C TRP C 98 23.38 -42.71 21.95
N GLU C 99 23.70 -43.98 21.71
CA GLU C 99 24.81 -44.30 20.84
C GLU C 99 24.38 -44.44 19.39
N GLY C 100 25.37 -44.30 18.51
CA GLY C 100 25.17 -44.44 17.08
C GLY C 100 26.44 -45.09 16.56
N CYS C 101 26.30 -46.12 15.75
CA CYS C 101 27.48 -46.78 15.22
C CYS C 101 27.67 -46.42 13.75
N LEU C 102 28.91 -46.39 13.29
CA LEU C 102 29.17 -46.03 11.91
C LEU C 102 28.62 -47.13 11.03
N SER C 103 28.58 -48.32 11.58
CA SER C 103 28.09 -49.43 10.82
C SER C 103 26.57 -49.46 10.79
N VAL C 104 25.93 -48.65 11.61
CA VAL C 104 24.48 -48.58 11.62
C VAL C 104 24.10 -47.12 11.42
N PRO C 105 24.29 -46.63 10.20
CA PRO C 105 24.03 -45.26 9.74
C PRO C 105 22.61 -44.71 9.87
N GLY C 106 22.54 -43.46 10.29
CA GLY C 106 21.27 -42.76 10.44
C GLY C 106 20.38 -43.20 11.58
N MET C 107 20.92 -43.93 12.55
CA MET C 107 20.13 -44.40 13.69
C MET C 107 20.84 -44.37 15.04
N ARG C 108 20.09 -44.05 16.08
CA ARG C 108 20.61 -43.99 17.43
C ARG C 108 19.79 -44.88 18.33
N GLY C 109 20.36 -45.26 19.46
CA GLY C 109 19.65 -46.12 20.39
C GLY C 109 20.16 -45.87 21.78
N TYR C 110 19.27 -45.99 22.76
CA TYR C 110 19.64 -45.77 24.16
C TYR C 110 20.33 -47.00 24.73
N VAL C 111 21.54 -46.81 25.24
CA VAL C 111 22.35 -47.89 25.79
C VAL C 111 23.01 -47.60 27.15
N GLU C 112 22.74 -48.46 28.13
CA GLU C 112 23.32 -48.30 29.46
C GLU C 112 24.50 -49.25 29.63
N ARG C 113 25.67 -48.69 29.91
CA ARG C 113 26.89 -49.47 30.11
C ARG C 113 27.46 -49.10 31.47
N PRO C 114 28.34 -49.93 32.03
CA PRO C 114 28.93 -49.61 33.33
C PRO C 114 29.70 -48.30 33.15
N ASN C 115 29.94 -47.55 34.22
CA ASN C 115 30.65 -46.28 34.11
C ASN C 115 32.00 -46.25 34.81
N GLN C 116 32.47 -47.41 35.24
CA GLN C 116 33.75 -47.51 35.89
C GLN C 116 34.36 -48.82 35.44
N ILE C 117 35.43 -48.73 34.65
CA ILE C 117 36.06 -49.93 34.12
C ILE C 117 37.57 -49.92 34.20
N ARG C 118 38.16 -51.11 34.29
CA ARG C 118 39.61 -51.23 34.32
C ARG C 118 40.05 -51.78 32.98
N MET C 119 40.68 -50.94 32.18
CA MET C 119 41.14 -51.36 30.86
C MET C 119 42.66 -51.54 30.80
N GLN C 120 43.10 -52.48 29.98
CA GLN C 120 44.51 -52.76 29.81
C GLN C 120 44.80 -52.85 28.32
N TRP C 121 45.69 -52.02 27.82
CA TRP C 121 46.00 -52.03 26.40
C TRP C 121 47.47 -51.89 26.06
N MET C 122 47.75 -51.34 24.88
CA MET C 122 49.12 -51.21 24.43
C MET C 122 49.12 -50.27 23.24
N ASP C 123 50.12 -49.41 23.14
CA ASP C 123 50.17 -48.44 22.04
C ASP C 123 51.14 -48.76 20.92
N GLU C 124 51.11 -47.96 19.87
CA GLU C 124 51.97 -48.14 18.69
C GLU C 124 53.42 -48.35 19.07
N LYS C 125 53.80 -47.84 20.23
CA LYS C 125 55.18 -47.94 20.71
C LYS C 125 55.45 -49.22 21.49
N GLY C 126 54.40 -49.88 21.93
CA GLY C 126 54.61 -51.11 22.67
C GLY C 126 54.45 -50.97 24.16
N ASN C 127 54.20 -49.75 24.62
CA ASN C 127 54.00 -49.51 26.06
C ASN C 127 52.65 -50.09 26.48
N GLN C 128 52.65 -50.88 27.55
CA GLN C 128 51.42 -51.50 28.05
C GLN C 128 50.87 -50.75 29.25
N PHE C 129 49.59 -50.38 29.20
CA PHE C 129 48.97 -49.66 30.30
C PHE C 129 48.02 -50.50 31.09
N ASP C 130 47.47 -49.91 32.15
CA ASP C 130 46.53 -50.57 33.03
C ASP C 130 45.98 -49.54 33.99
N GLU C 131 45.04 -48.73 33.50
CA GLU C 131 44.44 -47.70 34.32
C GLU C 131 42.95 -47.92 34.45
N THR C 132 42.32 -47.17 35.33
CA THR C 132 40.89 -47.27 35.53
C THR C 132 40.23 -46.07 34.86
N ILE C 133 39.30 -46.32 33.94
CA ILE C 133 38.62 -45.27 33.19
C ILE C 133 37.19 -45.06 33.64
N ASP C 134 36.67 -43.85 33.48
CA ASP C 134 35.30 -43.59 33.88
C ASP C 134 34.71 -42.52 32.99
N GLY C 135 33.40 -42.33 33.11
CA GLY C 135 32.71 -41.34 32.30
C GLY C 135 32.77 -41.61 30.83
N TYR C 136 32.25 -40.65 30.05
CA TYR C 136 32.21 -40.73 28.60
C TYR C 136 33.28 -41.59 27.94
N LYS C 137 34.54 -41.44 28.35
CA LYS C 137 35.61 -42.23 27.75
C LYS C 137 35.29 -43.72 27.87
N ALA C 138 34.99 -44.16 29.08
CA ALA C 138 34.66 -45.56 29.31
C ALA C 138 33.58 -46.01 28.33
N ILE C 139 32.60 -45.14 28.11
CA ILE C 139 31.53 -45.42 27.19
C ILE C 139 32.16 -45.67 25.84
N VAL C 140 32.85 -44.68 25.32
CA VAL C 140 33.50 -44.84 24.02
C VAL C 140 34.28 -46.13 24.03
N TYR C 141 35.29 -46.20 24.87
CA TYR C 141 36.11 -47.40 24.94
C TYR C 141 35.33 -48.68 24.88
N GLN C 142 34.31 -48.81 25.71
CA GLN C 142 33.51 -50.03 25.73
C GLN C 142 32.83 -50.24 24.39
N HIS C 143 32.27 -49.17 23.84
CA HIS C 143 31.61 -49.23 22.55
C HIS C 143 32.62 -49.81 21.56
N GLU C 144 33.78 -49.18 21.45
CA GLU C 144 34.79 -49.65 20.53
C GLU C 144 35.24 -51.06 20.85
N CYS C 145 35.65 -51.31 22.08
CA CYS C 145 36.10 -52.64 22.42
C CYS C 145 35.04 -53.68 22.01
N ASP C 146 33.77 -53.30 22.04
CA ASP C 146 32.72 -54.25 21.69
C ASP C 146 32.92 -54.80 20.27
N HIS C 147 33.16 -53.91 19.30
CA HIS C 147 33.36 -54.30 17.90
C HIS C 147 34.46 -55.34 17.69
N LEU C 148 35.30 -55.58 18.70
CA LEU C 148 36.36 -56.57 18.58
C LEU C 148 35.83 -57.95 18.95
N GLN C 149 34.79 -57.97 19.77
CA GLN C 149 34.20 -59.22 20.19
C GLN C 149 33.02 -59.52 19.29
N GLY C 150 32.91 -58.77 18.21
CA GLY C 150 31.81 -58.96 17.30
C GLY C 150 30.47 -58.53 17.85
N ILE C 151 30.43 -57.39 18.54
CA ILE C 151 29.19 -56.89 19.11
C ILE C 151 28.85 -55.45 18.75
N LEU C 152 27.60 -55.24 18.38
CA LEU C 152 27.14 -53.92 18.00
C LEU C 152 26.20 -53.40 19.05
N TYR C 153 26.25 -52.11 19.30
CA TYR C 153 25.40 -51.51 20.33
C TYR C 153 23.97 -52.01 20.26
N VAL C 154 23.51 -52.28 19.06
CA VAL C 154 22.15 -52.74 18.91
C VAL C 154 21.90 -53.97 19.76
N ASP C 155 22.95 -54.71 20.06
CA ASP C 155 22.82 -55.91 20.87
C ASP C 155 22.54 -55.58 22.32
N ARG C 156 22.83 -54.34 22.71
CA ARG C 156 22.66 -53.90 24.09
C ARG C 156 21.53 -52.90 24.32
N LEU C 157 20.69 -52.66 23.33
CA LEU C 157 19.61 -51.71 23.53
C LEU C 157 18.85 -52.05 24.80
N LYS C 158 18.60 -51.03 25.63
CA LYS C 158 17.88 -51.25 26.88
C LYS C 158 16.45 -51.63 26.54
N ASP C 159 15.82 -50.80 25.73
CA ASP C 159 14.46 -51.03 25.31
C ASP C 159 14.38 -50.64 23.85
N THR C 160 13.91 -51.57 23.02
CA THR C 160 13.78 -51.35 21.59
C THR C 160 12.89 -50.16 21.25
N LYS C 161 12.08 -49.72 22.21
CA LYS C 161 11.23 -48.58 21.96
C LYS C 161 12.15 -47.37 21.77
N LEU C 162 13.22 -47.32 22.56
CA LEU C 162 14.22 -46.26 22.53
C LEU C 162 15.29 -46.53 21.50
N PHE C 163 14.92 -46.43 20.23
CA PHE C 163 15.82 -46.73 19.14
C PHE C 163 15.07 -46.26 17.91
N GLY C 164 15.74 -45.49 17.06
CA GLY C 164 15.09 -44.99 15.86
C GLY C 164 16.01 -44.20 14.95
N PHE C 165 15.45 -43.56 13.93
CA PHE C 165 16.23 -42.76 13.00
C PHE C 165 16.44 -41.34 13.49
N ASN C 166 17.65 -40.83 13.28
CA ASN C 166 17.98 -39.47 13.69
C ASN C 166 16.94 -38.51 13.15
N GLU C 167 16.76 -38.52 11.84
CA GLU C 167 15.80 -37.67 11.17
C GLU C 167 14.55 -37.44 12.01
N THR C 168 14.02 -38.50 12.63
CA THR C 168 12.80 -38.37 13.41
C THR C 168 12.92 -38.37 14.93
N LEU C 169 14.11 -38.64 15.44
CA LEU C 169 14.27 -38.62 16.89
C LEU C 169 14.42 -37.18 17.34
N ASP C 170 14.86 -36.34 16.40
CA ASP C 170 15.05 -34.92 16.64
C ASP C 170 13.69 -34.26 16.43
N SER C 171 12.77 -34.74 17.27
CA SER C 171 11.37 -34.33 17.35
C SER C 171 10.78 -34.99 18.63
N SER D 1 -16.02 25.05 21.14
CA SER D 1 -17.46 25.14 21.53
C SER D 1 -18.33 25.47 20.33
N VAL D 2 -19.65 25.30 20.48
CA VAL D 2 -20.61 25.59 19.40
C VAL D 2 -21.36 26.90 19.62
N ARG D 3 -21.44 27.71 18.57
CA ARG D 3 -22.13 28.99 18.65
C ARG D 3 -23.46 28.95 17.91
N LYS D 4 -24.35 29.90 18.21
CA LYS D 4 -25.66 29.97 17.59
C LYS D 4 -25.53 30.55 16.19
N ILE D 5 -26.34 30.02 15.27
CA ILE D 5 -26.32 30.49 13.89
C ILE D 5 -27.51 31.41 13.63
N LEU D 6 -27.22 32.56 13.03
CA LEU D 6 -28.25 33.54 12.72
C LEU D 6 -29.13 33.06 11.57
N ARG D 7 -30.44 33.23 11.72
CA ARG D 7 -31.37 32.80 10.70
C ARG D 7 -31.70 33.97 9.78
N MET D 8 -32.06 33.67 8.54
CA MET D 8 -32.40 34.73 7.61
C MET D 8 -33.48 35.60 8.19
N GLY D 9 -33.22 36.90 8.18
CA GLY D 9 -34.17 37.84 8.73
C GLY D 9 -33.37 38.81 9.59
N ASP D 10 -32.45 38.26 10.38
CA ASP D 10 -31.59 39.07 11.22
C ASP D 10 -30.78 39.91 10.23
N PRO D 11 -30.72 41.23 10.42
CA PRO D 11 -29.98 42.13 9.52
C PRO D 11 -28.47 41.96 9.49
N ILE D 12 -27.91 41.38 10.54
CA ILE D 12 -26.47 41.16 10.58
C ILE D 12 -26.04 40.45 9.29
N LEU D 13 -26.88 39.51 8.83
CA LEU D 13 -26.63 38.72 7.63
C LEU D 13 -26.60 39.53 6.35
N ARG D 14 -26.99 40.80 6.43
CA ARG D 14 -27.01 41.63 5.25
C ARG D 14 -25.96 42.71 5.25
N LYS D 15 -25.21 42.83 6.34
CA LYS D 15 -24.18 43.83 6.42
C LYS D 15 -22.84 43.31 5.91
N ILE D 16 -21.99 44.23 5.46
CA ILE D 16 -20.69 43.87 4.92
C ILE D 16 -19.62 43.61 5.98
N SER D 17 -19.05 42.41 5.96
CA SER D 17 -18.01 42.03 6.90
C SER D 17 -16.74 42.73 6.46
N GLU D 18 -15.91 43.13 7.42
CA GLU D 18 -14.69 43.81 7.07
C GLU D 18 -13.45 42.95 7.24
N PRO D 19 -12.36 43.31 6.55
CA PRO D 19 -11.05 42.65 6.53
C PRO D 19 -10.45 42.23 7.86
N VAL D 20 -9.51 41.31 7.77
CA VAL D 20 -8.81 40.81 8.94
C VAL D 20 -7.39 41.35 8.83
N THR D 21 -6.86 41.89 9.93
CA THR D 21 -5.51 42.47 9.93
C THR D 21 -4.43 41.41 10.11
N GLU D 22 -3.25 41.70 9.57
CA GLU D 22 -2.11 40.79 9.66
C GLU D 22 -1.75 40.51 11.13
N ASP D 23 -2.40 41.23 12.04
CA ASP D 23 -2.18 41.10 13.48
C ASP D 23 -3.23 40.22 14.15
N GLU D 24 -4.49 40.48 13.85
CA GLU D 24 -5.59 39.72 14.43
C GLU D 24 -5.37 38.23 14.37
N ILE D 25 -4.79 37.78 13.26
CA ILE D 25 -4.52 36.36 13.05
C ILE D 25 -3.62 35.69 14.10
N GLN D 26 -3.05 36.49 14.99
CA GLN D 26 -2.17 35.96 16.03
C GLN D 26 -2.83 36.03 17.40
N THR D 27 -3.81 36.94 17.54
CA THR D 27 -4.54 37.10 18.79
C THR D 27 -5.02 35.74 19.26
N LYS D 28 -4.95 35.48 20.56
CA LYS D 28 -5.41 34.20 21.08
C LYS D 28 -6.92 34.10 20.86
N GLU D 29 -7.56 35.27 20.86
CA GLU D 29 -9.01 35.37 20.66
C GLU D 29 -9.40 34.85 19.26
N PHE D 30 -8.56 35.16 18.26
CA PHE D 30 -8.79 34.74 16.89
C PHE D 30 -8.79 33.22 16.78
N LYS D 31 -7.68 32.60 17.17
CA LYS D 31 -7.54 31.16 17.13
C LYS D 31 -8.75 30.48 17.73
N LYS D 32 -9.35 31.10 18.73
CA LYS D 32 -10.53 30.51 19.38
C LYS D 32 -11.74 30.58 18.45
N LEU D 33 -11.86 31.69 17.74
CA LEU D 33 -12.96 31.89 16.80
C LEU D 33 -12.96 30.75 15.78
N ILE D 34 -11.84 30.57 15.10
CA ILE D 34 -11.68 29.51 14.11
C ILE D 34 -12.20 28.22 14.72
N ARG D 35 -11.58 27.78 15.81
CA ARG D 35 -11.98 26.56 16.49
C ARG D 35 -13.50 26.52 16.61
N ASP D 36 -14.09 27.58 17.15
CA ASP D 36 -15.53 27.65 17.29
C ASP D 36 -16.23 27.45 15.95
N MET D 37 -15.85 28.26 14.96
CA MET D 37 -16.43 28.15 13.64
C MET D 37 -16.44 26.70 13.20
N PHE D 38 -15.28 26.05 13.18
CA PHE D 38 -15.24 24.65 12.77
C PHE D 38 -16.17 23.80 13.60
N THR D 39 -15.94 23.77 14.91
CA THR D 39 -16.76 22.97 15.81
C THR D 39 -18.26 23.25 15.54
N THR D 40 -18.58 24.48 15.15
CA THR D 40 -19.97 24.84 14.87
C THR D 40 -20.44 24.25 13.55
N MET D 41 -19.62 24.40 12.51
CA MET D 41 -19.92 23.89 11.18
C MET D 41 -20.08 22.40 11.25
N ARG D 42 -19.09 21.74 11.84
CA ARG D 42 -19.11 20.29 11.98
C ARG D 42 -20.39 19.82 12.61
N HIS D 43 -20.88 20.56 13.61
CA HIS D 43 -22.11 20.19 14.28
C HIS D 43 -23.33 20.20 13.38
N ALA D 44 -23.53 21.31 12.67
CA ALA D 44 -24.69 21.44 11.77
C ALA D 44 -24.55 20.67 10.47
N GLU D 45 -23.41 19.98 10.33
CA GLU D 45 -23.12 19.17 9.15
C GLU D 45 -23.01 20.01 7.89
N GLY D 46 -22.27 21.11 7.99
CA GLY D 46 -22.09 21.99 6.86
C GLY D 46 -20.79 21.74 6.13
N VAL D 47 -20.70 22.32 4.94
CA VAL D 47 -19.52 22.18 4.12
C VAL D 47 -18.69 23.46 4.22
N GLY D 48 -19.30 24.52 4.76
CA GLY D 48 -18.59 25.77 4.91
C GLY D 48 -19.28 26.68 5.90
N LEU D 49 -18.60 27.76 6.28
CA LEU D 49 -19.18 28.70 7.23
C LEU D 49 -18.51 30.06 7.15
N ALA D 50 -19.30 31.11 7.35
CA ALA D 50 -18.81 32.49 7.31
C ALA D 50 -19.00 33.20 8.65
N ALA D 51 -17.97 33.90 9.10
CA ALA D 51 -18.01 34.60 10.37
C ALA D 51 -19.36 35.20 10.71
N PRO D 52 -19.94 35.97 9.78
CA PRO D 52 -21.23 36.58 10.04
C PRO D 52 -22.31 35.59 10.41
N GLN D 53 -22.30 34.43 9.80
CA GLN D 53 -23.30 33.44 10.12
C GLN D 53 -23.40 33.19 11.63
N ILE D 54 -22.35 33.51 12.38
CA ILE D 54 -22.38 33.32 13.83
C ILE D 54 -22.37 34.65 14.53
N GLY D 55 -22.36 35.74 13.74
CA GLY D 55 -22.41 37.07 14.31
C GLY D 55 -21.19 37.95 14.21
N ILE D 56 -20.15 37.52 13.49
CA ILE D 56 -18.95 38.33 13.39
C ILE D 56 -18.74 38.89 12.01
N LEU D 57 -18.79 40.19 11.88
CA LEU D 57 -18.58 40.77 10.57
C LEU D 57 -17.12 40.94 10.22
N LYS D 58 -16.48 39.81 9.94
CA LYS D 58 -15.07 39.78 9.56
C LYS D 58 -14.95 38.81 8.39
N GLN D 59 -14.17 39.19 7.39
CA GLN D 59 -14.00 38.34 6.22
C GLN D 59 -13.25 37.05 6.57
N ILE D 60 -13.98 36.11 7.17
CA ILE D 60 -13.42 34.81 7.59
C ILE D 60 -14.26 33.63 7.17
N VAL D 61 -13.68 32.73 6.37
CA VAL D 61 -14.41 31.58 5.90
C VAL D 61 -13.78 30.29 6.32
N VAL D 62 -14.61 29.27 6.50
CA VAL D 62 -14.19 27.95 6.91
C VAL D 62 -14.85 26.88 6.04
N VAL D 63 -14.04 26.04 5.41
CA VAL D 63 -14.56 24.98 4.56
C VAL D 63 -13.93 23.62 4.86
N GLY D 64 -14.51 22.58 4.25
CA GLY D 64 -13.99 21.24 4.44
C GLY D 64 -15.09 20.22 4.63
N SER D 65 -15.51 19.55 3.57
CA SER D 65 -16.55 18.56 3.74
C SER D 65 -15.94 17.31 4.35
N GLU D 66 -16.38 17.00 5.58
CA GLU D 66 -15.91 15.81 6.29
C GLU D 66 -16.67 14.63 5.69
N ASP D 67 -16.13 13.42 5.80
CA ASP D 67 -16.78 12.22 5.26
C ASP D 67 -18.12 12.02 5.98
N ASN D 68 -19.00 13.02 5.87
CA ASN D 68 -20.31 12.99 6.51
C ASN D 68 -21.48 13.45 5.61
N GLU D 69 -22.65 13.59 6.24
CA GLU D 69 -23.94 13.99 5.64
C GLU D 69 -24.92 12.81 5.80
N ARG D 70 -25.91 12.73 4.91
CA ARG D 70 -26.86 11.61 4.92
C ARG D 70 -26.90 11.12 3.45
N TYR D 71 -25.68 10.98 2.91
CA TYR D 71 -25.35 10.55 1.55
C TYR D 71 -24.37 11.58 0.96
N PRO D 72 -23.07 11.51 1.34
CA PRO D 72 -22.11 12.49 0.80
C PRO D 72 -22.42 12.77 -0.66
N GLY D 73 -22.01 11.86 -1.54
CA GLY D 73 -22.28 12.01 -2.96
C GLY D 73 -21.53 13.10 -3.73
N THR D 74 -21.04 14.12 -3.03
CA THR D 74 -20.29 15.22 -3.63
C THR D 74 -18.81 14.97 -3.44
N PRO D 75 -17.95 15.57 -4.28
CA PRO D 75 -16.51 15.35 -4.13
C PRO D 75 -16.03 15.32 -2.69
N ASP D 76 -15.74 16.49 -2.14
CA ASP D 76 -15.21 16.57 -0.78
C ASP D 76 -15.16 18.03 -0.30
N VAL D 77 -13.92 18.49 -0.31
CA VAL D 77 -13.43 19.81 0.01
C VAL D 77 -12.46 19.73 1.19
N PRO D 78 -11.16 19.94 0.90
CA PRO D 78 -10.12 19.90 1.94
C PRO D 78 -10.28 21.00 2.98
N GLU D 79 -9.96 20.67 4.23
CA GLU D 79 -10.03 21.63 5.32
C GLU D 79 -9.15 22.82 4.96
N ARG D 80 -9.64 24.03 5.22
CA ARG D 80 -8.85 25.22 4.91
C ARG D 80 -9.47 26.51 5.45
N ILE D 81 -8.60 27.47 5.74
CA ILE D 81 -9.04 28.77 6.24
C ILE D 81 -8.87 29.74 5.08
N ILE D 82 -9.93 30.51 4.83
CA ILE D 82 -9.93 31.50 3.77
C ILE D 82 -10.09 32.88 4.41
N LEU D 83 -9.16 33.78 4.15
CA LEU D 83 -9.23 35.11 4.72
C LEU D 83 -9.14 36.17 3.67
N ASN D 84 -9.99 37.18 3.81
CA ASN D 84 -10.01 38.31 2.89
C ASN D 84 -10.00 37.85 1.44
N PRO D 85 -10.93 36.96 1.06
CA PRO D 85 -11.04 36.41 -0.29
C PRO D 85 -11.58 37.44 -1.25
N VAL D 86 -11.15 37.33 -2.50
CA VAL D 86 -11.57 38.23 -3.55
C VAL D 86 -11.72 37.38 -4.79
N ILE D 87 -12.91 37.37 -5.36
CA ILE D 87 -13.18 36.56 -6.52
C ILE D 87 -13.40 37.34 -7.80
N THR D 88 -13.10 36.70 -8.92
CA THR D 88 -13.30 37.28 -10.24
C THR D 88 -13.74 36.18 -11.17
N PRO D 89 -14.90 36.36 -11.82
CA PRO D 89 -15.38 35.33 -12.75
C PRO D 89 -14.42 35.25 -13.93
N LEU D 90 -14.25 34.05 -14.48
CA LEU D 90 -13.37 33.83 -15.62
C LEU D 90 -14.14 33.50 -16.90
N THR D 91 -15.38 33.01 -16.74
CA THR D 91 -16.21 32.68 -17.90
C THR D 91 -17.66 33.00 -17.65
N LYS D 92 -18.45 33.08 -18.71
CA LYS D 92 -19.86 33.38 -18.56
C LYS D 92 -20.69 32.11 -18.46
N ASP D 93 -20.01 30.96 -18.50
CA ASP D 93 -20.71 29.67 -18.43
C ASP D 93 -21.24 29.41 -17.02
N THR D 94 -22.38 28.72 -16.92
CA THR D 94 -22.95 28.45 -15.62
C THR D 94 -23.18 26.98 -15.34
N SER D 95 -23.17 26.65 -14.07
CA SER D 95 -23.41 25.28 -13.62
C SER D 95 -24.49 25.38 -12.57
N GLY D 96 -25.63 24.75 -12.83
CA GLY D 96 -26.73 24.77 -11.88
C GLY D 96 -26.46 23.92 -10.65
N PHE D 97 -27.16 24.22 -9.56
CA PHE D 97 -26.97 23.45 -8.34
C PHE D 97 -27.98 23.83 -7.29
N TRP D 98 -28.40 22.86 -6.49
CA TRP D 98 -29.37 23.14 -5.45
C TRP D 98 -28.64 23.47 -4.17
N GLU D 99 -28.58 24.74 -3.83
CA GLU D 99 -27.90 25.14 -2.61
C GLU D 99 -28.81 25.25 -1.41
N GLY D 100 -28.21 25.13 -0.24
CA GLY D 100 -28.93 25.23 1.01
C GLY D 100 -28.04 26.00 1.97
N CYS D 101 -28.61 26.98 2.65
CA CYS D 101 -27.85 27.81 3.57
C CYS D 101 -28.17 27.43 4.98
N LEU D 102 -27.17 27.45 5.86
CA LEU D 102 -27.37 27.10 7.24
C LEU D 102 -28.29 28.12 7.86
N SER D 103 -28.22 29.34 7.35
CA SER D 103 -29.06 30.41 7.87
C SER D 103 -30.49 30.29 7.36
N VAL D 104 -30.70 29.44 6.37
CA VAL D 104 -32.03 29.23 5.82
C VAL D 104 -32.30 27.74 5.87
N PRO D 105 -32.53 27.23 7.10
CA PRO D 105 -32.79 25.83 7.46
C PRO D 105 -34.01 25.16 6.82
N GLY D 106 -33.81 23.91 6.41
CA GLY D 106 -34.88 23.13 5.81
C GLY D 106 -35.34 23.53 4.41
N MET D 107 -34.56 24.34 3.72
CA MET D 107 -34.94 24.79 2.37
C MET D 107 -33.80 24.82 1.37
N ARG D 108 -34.11 24.45 0.14
CA ARG D 108 -33.15 24.48 -0.94
C ARG D 108 -33.68 25.30 -2.12
N GLY D 109 -32.78 25.74 -2.99
CA GLY D 109 -33.16 26.54 -4.14
C GLY D 109 -32.16 26.34 -5.28
N TYR D 110 -32.65 26.37 -6.50
CA TYR D 110 -31.78 26.16 -7.64
C TYR D 110 -31.02 27.44 -7.93
N VAL D 111 -29.68 27.33 -7.97
CA VAL D 111 -28.82 28.49 -8.23
C VAL D 111 -27.71 28.30 -9.26
N GLU D 112 -27.68 29.16 -10.27
CA GLU D 112 -26.64 29.05 -11.28
C GLU D 112 -25.56 30.09 -11.03
N ARG D 113 -24.32 29.62 -10.87
CA ARG D 113 -23.16 30.48 -10.64
C ARG D 113 -22.07 30.13 -11.65
N PRO D 114 -21.13 31.07 -11.92
CA PRO D 114 -20.07 30.79 -12.88
C PRO D 114 -19.35 29.54 -12.40
N ASN D 115 -18.63 28.85 -13.28
CA ASN D 115 -17.93 27.62 -12.88
C ASN D 115 -16.41 27.69 -13.04
N GLN D 116 -15.91 28.89 -13.31
CA GLN D 116 -14.48 29.11 -13.43
C GLN D 116 -14.19 30.47 -12.83
N ILE D 117 -13.51 30.49 -11.69
CA ILE D 117 -13.23 31.73 -10.99
C ILE D 117 -11.81 31.85 -10.50
N ARG D 118 -11.31 33.08 -10.39
CA ARG D 118 -9.97 33.33 -9.89
C ARG D 118 -10.12 33.92 -8.52
N MET D 119 -9.78 33.13 -7.51
CA MET D 119 -9.87 33.58 -6.14
C MET D 119 -8.50 33.88 -5.53
N GLN D 120 -8.47 34.88 -4.65
CA GLN D 120 -7.24 35.28 -3.97
C GLN D 120 -7.57 35.38 -2.48
N TRP D 121 -6.82 34.66 -1.65
CA TRP D 121 -7.08 34.71 -0.21
C TRP D 121 -5.83 34.70 0.67
N MET D 122 -5.97 34.18 1.88
CA MET D 122 -4.85 34.15 2.80
C MET D 122 -5.21 33.23 3.93
N ASP D 123 -4.25 32.44 4.41
CA ASP D 123 -4.53 31.49 5.48
C ASP D 123 -4.08 31.90 6.86
N GLU D 124 -4.44 31.10 7.86
CA GLU D 124 -4.10 31.37 9.24
C GLU D 124 -2.62 31.67 9.43
N LYS D 125 -1.79 31.20 8.51
CA LYS D 125 -0.35 31.41 8.59
C LYS D 125 0.10 32.71 7.92
N GLY D 126 -0.76 33.27 7.10
CA GLY D 126 -0.41 34.51 6.43
C GLY D 126 0.01 34.34 4.98
N ASN D 127 0.04 33.11 4.50
CA ASN D 127 0.43 32.86 3.12
C ASN D 127 -0.69 33.34 2.22
N GLN D 128 -0.33 34.08 1.18
CA GLN D 128 -1.31 34.62 0.24
C GLN D 128 -1.33 33.82 -1.06
N PHE D 129 -2.50 33.33 -1.47
CA PHE D 129 -2.65 32.55 -2.69
C PHE D 129 -3.33 33.31 -3.81
N ASP D 130 -3.37 32.69 -4.97
CA ASP D 130 -3.99 33.28 -6.16
C ASP D 130 -4.06 32.20 -7.22
N GLU D 131 -5.06 31.33 -7.08
CA GLU D 131 -5.23 30.24 -8.03
C GLU D 131 -6.60 30.32 -8.69
N THR D 132 -6.77 29.52 -9.73
CA THR D 132 -8.02 29.46 -10.45
C THR D 132 -8.78 28.21 -10.04
N ILE D 133 -9.98 28.39 -9.50
CA ILE D 133 -10.81 27.28 -9.04
C ILE D 133 -11.96 26.96 -10.01
N ASP D 134 -12.41 25.71 -10.01
CA ASP D 134 -13.52 25.32 -10.88
C ASP D 134 -14.35 24.20 -10.24
N GLY D 135 -15.50 23.91 -10.84
CA GLY D 135 -16.36 22.86 -10.30
C GLY D 135 -16.84 23.13 -8.88
N TYR D 136 -17.52 22.15 -8.32
CA TYR D 136 -18.07 22.20 -6.97
C TYR D 136 -17.41 23.19 -6.01
N LYS D 137 -16.09 23.12 -5.91
CA LYS D 137 -15.39 24.02 -5.00
C LYS D 137 -15.76 25.47 -5.29
N ALA D 138 -15.63 25.87 -6.55
CA ALA D 138 -15.96 27.23 -6.94
C ALA D 138 -17.34 27.59 -6.48
N ILE D 139 -18.24 26.61 -6.51
CA ILE D 139 -19.62 26.79 -6.07
C ILE D 139 -19.60 27.11 -4.57
N VAL D 140 -19.04 26.19 -3.80
CA VAL D 140 -18.94 26.42 -2.38
C VAL D 140 -18.31 27.79 -2.12
N TYR D 141 -17.07 27.96 -2.53
CA TYR D 141 -16.37 29.22 -2.35
C TYR D 141 -17.21 30.44 -2.62
N GLN D 142 -17.84 30.50 -3.79
CA GLN D 142 -18.69 31.63 -4.13
C GLN D 142 -19.85 31.81 -3.17
N HIS D 143 -20.44 30.72 -2.71
CA HIS D 143 -21.56 30.79 -1.77
C HIS D 143 -21.10 31.47 -0.50
N GLU D 144 -20.03 30.97 0.11
CA GLU D 144 -19.55 31.55 1.34
C GLU D 144 -19.10 32.98 1.17
N CYS D 145 -18.22 33.22 0.20
CA CYS D 145 -17.76 34.56 0.00
C CYS D 145 -18.94 35.55 -0.14
N ASP D 146 -20.08 35.09 -0.66
CA ASP D 146 -21.24 35.98 -0.83
C ASP D 146 -21.68 36.55 0.52
N HIS D 147 -21.64 35.68 1.53
CA HIS D 147 -22.04 36.05 2.88
C HIS D 147 -21.23 37.24 3.36
N LEU D 148 -20.02 37.35 2.85
CA LEU D 148 -19.15 38.43 3.24
C LEU D 148 -19.63 39.74 2.68
N GLN D 149 -20.33 39.69 1.56
CA GLN D 149 -20.84 40.90 0.93
C GLN D 149 -22.29 41.11 1.33
N GLY D 150 -22.73 40.34 2.32
CA GLY D 150 -24.10 40.42 2.81
C GLY D 150 -25.11 39.87 1.81
N ILE D 151 -24.78 38.73 1.19
CA ILE D 151 -25.67 38.12 0.21
C ILE D 151 -25.96 36.66 0.44
N LEU D 152 -27.25 36.33 0.41
CA LEU D 152 -27.73 34.96 0.61
C LEU D 152 -28.18 34.37 -0.70
N TYR D 153 -27.93 33.07 -0.88
CA TYR D 153 -28.33 32.40 -2.12
C TYR D 153 -29.74 32.78 -2.54
N VAL D 154 -30.63 32.99 -1.58
CA VAL D 154 -31.98 33.36 -1.93
C VAL D 154 -32.03 34.58 -2.85
N ASP D 155 -31.00 35.42 -2.79
CA ASP D 155 -30.93 36.62 -3.63
C ASP D 155 -30.61 36.28 -5.08
N ARG D 156 -30.12 35.06 -5.31
CA ARG D 156 -29.76 34.63 -6.66
C ARG D 156 -30.63 33.54 -7.28
N LEU D 157 -31.76 33.22 -6.65
CA LEU D 157 -32.63 32.19 -7.19
C LEU D 157 -32.94 32.50 -8.64
N LYS D 158 -32.76 31.48 -9.50
CA LYS D 158 -33.02 31.64 -10.91
C LYS D 158 -34.50 31.87 -11.12
N ASP D 159 -35.30 31.00 -10.53
CA ASP D 159 -36.73 31.10 -10.64
C ASP D 159 -37.31 30.71 -9.30
N THR D 160 -38.13 31.60 -8.72
CA THR D 160 -38.75 31.35 -7.41
C THR D 160 -39.60 30.09 -7.37
N LYS D 161 -39.95 29.56 -8.54
CA LYS D 161 -40.73 28.34 -8.59
C LYS D 161 -39.83 27.22 -8.07
N LEU D 162 -38.56 27.28 -8.47
CA LEU D 162 -37.56 26.29 -8.05
C LEU D 162 -36.94 26.64 -6.70
N PHE D 163 -37.73 26.49 -5.65
CA PHE D 163 -37.31 26.84 -4.32
C PHE D 163 -38.41 26.33 -3.41
N GLY D 164 -38.03 25.55 -2.41
CA GLY D 164 -39.02 25.00 -1.48
C GLY D 164 -38.42 24.24 -0.32
N PHE D 165 -39.25 23.58 0.47
CA PHE D 165 -38.78 22.84 1.62
C PHE D 165 -38.28 21.46 1.28
N ASN D 166 -37.18 21.06 1.90
CA ASN D 166 -36.58 19.75 1.66
C ASN D 166 -37.65 18.66 1.83
N GLU D 167 -38.32 18.70 2.98
CA GLU D 167 -39.38 17.74 3.30
C GLU D 167 -40.22 17.40 2.07
N THR D 168 -40.62 18.41 1.30
CA THR D 168 -41.45 18.18 0.13
C THR D 168 -40.78 18.19 -1.24
N LEU D 169 -39.51 18.58 -1.30
CA LEU D 169 -38.81 18.61 -2.59
C LEU D 169 -38.40 17.21 -2.94
N ASP D 170 -38.28 16.39 -1.90
CA ASP D 170 -37.91 14.98 -2.03
C ASP D 170 -39.18 14.18 -2.26
N SER D 171 -39.88 14.61 -3.31
CA SER D 171 -41.12 14.03 -3.79
C SER D 171 -41.10 14.38 -5.28
N SER E 1 29.73 -8.16 26.56
CA SER E 1 28.73 -8.20 27.66
C SER E 1 28.16 -6.81 27.90
N VAL E 2 27.05 -6.75 28.64
CA VAL E 2 26.40 -5.47 28.93
C VAL E 2 26.69 -4.99 30.34
N ARG E 3 27.00 -3.70 30.45
CA ARG E 3 27.30 -3.11 31.74
C ARG E 3 26.16 -2.19 32.20
N LYS E 4 26.13 -1.91 33.49
CA LYS E 4 25.10 -1.03 34.05
C LYS E 4 25.39 0.43 33.73
N ILE E 5 24.33 1.18 33.50
CA ILE E 5 24.48 2.58 33.19
C ILE E 5 24.14 3.43 34.40
N LEU E 6 25.00 4.40 34.70
CA LEU E 6 24.83 5.28 35.84
C LEU E 6 23.69 6.29 35.58
N ARG E 7 22.84 6.49 36.57
CA ARG E 7 21.71 7.41 36.44
C ARG E 7 22.10 8.76 37.00
N MET E 8 21.47 9.81 36.49
CA MET E 8 21.76 11.16 36.94
C MET E 8 21.57 11.26 38.43
N GLY E 9 22.60 11.72 39.10
CA GLY E 9 22.56 11.84 40.54
C GLY E 9 23.90 11.31 41.02
N ASP E 10 24.33 10.19 40.46
CA ASP E 10 25.61 9.61 40.82
C ASP E 10 26.64 10.66 40.42
N PRO E 11 27.53 11.01 41.34
CA PRO E 11 28.55 12.02 41.06
C PRO E 11 29.57 11.65 39.98
N ILE E 12 29.77 10.35 39.76
CA ILE E 12 30.73 9.95 38.75
C ILE E 12 30.46 10.72 37.46
N LEU E 13 29.16 10.91 37.19
CA LEU E 13 28.71 11.60 35.99
C LEU E 13 29.09 13.05 35.93
N ARG E 14 29.63 13.58 37.03
CA ARG E 14 29.99 14.99 37.02
C ARG E 14 31.47 15.22 37.04
N LYS E 15 32.24 14.14 37.16
CA LYS E 15 33.69 14.29 37.19
C LYS E 15 34.31 14.26 35.79
N ILE E 16 35.49 14.87 35.67
CA ILE E 16 36.16 14.94 34.38
C ILE E 16 36.94 13.69 34.05
N SER E 17 36.59 13.06 32.92
CA SER E 17 37.27 11.84 32.48
C SER E 17 38.62 12.27 31.94
N GLU E 18 39.62 11.41 32.08
CA GLU E 18 40.94 11.78 31.60
C GLU E 18 41.37 11.03 30.35
N PRO E 19 42.35 11.59 29.62
CA PRO E 19 42.93 11.07 28.38
C PRO E 19 43.29 9.61 28.36
N VAL E 20 43.40 9.09 27.14
CA VAL E 20 43.75 7.69 26.90
C VAL E 20 45.16 7.72 26.30
N THR E 21 46.04 6.88 26.83
CA THR E 21 47.43 6.82 26.36
C THR E 21 47.61 6.03 25.08
N GLU E 22 48.65 6.38 24.31
CA GLU E 22 48.95 5.70 23.06
C GLU E 22 49.23 4.22 23.33
N ASP E 23 49.29 3.85 24.61
CA ASP E 23 49.56 2.47 25.02
C ASP E 23 48.29 1.72 25.37
N GLU E 24 47.46 2.34 26.20
CA GLU E 24 46.22 1.72 26.63
C GLU E 24 45.41 1.11 25.48
N ILE E 25 45.42 1.78 24.33
CA ILE E 25 44.67 1.34 23.15
C ILE E 25 45.06 -0.04 22.62
N GLN E 26 46.12 -0.61 23.18
CA GLN E 26 46.58 -1.94 22.79
C GLN E 26 46.28 -2.97 23.86
N THR E 27 46.10 -2.51 25.09
CA THR E 27 45.81 -3.40 26.20
C THR E 27 44.63 -4.29 25.82
N LYS E 28 44.70 -5.56 26.19
CA LYS E 28 43.61 -6.48 25.88
C LYS E 28 42.40 -6.02 26.67
N GLU E 29 42.65 -5.41 27.82
CA GLU E 29 41.60 -4.89 28.69
C GLU E 29 40.82 -3.78 27.98
N PHE E 30 41.53 -2.96 27.21
CA PHE E 30 40.92 -1.86 26.45
C PHE E 30 39.92 -2.38 25.42
N LYS E 31 40.41 -3.24 24.53
CA LYS E 31 39.58 -3.84 23.48
C LYS E 31 38.27 -4.40 24.04
N LYS E 32 38.33 -4.94 25.26
CA LYS E 32 37.15 -5.49 25.91
C LYS E 32 36.16 -4.38 26.29
N LEU E 33 36.71 -3.26 26.76
CA LEU E 33 35.88 -2.13 27.14
C LEU E 33 35.04 -1.71 25.94
N ILE E 34 35.72 -1.40 24.85
CA ILE E 34 35.03 -1.01 23.63
C ILE E 34 33.87 -1.97 23.41
N ARG E 35 34.20 -3.25 23.21
CA ARG E 35 33.19 -4.26 22.97
C ARG E 35 32.03 -4.05 23.93
N ASP E 36 32.32 -3.98 25.21
CA ASP E 36 31.29 -3.78 26.20
C ASP E 36 30.49 -2.54 25.90
N MET E 37 31.17 -1.42 25.74
CA MET E 37 30.48 -0.18 25.47
C MET E 37 29.48 -0.37 24.36
N PHE E 38 29.95 -0.86 23.22
CA PHE E 38 29.04 -1.09 22.10
C PHE E 38 27.89 -2.01 22.49
N THR E 39 28.22 -3.23 22.87
CA THR E 39 27.18 -4.17 23.26
C THR E 39 26.19 -3.50 24.24
N THR E 40 26.69 -2.57 25.05
CA THR E 40 25.83 -1.89 26.03
C THR E 40 24.94 -0.88 25.36
N MET E 41 25.54 -0.08 24.48
CA MET E 41 24.81 0.95 23.76
C MET E 41 23.73 0.32 22.92
N ARG E 42 24.12 -0.69 22.15
CA ARG E 42 23.21 -1.42 21.28
C ARG E 42 22.00 -1.91 22.05
N HIS E 43 22.22 -2.36 23.28
CA HIS E 43 21.13 -2.87 24.09
C HIS E 43 20.10 -1.82 24.46
N ALA E 44 20.56 -0.69 24.99
CA ALA E 44 19.65 0.37 25.40
C ALA E 44 19.11 1.16 24.22
N GLU E 45 19.51 0.77 23.01
CA GLU E 45 19.09 1.43 21.77
C GLU E 45 19.55 2.87 21.67
N GLY E 46 20.82 3.09 21.98
CA GLY E 46 21.38 4.42 21.92
C GLY E 46 22.15 4.71 20.65
N VAL E 47 22.43 5.99 20.42
CA VAL E 47 23.15 6.42 19.23
C VAL E 47 24.60 6.68 19.62
N GLY E 48 24.86 6.73 20.92
CA GLY E 48 26.22 6.97 21.37
C GLY E 48 26.41 6.61 22.83
N LEU E 49 27.66 6.61 23.28
CA LEU E 49 27.95 6.27 24.67
C LEU E 49 29.32 6.79 25.11
N ALA E 50 29.40 7.19 26.38
CA ALA E 50 30.63 7.70 26.92
C ALA E 50 31.05 6.85 28.09
N ALA E 51 32.35 6.55 28.14
CA ALA E 51 32.94 5.71 29.18
C ALA E 51 32.34 5.95 30.56
N PRO E 52 32.33 7.21 31.01
CA PRO E 52 31.76 7.49 32.32
C PRO E 52 30.36 6.95 32.50
N GLN E 53 29.56 7.00 31.44
CA GLN E 53 28.19 6.52 31.53
C GLN E 53 28.13 5.11 32.09
N ILE E 54 29.24 4.38 32.02
CA ILE E 54 29.28 3.03 32.57
C ILE E 54 30.22 2.95 33.75
N GLY E 55 30.85 4.07 34.09
CA GLY E 55 31.73 4.11 35.24
C GLY E 55 33.21 4.29 35.02
N ILE E 56 33.65 4.57 33.81
CA ILE E 56 35.08 4.75 33.55
C ILE E 56 35.40 6.17 33.15
N LEU E 57 36.20 6.87 33.95
CA LEU E 57 36.52 8.25 33.61
C LEU E 57 37.69 8.36 32.65
N LYS E 58 37.43 7.98 31.42
CA LYS E 58 38.42 8.02 30.36
C LYS E 58 37.74 8.65 29.14
N GLN E 59 38.48 9.48 28.42
CA GLN E 59 37.93 10.13 27.25
C GLN E 59 37.71 9.14 26.10
N ILE E 60 36.61 8.38 26.19
CA ILE E 60 36.25 7.36 25.21
C ILE E 60 34.78 7.44 24.78
N VAL E 61 34.57 7.65 23.49
CA VAL E 61 33.21 7.74 23.00
C VAL E 61 32.94 6.69 21.95
N VAL E 62 31.68 6.28 21.87
CA VAL E 62 31.22 5.27 20.91
C VAL E 62 29.92 5.74 20.26
N VAL E 63 29.90 5.78 18.93
CA VAL E 63 28.70 6.21 18.22
C VAL E 63 28.34 5.18 17.18
N GLY E 64 27.06 5.11 16.85
CA GLY E 64 26.62 4.14 15.86
C GLY E 64 25.15 3.82 15.98
N SER E 65 24.39 4.25 14.99
CA SER E 65 22.94 4.01 14.95
C SER E 65 22.55 2.89 14.00
N GLU E 66 23.51 2.02 13.67
CA GLU E 66 23.32 0.86 12.79
C GLU E 66 22.55 1.12 11.48
N ASP E 67 22.67 0.15 10.56
CA ASP E 67 21.96 0.22 9.28
C ASP E 67 20.60 -0.45 9.59
N ASN E 68 19.91 0.13 10.56
CA ASN E 68 18.59 -0.33 11.01
C ASN E 68 18.01 0.72 11.98
N GLU E 69 17.59 1.86 11.42
CA GLU E 69 17.01 2.95 12.21
C GLU E 69 15.64 2.51 12.79
N ARG E 70 15.65 2.02 14.05
CA ARG E 70 14.44 1.57 14.73
C ARG E 70 13.64 2.76 15.29
N TYR E 71 13.87 3.93 14.69
CA TYR E 71 13.23 5.18 15.08
C TYR E 71 12.96 6.07 13.85
N PRO E 72 12.31 5.53 12.81
CA PRO E 72 12.05 6.33 11.62
C PRO E 72 12.87 7.61 11.41
N GLY E 73 12.42 8.73 11.94
CA GLY E 73 13.15 9.99 11.74
C GLY E 73 14.66 10.05 11.88
N THR E 74 15.27 9.02 12.49
CA THR E 74 16.72 8.98 12.74
C THR E 74 17.70 8.77 11.58
N PRO E 75 18.45 9.82 11.20
CA PRO E 75 19.43 9.73 10.11
C PRO E 75 20.44 8.78 10.67
N ASP E 76 21.16 8.07 9.81
CA ASP E 76 22.12 7.09 10.32
C ASP E 76 23.58 7.57 10.45
N VAL E 77 24.14 7.33 11.65
CA VAL E 77 25.51 7.67 12.11
C VAL E 77 26.39 6.42 11.99
N PRO E 78 27.50 6.51 11.24
CA PRO E 78 28.41 5.37 11.05
C PRO E 78 29.12 4.92 12.33
N GLU E 79 29.29 3.61 12.48
CA GLU E 79 29.97 3.05 13.64
C GLU E 79 31.36 3.67 13.71
N ARG E 80 31.79 4.04 14.91
CA ARG E 80 33.11 4.63 15.05
C ARG E 80 33.53 4.81 16.49
N ILE E 81 34.84 4.75 16.72
CA ILE E 81 35.41 4.94 18.04
C ILE E 81 36.05 6.33 18.07
N ILE E 82 35.70 7.10 19.10
CA ILE E 82 36.20 8.46 19.27
C ILE E 82 37.01 8.48 20.55
N LEU E 83 38.26 8.87 20.44
CA LEU E 83 39.13 8.92 21.60
C LEU E 83 39.76 10.29 21.79
N ASN E 84 39.80 10.74 23.03
CA ASN E 84 40.39 12.02 23.39
C ASN E 84 39.94 13.13 22.44
N PRO E 85 38.62 13.27 22.26
CA PRO E 85 38.04 14.28 21.39
C PRO E 85 38.18 15.69 21.94
N VAL E 86 38.32 16.64 21.04
CA VAL E 86 38.42 18.04 21.41
C VAL E 86 37.63 18.83 20.39
N ILE E 87 36.63 19.56 20.87
CA ILE E 87 35.78 20.33 19.98
C ILE E 87 35.93 21.83 20.07
N THR E 88 35.62 22.49 18.96
CA THR E 88 35.70 23.94 18.88
C THR E 88 34.55 24.41 18.02
N PRO E 89 33.72 25.33 18.53
CA PRO E 89 32.60 25.84 17.75
C PRO E 89 33.14 26.64 16.60
N LEU E 90 32.44 26.62 15.48
CA LEU E 90 32.86 27.35 14.30
C LEU E 90 31.90 28.49 13.96
N THR E 91 30.69 28.44 14.51
CA THR E 91 29.71 29.49 14.28
C THR E 91 28.85 29.71 15.51
N LYS E 92 28.14 30.83 15.53
CA LYS E 92 27.28 31.13 16.67
C LYS E 92 25.85 30.70 16.37
N ASP E 93 25.64 30.09 15.21
CA ASP E 93 24.31 29.63 14.85
C ASP E 93 23.90 28.40 15.63
N THR E 94 22.61 28.29 15.91
CA THR E 94 22.11 27.16 16.67
C THR E 94 21.01 26.37 15.96
N SER E 95 20.95 25.09 16.30
CA SER E 95 19.97 24.18 15.78
C SER E 95 19.34 23.49 16.98
N GLY E 96 18.04 23.71 17.15
CA GLY E 96 17.34 23.10 18.27
C GLY E 96 17.14 21.60 18.10
N PHE E 97 16.91 20.90 19.21
CA PHE E 97 16.72 19.47 19.13
C PHE E 97 16.29 18.90 20.47
N TRP E 98 15.42 17.89 20.45
CA TRP E 98 14.99 17.30 21.69
C TRP E 98 15.91 16.14 22.03
N GLU E 99 16.81 16.34 22.99
CA GLU E 99 17.73 15.29 23.38
C GLU E 99 17.20 14.48 24.55
N GLY E 100 17.79 13.30 24.71
CA GLY E 100 17.43 12.40 25.79
C GLY E 100 18.69 11.66 26.17
N CYS E 101 18.93 11.49 27.47
CA CYS E 101 20.14 10.80 27.87
C CYS E 101 19.88 9.47 28.56
N LEU E 102 20.74 8.49 28.29
CA LEU E 102 20.59 7.18 28.89
C LEU E 102 20.63 7.31 30.37
N SER E 103 21.35 8.31 30.83
CA SER E 103 21.48 8.55 32.24
C SER E 103 20.27 9.28 32.79
N VAL E 104 19.46 9.84 31.90
CA VAL E 104 18.26 10.56 32.30
C VAL E 104 17.10 9.89 31.59
N PRO E 105 16.75 8.66 32.01
CA PRO E 105 15.69 7.79 31.50
C PRO E 105 14.26 8.34 31.50
N GLY E 106 13.56 8.10 30.39
CA GLY E 106 12.18 8.53 30.26
C GLY E 106 11.93 10.01 30.08
N MET E 107 12.95 10.77 29.72
CA MET E 107 12.77 12.21 29.54
C MET E 107 13.59 12.76 28.40
N ARG E 108 13.06 13.80 27.75
CA ARG E 108 13.75 14.45 26.65
C ARG E 108 13.80 15.87 27.10
N GLY E 109 14.61 16.69 26.46
CA GLY E 109 14.69 18.08 26.82
C GLY E 109 15.17 18.82 25.59
N TYR E 110 14.64 20.00 25.33
CA TYR E 110 15.04 20.78 24.16
C TYR E 110 16.39 21.44 24.34
N VAL E 111 17.31 21.17 23.45
CA VAL E 111 18.66 21.71 23.58
C VAL E 111 19.25 22.31 22.33
N GLU E 112 19.66 23.57 22.41
CA GLU E 112 20.27 24.21 21.26
C GLU E 112 21.79 24.19 21.37
N ARG E 113 22.46 23.62 20.38
CA ARG E 113 23.93 23.56 20.33
C ARG E 113 24.39 24.14 18.99
N PRO E 114 25.66 24.52 18.88
CA PRO E 114 26.15 25.07 17.62
C PRO E 114 25.99 23.98 16.59
N ASN E 115 25.94 24.33 15.30
CA ASN E 115 25.78 23.31 14.25
C ASN E 115 26.97 23.16 13.31
N GLN E 116 28.08 23.80 13.65
CA GLN E 116 29.30 23.71 12.84
C GLN E 116 30.47 23.67 13.82
N ILE E 117 31.16 22.54 13.88
CA ILE E 117 32.25 22.41 14.83
C ILE E 117 33.47 21.75 14.24
N ARG E 118 34.63 22.08 14.77
CA ARG E 118 35.87 21.48 14.31
C ARG E 118 36.32 20.52 15.41
N MET E 119 36.24 19.23 15.14
CA MET E 119 36.63 18.25 16.12
C MET E 119 37.93 17.56 15.75
N GLN E 120 38.70 17.18 16.76
CA GLN E 120 39.96 16.50 16.57
C GLN E 120 39.99 15.30 17.49
N TRP E 121 40.19 14.11 16.93
CA TRP E 121 40.22 12.91 17.75
C TRP E 121 41.26 11.89 17.34
N MET E 122 41.01 10.63 17.67
CA MET E 122 41.95 9.57 17.38
C MET E 122 41.21 8.25 17.51
N ASP E 123 41.50 7.30 16.63
CA ASP E 123 40.83 5.99 16.63
C ASP E 123 41.65 4.85 17.21
N GLU E 124 40.99 3.71 17.39
CA GLU E 124 41.62 2.53 17.96
C GLU E 124 42.97 2.21 17.34
N LYS E 125 43.16 2.66 16.10
CA LYS E 125 44.40 2.39 15.39
C LYS E 125 45.48 3.41 15.67
N GLY E 126 45.06 4.56 16.19
CA GLY E 126 46.02 5.61 16.49
C GLY E 126 46.05 6.75 15.49
N ASN E 127 45.26 6.64 14.43
CA ASN E 127 45.22 7.69 13.42
C ASN E 127 44.56 8.92 14.04
N GLN E 128 45.16 10.08 13.83
CA GLN E 128 44.61 11.33 14.37
C GLN E 128 43.91 12.15 13.28
N PHE E 129 42.65 12.53 13.53
CA PHE E 129 41.89 13.31 12.55
C PHE E 129 41.72 14.76 12.96
N ASP E 130 41.11 15.53 12.07
CA ASP E 130 40.88 16.95 12.30
C ASP E 130 40.00 17.44 11.17
N GLU E 131 38.71 17.16 11.26
CA GLU E 131 37.76 17.57 10.25
C GLU E 131 36.69 18.46 10.83
N THR E 132 35.91 19.07 9.96
CA THR E 132 34.83 19.94 10.40
C THR E 132 33.51 19.20 10.23
N ILE E 133 32.78 19.04 11.33
CA ILE E 133 31.50 18.33 11.34
C ILE E 133 30.31 19.26 11.39
N ASP E 134 29.17 18.82 10.87
CA ASP E 134 27.96 19.62 10.90
C ASP E 134 26.72 18.75 10.95
N GLY E 135 25.58 19.38 11.20
CA GLY E 135 24.33 18.67 11.29
C GLY E 135 24.29 17.65 12.42
N TYR E 136 23.23 16.86 12.44
CA TYR E 136 23.02 15.82 13.43
C TYR E 136 24.28 15.24 14.09
N LYS E 137 25.27 14.87 13.27
CA LYS E 137 26.49 14.29 13.82
C LYS E 137 27.10 15.20 14.90
N ALA E 138 27.32 16.45 14.52
CA ALA E 138 27.88 17.44 15.43
C ALA E 138 27.08 17.42 16.74
N ILE E 139 25.76 17.31 16.62
CA ILE E 139 24.89 17.26 17.78
C ILE E 139 25.33 16.07 18.61
N VAL E 140 25.28 14.89 18.02
CA VAL E 140 25.68 13.70 18.75
C VAL E 140 27.04 13.92 19.35
N TYR E 141 28.03 14.13 18.50
CA TYR E 141 29.38 14.34 18.98
C TYR E 141 29.46 15.25 20.18
N GLN E 142 28.85 16.42 20.08
CA GLN E 142 28.87 17.36 21.19
C GLN E 142 28.22 16.78 22.46
N HIS E 143 27.07 16.14 22.33
CA HIS E 143 26.41 15.55 23.50
C HIS E 143 27.39 14.58 24.15
N GLU E 144 27.90 13.64 23.37
CA GLU E 144 28.81 12.67 23.94
C GLU E 144 30.05 13.32 24.48
N CYS E 145 30.71 14.12 23.66
CA CYS E 145 31.92 14.77 24.12
C CYS E 145 31.69 15.48 25.47
N ASP E 146 30.47 15.99 25.71
CA ASP E 146 30.14 16.70 26.96
C ASP E 146 30.37 15.84 28.19
N HIS E 147 29.85 14.63 28.17
CA HIS E 147 29.98 13.74 29.31
C HIS E 147 31.40 13.65 29.82
N LEU E 148 32.36 13.91 28.95
CA LEU E 148 33.76 13.83 29.33
C LEU E 148 34.15 14.98 30.26
N GLN E 149 33.44 16.09 30.15
CA GLN E 149 33.70 17.26 30.98
C GLN E 149 32.75 17.26 32.16
N GLY E 150 32.12 16.13 32.42
CA GLY E 150 31.18 16.03 33.51
C GLY E 150 29.92 16.86 33.30
N ILE E 151 29.39 16.90 32.09
CA ILE E 151 28.19 17.67 31.81
C ILE E 151 27.04 16.90 31.15
N LEU E 152 25.83 17.07 31.68
CA LEU E 152 24.65 16.40 31.15
C LEU E 152 23.77 17.40 30.42
N TYR E 153 23.13 16.98 29.34
CA TYR E 153 22.29 17.89 28.59
C TYR E 153 21.40 18.74 29.47
N VAL E 154 20.98 18.17 30.58
CA VAL E 154 20.10 18.87 31.50
C VAL E 154 20.71 20.21 31.89
N ASP E 155 22.04 20.29 31.89
CA ASP E 155 22.72 21.51 32.27
C ASP E 155 22.55 22.57 31.20
N ARG E 156 22.13 22.15 30.00
CA ARG E 156 21.98 23.10 28.90
C ARG E 156 20.54 23.37 28.43
N LEU E 157 19.56 22.89 29.19
CA LEU E 157 18.18 23.13 28.78
C LEU E 157 17.97 24.61 28.50
N LYS E 158 17.36 24.90 27.36
CA LYS E 158 17.09 26.28 26.97
C LYS E 158 16.07 26.87 27.95
N ASP E 159 14.98 26.14 28.14
CA ASP E 159 13.93 26.56 29.02
C ASP E 159 13.40 25.32 29.72
N THR E 160 13.38 25.35 31.05
CA THR E 160 12.93 24.22 31.83
C THR E 160 11.48 23.83 31.53
N LYS E 161 10.74 24.72 30.87
CA LYS E 161 9.38 24.40 30.53
C LYS E 161 9.44 23.26 29.51
N LEU E 162 10.39 23.36 28.58
CA LEU E 162 10.61 22.38 27.51
C LEU E 162 11.47 21.20 27.97
N PHE E 163 10.91 20.39 28.84
CA PHE E 163 11.61 19.28 29.42
C PHE E 163 10.53 18.46 30.12
N GLY E 164 10.50 17.15 29.91
CA GLY E 164 9.49 16.35 30.54
C GLY E 164 9.68 14.88 30.24
N PHE E 165 8.69 14.06 30.61
CA PHE E 165 8.73 12.63 30.36
C PHE E 165 8.20 12.25 28.99
N ASN E 166 8.85 11.29 28.34
CA ASN E 166 8.44 10.85 27.02
C ASN E 166 6.97 10.45 27.05
N GLU E 167 6.63 9.57 27.97
CA GLU E 167 5.26 9.11 28.13
C GLU E 167 4.24 10.22 27.86
N THR E 168 4.49 11.41 28.41
CA THR E 168 3.55 12.52 28.25
C THR E 168 3.91 13.60 27.25
N LEU E 169 5.11 13.57 26.70
CA LEU E 169 5.48 14.59 25.71
C LEU E 169 4.86 14.24 24.38
N ASP E 170 4.55 12.95 24.24
CA ASP E 170 3.94 12.38 23.06
C ASP E 170 2.41 12.41 23.29
N SER E 171 1.87 13.55 23.71
CA SER E 171 0.43 13.62 23.96
C SER E 171 -0.12 15.06 24.05
N SER F 1 -7.33 27.44 -36.87
CA SER F 1 -5.86 27.32 -37.17
C SER F 1 -5.50 25.99 -37.84
N VAL F 2 -4.28 25.90 -38.37
CA VAL F 2 -3.80 24.70 -39.05
C VAL F 2 -2.82 23.91 -38.19
N ARG F 3 -3.03 22.59 -38.14
CA ARG F 3 -2.18 21.71 -37.37
C ARG F 3 -1.32 20.86 -38.29
N LYS F 4 -0.26 20.30 -37.74
CA LYS F 4 0.66 19.47 -38.50
C LYS F 4 0.07 18.09 -38.75
N ILE F 5 0.37 17.53 -39.91
CA ILE F 5 -0.11 16.21 -40.27
C ILE F 5 0.99 15.17 -40.14
N LEU F 6 0.67 14.10 -39.42
CA LEU F 6 1.62 13.02 -39.20
C LEU F 6 1.88 12.25 -40.50
N ARG F 7 3.14 11.94 -40.75
CA ARG F 7 3.50 11.23 -41.96
C ARG F 7 3.61 9.74 -41.65
N MET F 8 3.41 8.91 -42.66
CA MET F 8 3.49 7.47 -42.46
C MET F 8 4.84 7.09 -41.89
N GLY F 9 4.80 6.38 -40.78
CA GLY F 9 6.02 5.97 -40.11
C GLY F 9 5.80 6.21 -38.64
N ASP F 10 5.18 7.34 -38.32
CA ASP F 10 4.86 7.69 -36.94
C ASP F 10 3.86 6.64 -36.49
N PRO F 11 4.12 5.97 -35.37
CA PRO F 11 3.22 4.92 -34.87
C PRO F 11 1.84 5.37 -34.46
N ILE F 12 1.68 6.65 -34.16
CA ILE F 12 0.36 7.14 -33.77
C ILE F 12 -0.66 6.69 -34.81
N LEU F 13 -0.25 6.74 -36.08
CA LEU F 13 -1.08 6.37 -37.23
C LEU F 13 -1.51 4.92 -37.25
N ARG F 14 -0.92 4.10 -36.38
CA ARG F 14 -1.25 2.68 -36.34
C ARG F 14 -2.03 2.27 -35.14
N LYS F 15 -2.26 3.21 -34.23
CA LYS F 15 -3.01 2.89 -33.03
C LYS F 15 -4.50 3.15 -33.22
N ILE F 16 -5.30 2.43 -32.44
CA ILE F 16 -6.75 2.55 -32.51
C ILE F 16 -7.31 3.73 -31.73
N SER F 17 -7.99 4.61 -32.46
CA SER F 17 -8.61 5.79 -31.89
C SER F 17 -9.84 5.32 -31.11
N GLU F 18 -10.14 5.98 -30.00
CA GLU F 18 -11.29 5.57 -29.21
C GLU F 18 -12.48 6.52 -29.32
N PRO F 19 -13.68 6.01 -29.00
CA PRO F 19 -14.95 6.72 -29.04
C PRO F 19 -14.99 8.10 -28.43
N VAL F 20 -16.02 8.85 -28.83
CA VAL F 20 -16.25 10.20 -28.36
C VAL F 20 -17.49 10.11 -27.47
N THR F 21 -17.46 10.74 -26.31
CA THR F 21 -18.60 10.69 -25.39
C THR F 21 -19.68 11.72 -25.71
N GLU F 22 -20.91 11.40 -25.32
CA GLU F 22 -22.04 12.29 -25.56
C GLU F 22 -21.79 13.64 -24.88
N ASP F 23 -20.72 13.72 -24.09
CA ASP F 23 -20.37 14.93 -23.38
C ASP F 23 -19.31 15.75 -24.09
N GLU F 24 -18.24 15.09 -24.51
CA GLU F 24 -17.13 15.73 -25.20
C GLU F 24 -17.60 16.66 -26.32
N ILE F 25 -18.65 16.25 -27.03
CA ILE F 25 -19.19 17.02 -28.14
C ILE F 25 -19.69 18.43 -27.79
N GLN F 26 -19.71 18.73 -26.50
CA GLN F 26 -20.14 20.04 -26.03
C GLN F 26 -18.97 20.87 -25.49
N THR F 27 -17.90 20.19 -25.09
CA THR F 27 -16.71 20.88 -24.58
C THR F 27 -16.30 21.95 -25.58
N LYS F 28 -15.90 23.11 -25.08
CA LYS F 28 -15.48 24.20 -25.97
C LYS F 28 -14.22 23.73 -26.68
N GLU F 29 -13.45 22.86 -26.02
CA GLU F 29 -12.21 22.32 -26.58
C GLU F 29 -12.49 21.47 -27.86
N PHE F 30 -13.62 20.75 -27.84
CA PHE F 30 -14.06 19.90 -28.95
C PHE F 30 -14.32 20.75 -30.20
N LYS F 31 -15.25 21.68 -30.07
CA LYS F 31 -15.63 22.59 -31.15
C LYS F 31 -14.38 23.18 -31.83
N LYS F 32 -13.34 23.45 -31.04
CA LYS F 32 -12.12 24.01 -31.59
C LYS F 32 -11.39 22.98 -32.43
N LEU F 33 -11.43 21.72 -32.00
CA LEU F 33 -10.78 20.63 -32.73
C LEU F 33 -11.38 20.55 -34.15
N ILE F 34 -12.69 20.40 -34.21
CA ILE F 34 -13.38 20.35 -35.47
C ILE F 34 -12.84 21.48 -36.35
N ARG F 35 -13.06 22.72 -35.93
CA ARG F 35 -12.59 23.89 -36.67
C ARG F 35 -11.19 23.65 -37.18
N ASP F 36 -10.28 23.27 -36.30
CA ASP F 36 -8.92 23.01 -36.69
C ASP F 36 -8.88 21.97 -37.79
N MET F 37 -9.51 20.82 -37.54
CA MET F 37 -9.53 19.76 -38.52
C MET F 37 -9.91 20.31 -39.89
N PHE F 38 -11.07 20.94 -39.96
CA PHE F 38 -11.50 21.51 -41.24
C PHE F 38 -10.43 22.45 -41.80
N THR F 39 -10.16 23.53 -41.09
CA THR F 39 -9.17 24.50 -41.55
C THR F 39 -7.88 23.76 -42.01
N THR F 40 -7.57 22.62 -41.39
CA THR F 40 -6.37 21.88 -41.76
C THR F 40 -6.56 21.14 -43.08
N MET F 41 -7.69 20.45 -43.19
CA MET F 41 -8.02 19.70 -44.38
C MET F 41 -8.08 20.65 -45.57
N ARG F 42 -8.85 21.72 -45.42
CA ARG F 42 -9.01 22.70 -46.48
C ARG F 42 -7.66 23.17 -47.00
N HIS F 43 -6.70 23.32 -46.10
CA HIS F 43 -5.37 23.78 -46.47
C HIS F 43 -4.62 22.83 -47.38
N ALA F 44 -4.55 21.56 -46.97
CA ALA F 44 -3.84 20.55 -47.74
C ALA F 44 -4.63 20.09 -48.97
N GLU F 45 -5.82 20.67 -49.16
CA GLU F 45 -6.71 20.34 -50.28
C GLU F 45 -7.21 18.90 -50.25
N GLY F 46 -7.63 18.46 -49.07
CA GLY F 46 -8.11 17.10 -48.95
C GLY F 46 -9.61 17.01 -49.03
N VAL F 47 -10.09 15.78 -49.12
CA VAL F 47 -11.51 15.54 -49.20
C VAL F 47 -12.02 15.05 -47.84
N GLY F 48 -11.08 14.67 -46.99
CA GLY F 48 -11.48 14.19 -45.68
C GLY F 48 -10.32 14.20 -44.71
N LEU F 49 -10.62 13.98 -43.43
CA LEU F 49 -9.57 13.96 -42.42
C LEU F 49 -9.99 13.20 -41.18
N ALA F 50 -9.02 12.56 -40.55
CA ALA F 50 -9.27 11.79 -39.34
C ALA F 50 -8.41 12.31 -38.20
N ALA F 51 -9.04 12.45 -37.04
CA ALA F 51 -8.40 12.97 -35.84
C ALA F 51 -6.95 12.53 -35.69
N PRO F 52 -6.71 11.23 -35.78
CA PRO F 52 -5.32 10.75 -35.65
C PRO F 52 -4.37 11.40 -36.64
N GLN F 53 -4.83 11.67 -37.85
CA GLN F 53 -3.96 12.27 -38.83
C GLN F 53 -3.26 13.52 -38.29
N ILE F 54 -3.85 14.13 -37.26
CA ILE F 54 -3.25 15.32 -36.65
C ILE F 54 -2.76 15.02 -35.25
N GLY F 55 -2.95 13.80 -34.79
CA GLY F 55 -2.47 13.42 -33.47
C GLY F 55 -3.46 13.06 -32.39
N ILE F 56 -4.75 13.05 -32.70
CA ILE F 56 -5.74 12.72 -31.68
C ILE F 56 -6.39 11.38 -31.91
N LEU F 57 -6.20 10.45 -30.98
CA LEU F 57 -6.82 9.15 -31.17
C LEU F 57 -8.25 9.12 -30.68
N LYS F 58 -9.11 9.74 -31.47
CA LYS F 58 -10.54 9.81 -31.19
C LYS F 58 -11.29 9.57 -32.50
N GLN F 59 -12.36 8.80 -32.43
CA GLN F 59 -13.14 8.49 -33.61
C GLN F 59 -13.86 9.70 -34.15
N ILE F 60 -13.11 10.56 -34.82
CA ILE F 60 -13.63 11.80 -35.42
C ILE F 60 -13.21 11.98 -36.87
N VAL F 61 -14.21 12.12 -37.75
CA VAL F 61 -13.90 12.30 -39.15
C VAL F 61 -14.50 13.56 -39.70
N VAL F 62 -13.85 14.11 -40.73
CA VAL F 62 -14.30 15.32 -41.36
C VAL F 62 -14.19 15.18 -42.87
N VAL F 63 -15.30 15.42 -43.56
CA VAL F 63 -15.33 15.31 -45.02
C VAL F 63 -15.88 16.56 -45.67
N GLY F 64 -15.44 16.79 -46.91
CA GLY F 64 -15.88 17.95 -47.68
C GLY F 64 -15.16 18.09 -49.02
N SER F 65 -15.88 18.57 -50.03
CA SER F 65 -15.29 18.78 -51.36
C SER F 65 -15.07 20.28 -51.55
N GLU F 66 -13.81 20.63 -51.80
CA GLU F 66 -13.40 22.02 -52.00
C GLU F 66 -14.28 22.87 -52.94
N ASP F 67 -13.92 22.95 -54.22
CA ASP F 67 -14.65 23.75 -55.21
C ASP F 67 -14.98 23.07 -56.58
N ASN F 68 -14.19 22.06 -56.97
CA ASN F 68 -14.37 21.30 -58.23
C ASN F 68 -13.88 21.97 -59.55
N GLU F 69 -12.56 22.15 -59.65
CA GLU F 69 -11.91 22.76 -60.83
C GLU F 69 -10.54 22.09 -61.11
N ARG F 70 -9.86 21.68 -60.03
CA ARG F 70 -8.57 20.99 -60.12
C ARG F 70 -8.86 19.52 -59.88
N TYR F 71 -10.15 19.20 -59.79
CA TYR F 71 -10.70 17.86 -59.60
C TYR F 71 -11.91 17.78 -60.53
N PRO F 72 -11.65 17.84 -61.86
CA PRO F 72 -12.63 17.79 -62.96
C PRO F 72 -13.47 16.51 -63.06
N GLY F 73 -12.85 15.37 -62.74
CA GLY F 73 -13.54 14.09 -62.81
C GLY F 73 -14.36 13.69 -61.59
N THR F 74 -14.15 14.36 -60.44
CA THR F 74 -14.88 14.05 -59.20
C THR F 74 -15.97 15.09 -58.82
N PRO F 75 -17.24 14.63 -58.73
CA PRO F 75 -18.46 15.40 -58.40
C PRO F 75 -18.40 16.36 -57.23
N ASP F 76 -18.66 15.84 -56.03
CA ASP F 76 -18.66 16.64 -54.81
C ASP F 76 -19.06 15.85 -53.55
N VAL F 77 -18.45 16.22 -52.41
CA VAL F 77 -18.74 15.62 -51.09
C VAL F 77 -19.16 16.74 -50.14
N PRO F 78 -20.40 16.71 -49.66
CA PRO F 78 -20.90 17.75 -48.75
C PRO F 78 -20.17 17.79 -47.41
N GLU F 79 -19.99 19.02 -46.90
CA GLU F 79 -19.33 19.22 -45.61
C GLU F 79 -20.08 18.43 -44.56
N ARG F 80 -19.35 17.77 -43.68
CA ARG F 80 -20.00 17.00 -42.63
C ARG F 80 -19.04 16.45 -41.58
N ILE F 81 -19.55 16.28 -40.36
CA ILE F 81 -18.78 15.74 -39.26
C ILE F 81 -19.27 14.29 -39.05
N ILE F 82 -18.31 13.37 -38.98
CA ILE F 82 -18.61 11.96 -38.77
C ILE F 82 -18.00 11.55 -37.44
N LEU F 83 -18.82 11.04 -36.54
CA LEU F 83 -18.33 10.63 -35.24
C LEU F 83 -18.69 9.19 -34.93
N ASN F 84 -17.72 8.47 -34.39
CA ASN F 84 -17.91 7.07 -34.01
C ASN F 84 -18.58 6.28 -35.12
N PRO F 85 -18.00 6.33 -36.34
CA PRO F 85 -18.55 5.62 -37.50
C PRO F 85 -18.33 4.13 -37.41
N VAL F 86 -19.27 3.38 -37.99
CA VAL F 86 -19.17 1.94 -38.01
C VAL F 86 -19.67 1.50 -39.37
N ILE F 87 -18.83 0.79 -40.11
CA ILE F 87 -19.20 0.37 -41.44
C ILE F 87 -19.39 -1.12 -41.60
N THR F 88 -20.21 -1.49 -42.57
CA THR F 88 -20.49 -2.89 -42.88
C THR F 88 -20.66 -3.01 -44.40
N PRO F 89 -19.86 -3.88 -45.02
CA PRO F 89 -19.96 -4.06 -46.48
C PRO F 89 -21.31 -4.66 -46.78
N LEU F 90 -21.86 -4.29 -47.94
CA LEU F 90 -23.16 -4.79 -48.36
C LEU F 90 -23.05 -5.71 -49.56
N THR F 91 -21.94 -5.62 -50.29
CA THR F 91 -21.73 -6.46 -51.45
C THR F 91 -20.25 -6.83 -51.61
N LYS F 92 -19.97 -7.84 -52.42
CA LYS F 92 -18.59 -8.24 -52.62
C LYS F 92 -18.00 -7.58 -53.87
N ASP F 93 -18.79 -6.74 -54.51
CA ASP F 93 -18.34 -6.05 -55.72
C ASP F 93 -17.34 -4.98 -55.39
N THR F 94 -16.37 -4.77 -56.28
CA THR F 94 -15.35 -3.76 -56.05
C THR F 94 -15.25 -2.70 -57.13
N SER F 95 -14.80 -1.52 -56.71
CA SER F 95 -14.60 -0.39 -57.61
C SER F 95 -13.17 0.08 -57.37
N GLY F 96 -12.35 0.02 -58.41
CA GLY F 96 -10.96 0.43 -58.30
C GLY F 96 -10.81 1.93 -58.22
N PHE F 97 -9.68 2.39 -57.68
CA PHE F 97 -9.47 3.83 -57.56
C PHE F 97 -8.06 4.13 -57.07
N TRP F 98 -7.48 5.22 -57.59
CA TRP F 98 -6.14 5.60 -57.16
C TRP F 98 -6.22 6.54 -55.98
N GLU F 99 -5.97 5.99 -54.80
CA GLU F 99 -6.02 6.80 -53.59
C GLU F 99 -4.66 7.41 -53.24
N GLY F 100 -4.73 8.51 -52.50
CA GLY F 100 -3.55 9.23 -52.02
C GLY F 100 -3.88 9.67 -50.60
N CYS F 101 -3.00 9.35 -49.66
CA CYS F 101 -3.25 9.72 -48.28
C CYS F 101 -2.48 10.97 -47.99
N LEU F 102 -3.07 11.85 -47.19
CA LEU F 102 -2.38 13.07 -46.85
C LEU F 102 -1.12 12.69 -46.08
N SER F 103 -1.19 11.57 -45.38
CA SER F 103 -0.06 11.10 -44.59
C SER F 103 1.02 10.46 -45.48
N VAL F 104 0.67 10.20 -46.73
CA VAL F 104 1.61 9.60 -47.67
C VAL F 104 1.63 10.53 -48.87
N PRO F 105 2.24 11.70 -48.68
CA PRO F 105 2.40 12.78 -49.66
C PRO F 105 3.15 12.46 -50.96
N GLY F 106 2.59 12.94 -52.07
CA GLY F 106 3.19 12.74 -53.38
C GLY F 106 3.13 11.35 -53.99
N MET F 107 2.24 10.51 -53.48
CA MET F 107 2.11 9.13 -53.99
C MET F 107 0.66 8.65 -54.05
N ARG F 108 0.31 7.99 -55.14
CA ARG F 108 -1.00 7.46 -55.33
C ARG F 108 -0.86 5.94 -55.46
N GLY F 109 -1.92 5.21 -55.09
CA GLY F 109 -1.89 3.76 -55.19
C GLY F 109 -3.27 3.26 -55.59
N TYR F 110 -3.32 2.18 -56.37
CA TYR F 110 -4.60 1.65 -56.80
C TYR F 110 -5.21 0.79 -55.72
N VAL F 111 -6.44 1.13 -55.32
CA VAL F 111 -7.10 0.40 -54.25
C VAL F 111 -8.55 0.04 -54.53
N GLU F 112 -8.88 -1.24 -54.41
CA GLU F 112 -10.25 -1.68 -54.63
C GLU F 112 -10.97 -1.87 -53.29
N ARG F 113 -12.09 -1.19 -53.13
CA ARG F 113 -12.89 -1.30 -51.90
C ARG F 113 -14.33 -1.58 -52.30
N PRO F 114 -15.13 -2.15 -51.38
CA PRO F 114 -16.52 -2.43 -51.71
C PRO F 114 -17.19 -1.12 -52.14
N ASN F 115 -18.29 -1.18 -52.88
CA ASN F 115 -18.95 0.05 -53.32
C ASN F 115 -20.36 0.21 -52.78
N GLN F 116 -20.74 -0.64 -51.83
CA GLN F 116 -22.05 -0.53 -51.21
C GLN F 116 -21.86 -0.87 -49.73
N ILE F 117 -22.01 0.12 -48.88
CA ILE F 117 -21.81 -0.06 -47.45
C ILE F 117 -22.87 0.56 -46.58
N ARG F 118 -23.08 -0.04 -45.41
CA ARG F 118 -24.04 0.48 -44.45
C ARG F 118 -23.26 1.11 -43.32
N MET F 119 -23.31 2.44 -43.23
CA MET F 119 -22.59 3.15 -42.20
C MET F 119 -23.52 3.74 -41.14
N GLN F 120 -23.04 3.76 -39.90
CA GLN F 120 -23.79 4.28 -38.77
C GLN F 120 -22.87 5.23 -38.03
N TRP F 121 -23.30 6.48 -37.89
CA TRP F 121 -22.50 7.48 -37.20
C TRP F 121 -23.28 8.41 -36.31
N MET F 122 -22.72 9.60 -36.09
CA MET F 122 -23.35 10.57 -35.21
C MET F 122 -22.68 11.92 -35.47
N ASP F 123 -23.47 13.00 -35.43
CA ASP F 123 -22.94 14.34 -35.69
C ASP F 123 -22.76 15.21 -34.46
N GLU F 124 -22.12 16.36 -34.67
CA GLU F 124 -21.84 17.32 -33.61
C GLU F 124 -23.06 17.60 -32.74
N LYS F 125 -24.23 17.38 -33.29
CA LYS F 125 -25.47 17.64 -32.56
C LYS F 125 -25.93 16.44 -31.77
N GLY F 126 -25.38 15.28 -32.09
CA GLY F 126 -25.78 14.08 -31.37
C GLY F 126 -26.78 13.20 -32.09
N ASN F 127 -27.22 13.63 -33.26
CA ASN F 127 -28.17 12.83 -34.02
C ASN F 127 -27.45 11.57 -34.52
N GLN F 128 -28.09 10.42 -34.40
CA GLN F 128 -27.47 9.18 -34.86
C GLN F 128 -28.13 8.71 -36.17
N PHE F 129 -27.30 8.46 -37.18
CA PHE F 129 -27.79 8.00 -38.49
C PHE F 129 -27.53 6.52 -38.75
N ASP F 130 -28.05 6.04 -39.87
CA ASP F 130 -27.90 4.65 -40.27
C ASP F 130 -28.43 4.54 -41.68
N GLU F 131 -27.62 4.97 -42.64
CA GLU F 131 -28.02 4.92 -44.04
C GLU F 131 -27.08 4.06 -44.86
N THR F 132 -27.47 3.75 -46.09
CA THR F 132 -26.61 2.95 -46.95
C THR F 132 -25.95 3.87 -47.98
N ILE F 133 -24.62 3.87 -48.01
CA ILE F 133 -23.86 4.73 -48.91
C ILE F 133 -23.27 3.95 -50.07
N ASP F 134 -23.06 4.63 -51.19
CA ASP F 134 -22.46 4.00 -52.36
C ASP F 134 -21.64 4.99 -53.18
N GLY F 135 -20.90 4.46 -54.14
CA GLY F 135 -20.09 5.30 -54.97
C GLY F 135 -19.04 6.09 -54.21
N TYR F 136 -18.36 6.97 -54.92
CA TYR F 136 -17.30 7.81 -54.37
C TYR F 136 -17.33 8.07 -52.87
N LYS F 137 -18.48 8.48 -52.36
CA LYS F 137 -18.60 8.75 -50.94
C LYS F 137 -18.15 7.53 -50.13
N ALA F 138 -18.73 6.38 -50.42
CA ALA F 138 -18.37 5.14 -49.73
C ALA F 138 -16.87 4.96 -49.72
N ILE F 139 -16.23 5.32 -50.83
CA ILE F 139 -14.79 5.21 -50.95
C ILE F 139 -14.17 6.12 -49.93
N VAL F 140 -14.51 7.40 -50.00
CA VAL F 140 -13.98 8.35 -49.03
C VAL F 140 -14.21 7.81 -47.62
N TYR F 141 -15.48 7.71 -47.23
CA TYR F 141 -15.83 7.22 -45.92
C TYR F 141 -14.98 6.05 -45.48
N GLN F 142 -14.89 5.02 -46.30
CA GLN F 142 -14.09 3.84 -45.95
C GLN F 142 -12.64 4.19 -45.75
N HIS F 143 -12.11 4.99 -46.66
CA HIS F 143 -10.72 5.43 -46.57
C HIS F 143 -10.56 6.12 -45.22
N GLU F 144 -11.44 7.08 -44.94
CA GLU F 144 -11.37 7.80 -43.69
C GLU F 144 -11.59 6.91 -42.50
N CYS F 145 -12.68 6.16 -42.49
CA CYS F 145 -12.94 5.27 -41.37
C CYS F 145 -11.73 4.34 -41.08
N ASP F 146 -10.97 4.00 -42.11
CA ASP F 146 -9.79 3.14 -41.93
C ASP F 146 -8.80 3.76 -40.95
N HIS F 147 -8.58 5.06 -41.12
CA HIS F 147 -7.65 5.79 -40.29
C HIS F 147 -7.96 5.57 -38.85
N LEU F 148 -9.23 5.32 -38.55
CA LEU F 148 -9.63 5.13 -37.18
C LEU F 148 -9.22 3.78 -36.63
N GLN F 149 -9.06 2.80 -37.52
CA GLN F 149 -8.67 1.47 -37.09
C GLN F 149 -7.17 1.30 -37.26
N GLY F 150 -6.49 2.42 -37.49
CA GLY F 150 -5.05 2.39 -37.68
C GLY F 150 -4.63 1.77 -38.99
N ILE F 151 -5.37 2.06 -40.06
CA ILE F 151 -5.04 1.50 -41.36
C ILE F 151 -4.87 2.50 -42.51
N LEU F 152 -3.78 2.34 -43.25
CA LEU F 152 -3.50 3.21 -44.38
C LEU F 152 -3.74 2.49 -45.70
N TYR F 153 -4.27 3.20 -46.68
CA TYR F 153 -4.53 2.59 -47.98
C TYR F 153 -3.37 1.70 -48.43
N VAL F 154 -2.15 2.07 -48.08
CA VAL F 154 -1.02 1.27 -48.49
C VAL F 154 -1.16 -0.16 -48.02
N ASP F 155 -1.95 -0.38 -46.98
CA ASP F 155 -2.16 -1.72 -46.46
C ASP F 155 -3.08 -2.54 -47.37
N ARG F 156 -3.79 -1.85 -48.25
CA ARG F 156 -4.73 -2.52 -49.15
C ARG F 156 -4.36 -2.51 -50.64
N LEU F 157 -3.15 -2.08 -50.98
CA LEU F 157 -2.75 -2.06 -52.38
C LEU F 157 -3.03 -3.42 -53.00
N LYS F 158 -3.69 -3.39 -54.15
CA LYS F 158 -4.02 -4.62 -54.84
C LYS F 158 -2.72 -5.29 -55.30
N ASP F 159 -1.90 -4.49 -55.98
CA ASP F 159 -0.63 -4.98 -56.48
C ASP F 159 0.36 -3.85 -56.30
N THR F 160 1.46 -4.17 -55.62
CA THR F 160 2.51 -3.20 -55.37
C THR F 160 3.09 -2.58 -56.64
N LYS F 161 2.87 -3.24 -57.77
CA LYS F 161 3.37 -2.70 -59.03
C LYS F 161 2.61 -1.41 -59.29
N LEU F 162 1.31 -1.44 -58.97
CA LEU F 162 0.43 -0.30 -59.15
C LEU F 162 0.49 0.65 -57.95
N PHE F 163 1.61 1.32 -57.82
CA PHE F 163 1.83 2.22 -56.72
C PHE F 163 3.10 2.98 -57.07
N GLY F 164 3.05 4.30 -56.99
CA GLY F 164 4.23 5.10 -57.33
C GLY F 164 4.06 6.58 -57.04
N PHE F 165 5.03 7.39 -57.44
CA PHE F 165 4.98 8.83 -57.23
C PHE F 165 4.19 9.54 -58.32
N ASN F 166 3.39 10.53 -57.91
CA ASN F 166 2.57 11.28 -58.84
C ASN F 166 3.46 11.82 -59.97
N GLU F 167 4.54 12.50 -59.59
CA GLU F 167 5.47 13.06 -60.56
C GLU F 167 5.65 12.16 -61.78
N THR F 168 5.86 10.87 -61.54
CA THR F 168 6.08 9.92 -62.63
C THR F 168 4.90 9.03 -63.07
N LEU F 169 3.78 9.06 -62.37
CA LEU F 169 2.63 8.24 -62.76
C LEU F 169 1.91 8.94 -63.89
N ASP F 170 2.10 10.25 -63.93
CA ASP F 170 1.53 11.12 -64.95
C ASP F 170 2.63 11.19 -66.01
N SER F 171 3.38 10.08 -66.13
CA SER F 171 4.50 9.96 -67.08
C SER F 171 5.62 9.11 -66.44
N SER G 1 30.17 11.04 -66.27
CA SER G 1 29.01 11.97 -66.05
C SER G 1 27.92 11.30 -65.21
N VAL G 2 26.96 12.11 -64.74
CA VAL G 2 25.85 11.62 -63.93
C VAL G 2 24.54 11.55 -64.72
N ARG G 3 23.83 10.44 -64.56
CA ARG G 3 22.56 10.23 -65.25
C ARG G 3 21.39 10.31 -64.28
N LYS G 4 20.19 10.55 -64.84
CA LYS G 4 18.98 10.64 -64.04
C LYS G 4 18.53 9.25 -63.56
N ILE G 5 18.01 9.19 -62.34
CA ILE G 5 17.54 7.94 -61.77
C ILE G 5 16.02 7.89 -61.82
N LEU G 6 15.52 6.77 -62.32
CA LEU G 6 14.07 6.57 -62.45
C LEU G 6 13.43 6.32 -61.09
N ARG G 7 12.31 7.00 -60.85
CA ARG G 7 11.60 6.89 -59.59
C ARG G 7 10.53 5.82 -59.71
N MET G 8 10.18 5.19 -58.59
CA MET G 8 9.17 4.16 -58.59
C MET G 8 7.88 4.72 -59.15
N GLY G 9 7.36 4.02 -60.16
CA GLY G 9 6.15 4.46 -60.83
C GLY G 9 6.39 4.32 -62.32
N ASP G 10 7.59 4.69 -62.75
CA ASP G 10 8.00 4.54 -64.16
C ASP G 10 8.02 3.02 -64.40
N PRO G 11 7.32 2.56 -65.44
CA PRO G 11 7.28 1.13 -65.76
C PRO G 11 8.62 0.49 -66.15
N ILE G 12 9.57 1.28 -66.63
CA ILE G 12 10.84 0.73 -66.99
C ILE G 12 11.38 -0.11 -65.83
N LEU G 13 11.11 0.35 -64.63
CA LEU G 13 11.56 -0.31 -63.42
C LEU G 13 10.93 -1.69 -63.18
N ARG G 14 9.89 -2.02 -63.94
CA ARG G 14 9.22 -3.30 -63.76
C ARG G 14 9.48 -4.30 -64.87
N LYS G 15 10.21 -3.87 -65.90
CA LYS G 15 10.53 -4.76 -67.01
C LYS G 15 11.81 -5.51 -66.77
N ILE G 16 11.92 -6.67 -67.42
CA ILE G 16 13.09 -7.50 -67.26
C ILE G 16 14.25 -7.07 -68.15
N SER G 17 15.39 -6.85 -67.51
CA SER G 17 16.59 -6.45 -68.22
C SER G 17 17.17 -7.71 -68.87
N GLU G 18 17.73 -7.56 -70.05
CA GLU G 18 18.28 -8.73 -70.72
C GLU G 18 19.79 -8.79 -70.69
N PRO G 19 20.35 -10.01 -70.85
CA PRO G 19 21.78 -10.35 -70.85
C PRO G 19 22.70 -9.44 -71.64
N VAL G 20 23.98 -9.55 -71.29
CA VAL G 20 25.02 -8.77 -71.94
C VAL G 20 25.86 -9.77 -72.71
N THR G 21 26.17 -9.44 -73.96
CA THR G 21 26.95 -10.32 -74.82
C THR G 21 28.45 -10.24 -74.58
N GLU G 22 29.15 -11.34 -74.85
CA GLU G 22 30.60 -11.39 -74.67
C GLU G 22 31.28 -10.32 -75.55
N ASP G 23 30.49 -9.65 -76.38
CA ASP G 23 30.98 -8.61 -77.29
C ASP G 23 30.75 -7.22 -76.73
N GLU G 24 29.53 -6.96 -76.30
CA GLU G 24 29.17 -5.65 -75.76
C GLU G 24 30.17 -5.12 -74.74
N ILE G 25 30.73 -6.02 -73.94
CA ILE G 25 31.70 -5.64 -72.91
C ILE G 25 32.98 -4.97 -73.43
N GLN G 26 33.15 -4.94 -74.75
CA GLN G 26 34.32 -4.32 -75.38
C GLN G 26 33.97 -3.02 -76.07
N THR G 27 32.69 -2.84 -76.40
CA THR G 27 32.22 -1.62 -77.07
C THR G 27 32.68 -0.44 -76.25
N LYS G 28 33.10 0.62 -76.92
CA LYS G 28 33.54 1.82 -76.20
C LYS G 28 32.34 2.43 -75.49
N GLU G 29 31.15 2.21 -76.06
CA GLU G 29 29.89 2.71 -75.51
C GLU G 29 29.62 2.07 -74.13
N PHE G 30 29.97 0.78 -74.01
CA PHE G 30 29.82 0.01 -72.77
C PHE G 30 30.65 0.64 -71.63
N LYS G 31 31.96 0.67 -71.84
CA LYS G 31 32.89 1.24 -70.87
C LYS G 31 32.37 2.58 -70.36
N LYS G 32 31.72 3.36 -71.23
CA LYS G 32 31.18 4.66 -70.84
C LYS G 32 30.01 4.50 -69.88
N LEU G 33 29.19 3.48 -70.13
CA LEU G 33 28.04 3.21 -69.28
C LEU G 33 28.53 2.96 -67.85
N ILE G 34 29.41 1.97 -67.70
CA ILE G 34 29.97 1.65 -66.40
C ILE G 34 30.35 2.94 -65.72
N ARG G 35 31.32 3.64 -66.30
CA ARG G 35 31.77 4.91 -65.76
C ARG G 35 30.58 5.71 -65.27
N ASP G 36 29.60 5.93 -66.14
CA ASP G 36 28.40 6.68 -65.78
C ASP G 36 27.73 6.09 -64.57
N MET G 37 27.46 4.79 -64.62
CA MET G 37 26.81 4.15 -63.50
C MET G 37 27.54 4.50 -62.20
N PHE G 38 28.84 4.22 -62.14
CA PHE G 38 29.61 4.52 -60.95
C PHE G 38 29.46 5.98 -60.57
N THR G 39 29.93 6.89 -61.42
CA THR G 39 29.84 8.33 -61.16
C THR G 39 28.43 8.70 -60.67
N THR G 40 27.41 7.98 -61.13
CA THR G 40 26.00 8.23 -60.75
C THR G 40 25.71 7.71 -59.33
N MET G 41 26.12 6.48 -59.07
CA MET G 41 25.95 5.86 -57.77
C MET G 41 26.68 6.67 -56.70
N ARG G 42 27.95 6.97 -56.97
CA ARG G 42 28.80 7.75 -56.06
C ARG G 42 28.14 9.07 -55.67
N HIS G 43 27.51 9.72 -56.65
CA HIS G 43 26.84 10.99 -56.39
C HIS G 43 25.68 10.86 -55.40
N ALA G 44 24.76 9.93 -55.65
CA ALA G 44 23.61 9.73 -54.77
C ALA G 44 23.95 9.02 -53.46
N GLU G 45 25.23 8.70 -53.29
CA GLU G 45 25.75 8.02 -52.10
C GLU G 45 25.15 6.64 -51.92
N GLY G 46 25.12 5.87 -53.01
CA GLY G 46 24.56 4.53 -52.94
C GLY G 46 25.62 3.45 -52.76
N VAL G 47 25.18 2.25 -52.44
CA VAL G 47 26.09 1.14 -52.24
C VAL G 47 26.07 0.26 -53.49
N GLY G 48 25.08 0.50 -54.34
CA GLY G 48 24.97 -0.27 -55.57
C GLY G 48 24.05 0.39 -56.57
N LEU G 49 24.03 -0.16 -57.78
CA LEU G 49 23.20 0.38 -58.84
C LEU G 49 22.95 -0.64 -59.95
N ALA G 50 21.75 -0.58 -60.52
CA ALA G 50 21.37 -1.49 -61.60
C ALA G 50 21.04 -0.69 -62.86
N ALA G 51 21.56 -1.15 -63.99
CA ALA G 51 21.36 -0.49 -65.29
C ALA G 51 19.98 0.15 -65.44
N PRO G 52 18.92 -0.64 -65.21
CA PRO G 52 17.56 -0.10 -65.34
C PRO G 52 17.30 1.15 -64.52
N GLN G 53 17.91 1.20 -63.34
CA GLN G 53 17.71 2.36 -62.48
C GLN G 53 17.98 3.65 -63.23
N ILE G 54 18.79 3.56 -64.28
CA ILE G 54 19.11 4.75 -65.08
C ILE G 54 18.48 4.69 -66.46
N GLY G 55 17.77 3.59 -66.73
CA GLY G 55 17.08 3.46 -68.00
C GLY G 55 17.58 2.41 -68.99
N ILE G 56 18.51 1.56 -68.58
CA ILE G 56 19.01 0.55 -69.50
C ILE G 56 18.63 -0.84 -69.07
N LEU G 57 17.83 -1.54 -69.88
CA LEU G 57 17.44 -2.88 -69.52
C LEU G 57 18.47 -3.93 -69.94
N LYS G 58 19.58 -3.94 -69.20
CA LYS G 58 20.67 -4.88 -69.41
C LYS G 58 21.10 -5.38 -68.03
N GLN G 59 21.39 -6.67 -67.92
CA GLN G 59 21.79 -7.23 -66.63
C GLN G 59 23.19 -6.75 -66.23
N ILE G 60 23.24 -5.52 -65.70
CA ILE G 60 24.48 -4.86 -65.27
C ILE G 60 24.36 -4.26 -63.89
N VAL G 61 25.22 -4.71 -62.98
CA VAL G 61 25.21 -4.20 -61.62
C VAL G 61 26.53 -3.59 -61.24
N VAL G 62 26.46 -2.59 -60.38
CA VAL G 62 27.63 -1.88 -59.87
C VAL G 62 27.55 -1.75 -58.35
N VAL G 63 28.57 -2.25 -57.64
CA VAL G 63 28.57 -2.14 -56.19
C VAL G 63 29.84 -1.49 -55.71
N GLY G 64 29.76 -0.85 -54.54
CA GLY G 64 30.93 -0.20 -53.98
C GLY G 64 30.71 0.69 -52.76
N SER G 65 31.23 0.23 -51.62
CA SER G 65 31.16 0.98 -50.38
C SER G 65 32.47 1.79 -50.34
N GLU G 66 32.40 3.04 -50.84
CA GLU G 66 33.55 3.94 -50.91
C GLU G 66 34.08 4.40 -49.54
N ASP G 67 35.03 3.63 -49.00
CA ASP G 67 35.69 3.85 -47.69
C ASP G 67 35.11 4.89 -46.70
N ASN G 68 35.09 6.17 -47.09
CA ASN G 68 34.57 7.26 -46.25
C ASN G 68 33.09 7.05 -45.96
N GLU G 69 32.83 6.45 -44.81
CA GLU G 69 31.48 6.12 -44.33
C GLU G 69 30.40 7.14 -44.68
N ARG G 70 29.58 6.83 -45.68
CA ARG G 70 28.49 7.71 -46.07
C ARG G 70 27.40 7.56 -45.02
N TYR G 71 27.58 6.56 -44.15
CA TYR G 71 26.66 6.24 -43.05
C TYR G 71 27.04 4.89 -42.44
N PRO G 72 27.85 4.89 -41.35
CA PRO G 72 28.27 3.65 -40.69
C PRO G 72 27.14 2.77 -40.12
N GLY G 73 27.50 1.51 -39.85
CA GLY G 73 26.55 0.51 -39.36
C GLY G 73 26.47 -0.45 -40.54
N THR G 74 27.12 -0.01 -41.62
CA THR G 74 27.20 -0.71 -42.89
C THR G 74 28.65 -0.69 -43.37
N PRO G 75 29.35 -1.84 -43.31
CA PRO G 75 30.75 -2.02 -43.70
C PRO G 75 31.20 -1.49 -45.06
N ASP G 76 32.19 -2.16 -45.62
CA ASP G 76 32.77 -1.76 -46.91
C ASP G 76 32.71 -2.82 -48.00
N VAL G 77 31.67 -2.69 -48.83
CA VAL G 77 31.45 -3.55 -49.97
C VAL G 77 32.47 -3.13 -51.03
N PRO G 78 33.33 -4.05 -51.46
CA PRO G 78 34.34 -3.73 -52.46
C PRO G 78 33.75 -3.36 -53.83
N GLU G 79 34.42 -2.42 -54.53
CA GLU G 79 33.99 -1.98 -55.86
C GLU G 79 33.99 -3.20 -56.77
N ARG G 80 32.94 -3.33 -57.58
CA ARG G 80 32.87 -4.47 -58.48
C ARG G 80 31.73 -4.36 -59.49
N ILE G 81 31.94 -5.00 -60.63
CA ILE G 81 30.96 -5.04 -61.70
C ILE G 81 30.36 -6.45 -61.72
N ILE G 82 29.03 -6.52 -61.69
CA ILE G 82 28.31 -7.79 -61.71
C ILE G 82 27.50 -7.82 -62.99
N LEU G 83 27.73 -8.87 -63.77
CA LEU G 83 27.03 -9.02 -65.04
C LEU G 83 26.33 -10.36 -65.15
N ASN G 84 25.10 -10.33 -65.66
CA ASN G 84 24.29 -11.52 -65.84
C ASN G 84 24.32 -12.40 -64.59
N PRO G 85 23.97 -11.83 -63.43
CA PRO G 85 23.97 -12.55 -62.16
C PRO G 85 22.81 -13.52 -62.07
N VAL G 86 23.04 -14.61 -61.35
CA VAL G 86 22.01 -15.62 -61.14
C VAL G 86 22.15 -16.12 -59.71
N ILE G 87 21.11 -15.95 -58.93
CA ILE G 87 21.16 -16.36 -57.54
C ILE G 87 20.34 -17.56 -57.17
N THR G 88 20.78 -18.24 -56.12
CA THR G 88 20.09 -19.42 -55.62
C THR G 88 20.19 -19.43 -54.09
N PRO G 89 19.06 -19.45 -53.40
CA PRO G 89 19.09 -19.47 -51.93
C PRO G 89 19.73 -20.76 -51.48
N LEU G 90 20.44 -20.72 -50.37
CA LEU G 90 21.11 -21.91 -49.84
C LEU G 90 20.49 -22.36 -48.52
N THR G 91 19.74 -21.46 -47.88
CA THR G 91 19.08 -21.78 -46.62
C THR G 91 17.73 -21.06 -46.50
N LYS G 92 16.91 -21.53 -45.58
CA LYS G 92 15.62 -20.91 -45.36
C LYS G 92 15.69 -19.86 -44.24
N ASP G 93 16.89 -19.64 -43.68
CA ASP G 93 17.08 -18.67 -42.60
C ASP G 93 17.04 -17.24 -43.13
N THR G 94 16.48 -16.35 -42.32
CA THR G 94 16.37 -14.96 -42.72
C THR G 94 17.05 -13.97 -41.80
N SER G 95 17.46 -12.86 -42.39
CA SER G 95 18.10 -11.78 -41.66
C SER G 95 17.34 -10.52 -42.03
N GLY G 96 16.74 -9.90 -41.01
CA GLY G 96 15.98 -8.69 -41.23
C GLY G 96 16.86 -7.48 -41.51
N PHE G 97 16.29 -6.47 -42.14
CA PHE G 97 17.06 -5.29 -42.45
C PHE G 97 16.19 -4.20 -43.03
N TRP G 98 16.51 -2.95 -42.70
CA TRP G 98 15.73 -1.86 -43.23
C TRP G 98 16.34 -1.39 -44.54
N GLU G 99 15.71 -1.72 -45.66
CA GLU G 99 16.25 -1.31 -46.94
C GLU G 99 15.62 -0.02 -47.46
N GLY G 100 16.35 0.62 -48.36
CA GLY G 100 15.90 1.86 -48.99
C GLY G 100 16.37 1.84 -50.44
N CYS G 101 15.53 2.22 -51.39
CA CYS G 101 15.96 2.18 -52.79
C CYS G 101 16.15 3.52 -53.38
N LEU G 102 17.29 3.70 -54.02
CA LEU G 102 17.55 4.98 -54.64
C LEU G 102 16.32 5.39 -55.42
N SER G 103 15.61 4.39 -55.91
CA SER G 103 14.42 4.66 -56.69
C SER G 103 13.24 4.98 -55.80
N VAL G 104 13.36 4.68 -54.52
CA VAL G 104 12.31 4.96 -53.56
C VAL G 104 12.91 5.86 -52.49
N PRO G 105 13.18 7.13 -52.85
CA PRO G 105 13.78 8.18 -52.02
C PRO G 105 13.06 8.56 -50.73
N GLY G 106 13.86 8.74 -49.68
CA GLY G 106 13.34 9.13 -48.38
C GLY G 106 12.50 8.12 -47.60
N MET G 107 12.60 6.84 -47.95
CA MET G 107 11.82 5.81 -47.25
C MET G 107 12.58 4.52 -47.05
N ARG G 108 12.33 3.88 -45.90
CA ARG G 108 12.97 2.62 -45.53
C ARG G 108 11.89 1.67 -45.10
N GLY G 109 11.99 0.43 -45.56
CA GLY G 109 11.01 -0.59 -45.23
C GLY G 109 11.73 -1.82 -44.72
N TYR G 110 11.10 -2.54 -43.81
CA TYR G 110 11.74 -3.72 -43.25
C TYR G 110 11.60 -4.90 -44.20
N VAL G 111 12.73 -5.51 -44.57
CA VAL G 111 12.70 -6.63 -45.51
C VAL G 111 13.56 -7.83 -45.14
N GLU G 112 12.95 -9.01 -45.05
CA GLU G 112 13.71 -10.22 -44.74
C GLU G 112 14.05 -11.02 -46.00
N ARG G 113 15.34 -11.24 -46.23
CA ARG G 113 15.78 -12.00 -47.40
C ARG G 113 16.67 -13.11 -46.89
N PRO G 114 16.91 -14.13 -47.72
CA PRO G 114 17.77 -15.23 -47.27
C PRO G 114 19.15 -14.63 -47.00
N ASN G 115 19.96 -15.28 -46.18
CA ASN G 115 21.30 -14.78 -45.87
C ASN G 115 22.45 -15.67 -46.38
N GLN G 116 22.15 -16.65 -47.23
CA GLN G 116 23.15 -17.53 -47.81
C GLN G 116 22.70 -17.83 -49.23
N ILE G 117 23.42 -17.30 -50.20
CA ILE G 117 23.06 -17.47 -51.59
C ILE G 117 24.24 -17.83 -52.48
N ARG G 118 23.94 -18.54 -53.58
CA ARG G 118 24.95 -18.91 -54.57
C ARG G 118 24.70 -18.09 -55.82
N MET G 119 25.59 -17.12 -56.03
CA MET G 119 25.48 -16.23 -57.18
C MET G 119 26.50 -16.55 -58.26
N GLN G 120 26.10 -16.34 -59.51
CA GLN G 120 26.93 -16.58 -60.67
C GLN G 120 26.82 -15.38 -61.57
N TRP G 121 27.95 -14.73 -61.87
CA TRP G 121 27.96 -13.54 -62.73
C TRP G 121 29.13 -13.48 -63.69
N MET G 122 29.49 -12.27 -64.08
CA MET G 122 30.57 -12.07 -65.03
C MET G 122 30.98 -10.60 -64.99
N ASP G 123 32.28 -10.34 -65.09
CA ASP G 123 32.77 -8.96 -65.03
C ASP G 123 33.14 -8.33 -66.34
N GLU G 124 33.42 -7.03 -66.31
CA GLU G 124 33.77 -6.26 -67.49
C GLU G 124 34.84 -6.96 -68.35
N LYS G 125 35.62 -7.83 -67.73
CA LYS G 125 36.67 -8.53 -68.43
C LYS G 125 36.18 -9.83 -69.04
N GLY G 126 35.03 -10.31 -68.59
CA GLY G 126 34.50 -11.53 -69.16
C GLY G 126 34.70 -12.73 -68.28
N ASN G 127 35.40 -12.56 -67.16
CA ASN G 127 35.61 -13.68 -66.26
C ASN G 127 34.27 -14.06 -65.62
N GLN G 128 33.97 -15.35 -65.59
CA GLN G 128 32.72 -15.82 -65.01
C GLN G 128 32.99 -16.45 -63.63
N PHE G 129 32.24 -16.01 -62.61
CA PHE G 129 32.41 -16.52 -61.24
C PHE G 129 31.26 -17.41 -60.81
N ASP G 130 31.39 -17.96 -59.63
CA ASP G 130 30.37 -18.83 -59.07
C ASP G 130 30.75 -19.11 -57.62
N GLU G 131 30.48 -18.13 -56.75
CA GLU G 131 30.81 -18.25 -55.34
C GLU G 131 29.57 -18.14 -54.48
N THR G 132 29.70 -18.52 -53.22
CA THR G 132 28.59 -18.46 -52.29
C THR G 132 28.76 -17.22 -51.43
N ILE G 133 27.75 -16.34 -51.45
CA ILE G 133 27.81 -15.08 -50.69
C ILE G 133 26.93 -15.15 -49.45
N ASP G 134 27.28 -14.35 -48.44
CA ASP G 134 26.50 -14.29 -47.22
C ASP G 134 26.58 -12.91 -46.57
N GLY G 135 25.74 -12.70 -45.57
CA GLY G 135 25.71 -11.41 -44.89
C GLY G 135 25.35 -10.24 -45.79
N TYR G 136 25.46 -9.06 -45.22
CA TYR G 136 25.18 -7.80 -45.91
C TYR G 136 25.30 -7.82 -47.43
N LYS G 137 26.42 -8.34 -47.92
CA LYS G 137 26.63 -8.40 -49.37
C LYS G 137 25.44 -9.08 -50.05
N ALA G 138 25.15 -10.31 -49.61
CA ALA G 138 24.05 -11.07 -50.16
C ALA G 138 22.79 -10.19 -50.21
N ILE G 139 22.58 -9.42 -49.15
CA ILE G 139 21.43 -8.55 -49.09
C ILE G 139 21.52 -7.56 -50.24
N VAL G 140 22.63 -6.84 -50.32
CA VAL G 140 22.80 -5.87 -51.40
C VAL G 140 22.56 -6.56 -52.74
N TYR G 141 23.39 -7.56 -53.01
CA TYR G 141 23.29 -8.31 -54.25
C TYR G 141 21.85 -8.65 -54.61
N GLN G 142 21.14 -9.31 -53.68
CA GLN G 142 19.74 -9.69 -53.91
C GLN G 142 18.90 -8.48 -54.23
N HIS G 143 19.18 -7.38 -53.55
CA HIS G 143 18.44 -6.15 -53.80
C HIS G 143 18.68 -5.75 -55.25
N GLU G 144 19.96 -5.67 -55.63
CA GLU G 144 20.27 -5.29 -56.98
C GLU G 144 19.74 -6.28 -58.02
N CYS G 145 20.10 -7.55 -57.85
CA CYS G 145 19.62 -8.57 -58.77
C CYS G 145 18.08 -8.48 -58.98
N ASP G 146 17.35 -8.09 -57.94
CA ASP G 146 15.89 -7.98 -58.03
C ASP G 146 15.50 -7.01 -59.11
N HIS G 147 16.19 -5.88 -59.13
CA HIS G 147 15.95 -4.83 -60.11
C HIS G 147 16.01 -5.32 -61.55
N LEU G 148 16.77 -6.40 -61.76
CA LEU G 148 16.94 -6.99 -63.09
C LEU G 148 15.71 -7.79 -63.53
N GLN G 149 14.98 -8.28 -62.54
CA GLN G 149 13.76 -9.04 -62.79
C GLN G 149 12.57 -8.11 -62.66
N GLY G 150 12.84 -6.81 -62.62
CA GLY G 150 11.78 -5.83 -62.48
C GLY G 150 11.13 -5.82 -61.11
N ILE G 151 11.93 -5.98 -60.05
CA ILE G 151 11.38 -6.02 -58.67
C ILE G 151 12.00 -5.04 -57.68
N LEU G 152 11.12 -4.33 -56.97
CA LEU G 152 11.55 -3.37 -55.99
C LEU G 152 11.31 -3.91 -54.59
N TYR G 153 12.22 -3.61 -53.66
CA TYR G 153 12.06 -4.08 -52.30
C TYR G 153 10.63 -3.90 -51.78
N VAL G 154 9.97 -2.84 -52.22
CA VAL G 154 8.61 -2.61 -51.77
C VAL G 154 7.72 -3.82 -52.03
N ASP G 155 8.08 -4.62 -53.02
CA ASP G 155 7.30 -5.82 -53.36
C ASP G 155 7.50 -6.90 -52.31
N ARG G 156 8.53 -6.75 -51.50
CA ARG G 156 8.84 -7.76 -50.49
C ARG G 156 8.66 -7.36 -49.03
N LEU G 157 8.05 -6.20 -48.79
CA LEU G 157 7.83 -5.76 -47.43
C LEU G 157 7.15 -6.86 -46.63
N LYS G 158 7.71 -7.16 -45.46
CA LYS G 158 7.17 -8.20 -44.61
C LYS G 158 5.81 -7.73 -44.12
N ASP G 159 5.79 -6.54 -43.57
CA ASP G 159 4.55 -5.97 -43.07
C ASP G 159 4.53 -4.49 -43.43
N THR G 160 3.47 -4.07 -44.11
CA THR G 160 3.36 -2.68 -44.54
C THR G 160 3.42 -1.69 -43.38
N LYS G 161 3.20 -2.19 -42.17
CA LYS G 161 3.25 -1.31 -41.02
C LYS G 161 4.69 -0.84 -40.89
N LEU G 162 5.63 -1.77 -41.12
CA LEU G 162 7.07 -1.49 -41.04
C LEU G 162 7.61 -0.89 -42.34
N PHE G 163 7.21 0.34 -42.63
CA PHE G 163 7.59 1.01 -43.85
C PHE G 163 7.17 2.45 -43.66
N GLY G 164 8.09 3.38 -43.90
CA GLY G 164 7.77 4.79 -43.72
C GLY G 164 8.88 5.71 -44.19
N PHE G 165 8.73 6.99 -43.87
CA PHE G 165 9.73 7.98 -44.27
C PHE G 165 10.87 8.08 -43.27
N ASN G 166 12.08 8.26 -43.77
CA ASN G 166 13.24 8.36 -42.91
C ASN G 166 13.02 9.46 -41.89
N GLU G 167 12.64 10.65 -42.39
CA GLU G 167 12.40 11.80 -41.55
C GLU G 167 11.70 11.41 -40.24
N THR G 168 10.68 10.57 -40.34
CA THR G 168 9.94 10.17 -39.14
C THR G 168 10.23 8.79 -38.54
N LEU G 169 11.02 7.96 -39.21
CA LEU G 169 11.35 6.64 -38.66
C LEU G 169 12.45 6.79 -37.62
N ASP G 170 13.18 7.90 -37.72
CA ASP G 170 14.25 8.24 -36.80
C ASP G 170 13.66 8.97 -35.60
N SER G 171 12.85 8.19 -34.87
CA SER G 171 12.13 8.55 -33.64
C SER G 171 11.70 7.22 -32.98
N SER H 1 -63.85 18.20 8.90
CA SER H 1 -62.50 17.62 9.24
C SER H 1 -61.35 18.52 8.73
N VAL H 2 -60.13 18.25 9.21
CA VAL H 2 -58.95 19.01 8.80
C VAL H 2 -58.10 18.27 7.77
N ARG H 3 -57.69 18.98 6.72
CA ARG H 3 -56.86 18.38 5.69
C ARG H 3 -55.43 18.91 5.75
N LYS H 4 -54.52 18.19 5.13
CA LYS H 4 -53.11 18.59 5.11
C LYS H 4 -52.89 19.73 4.14
N ILE H 5 -51.99 20.64 4.50
CA ILE H 5 -51.69 21.78 3.64
C ILE H 5 -50.36 21.56 2.95
N LEU H 6 -50.36 21.75 1.64
CA LEU H 6 -49.15 21.57 0.84
C LEU H 6 -48.14 22.67 1.12
N ARG H 7 -46.88 22.29 1.24
CA ARG H 7 -45.82 23.26 1.52
C ARG H 7 -45.16 23.68 0.22
N MET H 8 -44.60 24.89 0.19
CA MET H 8 -43.95 25.38 -1.03
C MET H 8 -42.87 24.40 -1.47
N GLY H 9 -42.95 24.01 -2.74
CA GLY H 9 -42.01 23.05 -3.27
C GLY H 9 -42.82 22.03 -4.05
N ASP H 10 -43.95 21.62 -3.47
CA ASP H 10 -44.86 20.69 -4.12
C ASP H 10 -45.35 21.44 -5.36
N PRO H 11 -45.24 20.82 -6.55
CA PRO H 11 -45.67 21.47 -7.80
C PRO H 11 -47.17 21.77 -7.91
N ILE H 12 -48.00 21.03 -7.18
CA ILE H 12 -49.42 21.27 -7.25
C ILE H 12 -49.69 22.75 -7.05
N LEU H 13 -48.89 23.36 -6.18
CA LEU H 13 -49.02 24.77 -5.85
C LEU H 13 -48.68 25.72 -7.00
N ARG H 14 -48.13 25.20 -8.08
CA ARG H 14 -47.77 26.05 -9.23
C ARG H 14 -48.67 25.85 -10.44
N LYS H 15 -49.57 24.88 -10.36
CA LYS H 15 -50.49 24.62 -11.46
C LYS H 15 -51.76 25.45 -11.36
N ILE H 16 -52.37 25.69 -12.51
CA ILE H 16 -53.57 26.50 -12.58
C ILE H 16 -54.82 25.72 -12.22
N SER H 17 -55.54 26.22 -11.24
CA SER H 17 -56.78 25.59 -10.80
C SER H 17 -57.84 25.96 -11.83
N GLU H 18 -58.76 25.04 -12.08
CA GLU H 18 -59.81 25.32 -13.07
C GLU H 18 -61.18 25.62 -12.45
N PRO H 19 -62.04 26.31 -13.22
CA PRO H 19 -63.40 26.73 -12.85
C PRO H 19 -64.30 25.68 -12.19
N VAL H 20 -65.32 26.20 -11.52
CA VAL H 20 -66.29 25.36 -10.84
C VAL H 20 -67.57 25.50 -11.64
N THR H 21 -68.22 24.36 -11.94
CA THR H 21 -69.46 24.39 -12.72
C THR H 21 -70.67 24.74 -11.88
N GLU H 22 -71.70 25.29 -12.54
CA GLU H 22 -72.95 25.66 -11.88
C GLU H 22 -73.62 24.44 -11.26
N ASP H 23 -73.07 23.26 -11.54
CA ASP H 23 -73.57 21.98 -11.02
C ASP H 23 -72.82 21.50 -9.78
N GLU H 24 -71.49 21.49 -9.87
CA GLU H 24 -70.63 21.07 -8.78
C GLU H 24 -71.04 21.67 -7.44
N ILE H 25 -71.47 22.93 -7.47
CA ILE H 25 -71.87 23.64 -6.26
C ILE H 25 -73.05 23.02 -5.51
N GLN H 26 -73.66 21.99 -6.10
CA GLN H 26 -74.78 21.30 -5.47
C GLN H 26 -74.41 19.89 -5.00
N THR H 27 -73.35 19.34 -5.60
CA THR H 27 -72.86 18.01 -5.23
C THR H 27 -72.66 17.98 -3.71
N LYS H 28 -73.02 16.87 -3.07
CA LYS H 28 -72.85 16.76 -1.63
C LYS H 28 -71.35 16.77 -1.33
N GLU H 29 -70.56 16.28 -2.29
CA GLU H 29 -69.10 16.24 -2.17
C GLU H 29 -68.52 17.65 -2.04
N PHE H 30 -69.12 18.59 -2.78
CA PHE H 30 -68.70 19.98 -2.77
C PHE H 30 -68.87 20.58 -1.37
N LYS H 31 -70.11 20.58 -0.88
CA LYS H 31 -70.44 21.13 0.43
C LYS H 31 -69.46 20.63 1.49
N LYS H 32 -68.98 19.40 1.34
CA LYS H 32 -68.04 18.83 2.30
C LYS H 32 -66.69 19.51 2.15
N LEU H 33 -66.29 19.76 0.91
CA LEU H 33 -65.03 20.41 0.67
C LEU H 33 -64.99 21.73 1.42
N ILE H 34 -65.99 22.58 1.16
CA ILE H 34 -66.09 23.87 1.82
C ILE H 34 -65.86 23.69 3.31
N ARG H 35 -66.74 22.91 3.93
CA ARG H 35 -66.64 22.61 5.35
C ARG H 35 -65.18 22.34 5.70
N ASP H 36 -64.58 21.37 5.01
CA ASP H 36 -63.18 21.02 5.24
C ASP H 36 -62.28 22.24 5.17
N MET H 37 -62.36 22.96 4.05
CA MET H 37 -61.54 24.16 3.86
C MET H 37 -61.63 25.06 5.07
N PHE H 38 -62.86 25.42 5.45
CA PHE H 38 -63.03 26.27 6.62
C PHE H 38 -62.41 25.63 7.86
N THR H 39 -62.91 24.47 8.26
CA THR H 39 -62.38 23.77 9.42
C THR H 39 -60.83 23.73 9.36
N THR H 40 -60.27 23.63 8.16
CA THR H 40 -58.81 23.58 7.97
C THR H 40 -58.18 24.94 8.20
N MET H 41 -58.76 25.97 7.61
CA MET H 41 -58.27 27.34 7.75
C MET H 41 -58.33 27.77 9.21
N ARG H 42 -59.48 27.57 9.84
CA ARG H 42 -59.70 27.93 11.24
C ARG H 42 -58.62 27.34 12.15
N HIS H 43 -58.25 26.10 11.87
CA HIS H 43 -57.23 25.41 12.64
C HIS H 43 -55.86 26.09 12.59
N ALA H 44 -55.35 26.31 11.38
CA ALA H 44 -54.04 26.94 11.20
C ALA H 44 -54.06 28.44 11.51
N GLU H 45 -55.24 28.95 11.90
CA GLU H 45 -55.41 30.36 12.22
C GLU H 45 -55.16 31.28 11.03
N GLY H 46 -55.73 30.93 9.88
CA GLY H 46 -55.58 31.74 8.69
C GLY H 46 -56.73 32.68 8.44
N VAL H 47 -56.53 33.61 7.53
CA VAL H 47 -57.54 34.58 7.18
C VAL H 47 -58.19 34.13 5.87
N GLY H 48 -57.56 33.16 5.20
CA GLY H 48 -58.09 32.70 3.95
C GLY H 48 -57.47 31.39 3.51
N LEU H 49 -58.02 30.82 2.45
CA LEU H 49 -57.54 29.55 1.95
C LEU H 49 -58.00 29.29 0.52
N ALA H 50 -57.14 28.64 -0.25
CA ALA H 50 -57.43 28.31 -1.64
C ALA H 50 -57.39 26.79 -1.84
N ALA H 51 -58.38 26.28 -2.54
CA ALA H 51 -58.50 24.84 -2.80
C ALA H 51 -57.16 24.13 -3.02
N PRO H 52 -56.35 24.66 -3.93
CA PRO H 52 -55.05 24.02 -4.18
C PRO H 52 -54.21 23.84 -2.92
N GLN H 53 -54.27 24.82 -2.02
CA GLN H 53 -53.48 24.73 -0.80
C GLN H 53 -53.69 23.38 -0.09
N ILE H 54 -54.81 22.73 -0.36
CA ILE H 54 -55.08 21.43 0.25
C ILE H 54 -55.04 20.31 -0.79
N GLY H 55 -54.77 20.67 -2.04
CA GLY H 55 -54.68 19.69 -3.10
C GLY H 55 -55.73 19.65 -4.20
N ILE H 56 -56.65 20.61 -4.21
CA ILE H 56 -57.67 20.59 -5.24
C ILE H 56 -57.50 21.76 -6.18
N LEU H 57 -57.29 21.48 -7.46
CA LEU H 57 -57.13 22.55 -8.42
C LEU H 57 -58.46 23.03 -9.00
N LYS H 58 -59.19 23.74 -8.17
CA LYS H 58 -60.48 24.31 -8.52
C LYS H 58 -60.51 25.74 -7.99
N GLN H 59 -61.01 26.66 -8.78
CA GLN H 59 -61.08 28.04 -8.35
C GLN H 59 -62.06 28.26 -7.19
N ILE H 60 -61.60 27.89 -6.00
CA ILE H 60 -62.38 27.99 -4.77
C ILE H 60 -61.63 28.68 -3.63
N VAL H 61 -62.18 29.78 -3.13
CA VAL H 61 -61.55 30.51 -2.04
C VAL H 61 -62.45 30.61 -0.83
N VAL H 62 -61.80 30.70 0.33
CA VAL H 62 -62.51 30.81 1.58
C VAL H 62 -61.85 31.87 2.45
N VAL H 63 -62.61 32.86 2.90
CA VAL H 63 -62.06 33.92 3.74
C VAL H 63 -62.87 34.07 5.04
N GLY H 64 -62.25 34.62 6.08
CA GLY H 64 -62.97 34.79 7.34
C GLY H 64 -62.15 34.98 8.62
N SER H 65 -62.17 36.19 9.15
CA SER H 65 -61.47 36.52 10.38
C SER H 65 -62.45 36.22 11.53
N GLU H 66 -63.73 36.14 11.16
CA GLU H 66 -64.85 35.89 12.08
C GLU H 66 -65.16 37.20 12.85
N ASP H 67 -65.78 37.09 14.02
CA ASP H 67 -66.12 38.27 14.83
C ASP H 67 -64.95 38.70 15.70
N ASN H 68 -64.12 37.73 16.09
CA ASN H 68 -62.95 37.95 16.94
C ASN H 68 -61.64 37.86 16.14
N GLU H 69 -60.59 37.31 16.77
CA GLU H 69 -59.30 37.17 16.13
C GLU H 69 -58.34 36.36 17.02
N ARG H 70 -57.04 36.52 16.76
CA ARG H 70 -55.97 35.84 17.50
C ARG H 70 -54.68 36.68 17.50
N TYR H 71 -54.86 38.01 17.50
CA TYR H 71 -53.80 39.04 17.49
C TYR H 71 -54.24 40.15 16.51
N PRO H 72 -55.24 40.98 16.91
CA PRO H 72 -55.82 42.09 16.14
C PRO H 72 -54.90 42.93 15.23
N GLY H 73 -55.15 44.24 15.18
CA GLY H 73 -54.36 45.09 14.30
C GLY H 73 -54.74 44.71 12.87
N THR H 74 -55.57 43.67 12.76
CA THR H 74 -56.09 43.12 11.50
C THR H 74 -57.62 43.14 11.52
N PRO H 75 -58.25 43.89 10.58
CA PRO H 75 -59.71 44.01 10.49
C PRO H 75 -60.49 42.67 10.40
N ASP H 76 -61.81 42.75 10.55
CA ASP H 76 -62.68 41.58 10.51
C ASP H 76 -63.16 41.24 9.11
N VAL H 77 -62.41 40.38 8.42
CA VAL H 77 -62.80 39.95 7.09
C VAL H 77 -63.98 39.01 7.30
N PRO H 78 -65.14 39.38 6.76
CA PRO H 78 -66.35 38.56 6.90
C PRO H 78 -66.25 37.18 6.22
N GLU H 79 -66.86 36.18 6.85
CA GLU H 79 -66.87 34.82 6.31
C GLU H 79 -67.49 34.87 4.91
N ARG H 80 -66.93 34.13 3.96
CA ARG H 80 -67.45 34.12 2.61
C ARG H 80 -66.78 33.13 1.70
N ILE H 81 -67.54 32.66 0.72
CA ILE H 81 -67.04 31.71 -0.27
C ILE H 81 -66.84 32.46 -1.57
N ILE H 82 -65.67 32.30 -2.17
CA ILE H 82 -65.33 32.96 -3.42
C ILE H 82 -65.09 31.87 -4.45
N LEU H 83 -65.82 31.94 -5.55
CA LEU H 83 -65.66 30.94 -6.59
C LEU H 83 -65.39 31.55 -7.96
N ASN H 84 -64.45 30.96 -8.68
CA ASN H 84 -64.07 31.42 -10.01
C ASN H 84 -63.87 32.93 -10.02
N PRO H 85 -63.01 33.43 -9.12
CA PRO H 85 -62.73 34.87 -9.01
C PRO H 85 -61.88 35.36 -10.16
N VAL H 86 -62.06 36.62 -10.51
CA VAL H 86 -61.29 37.23 -11.57
C VAL H 86 -61.03 38.66 -11.16
N ILE H 87 -59.75 39.02 -11.08
CA ILE H 87 -59.38 40.34 -10.64
C ILE H 87 -58.77 41.22 -11.70
N THR H 88 -58.94 42.52 -11.50
CA THR H 88 -58.39 43.52 -12.41
C THR H 88 -57.94 44.70 -11.58
N PRO H 89 -56.67 45.11 -11.70
CA PRO H 89 -56.17 46.25 -10.94
C PRO H 89 -56.87 47.52 -11.44
N LEU H 90 -57.10 48.46 -10.54
CA LEU H 90 -57.77 49.70 -10.88
C LEU H 90 -56.82 50.89 -10.80
N THR H 91 -55.71 50.72 -10.10
CA THR H 91 -54.73 51.78 -9.96
C THR H 91 -53.32 51.23 -9.90
N LYS H 92 -52.33 52.09 -10.12
CA LYS H 92 -50.94 51.66 -10.07
C LYS H 92 -50.32 51.91 -8.69
N ASP H 93 -51.14 52.40 -7.75
CA ASP H 93 -50.69 52.67 -6.39
C ASP H 93 -50.52 51.38 -5.59
N THR H 94 -49.51 51.37 -4.73
CA THR H 94 -49.23 50.18 -3.94
C THR H 94 -49.27 50.41 -2.44
N SER H 95 -49.59 49.32 -1.74
CA SER H 95 -49.66 49.33 -0.29
C SER H 95 -48.80 48.15 0.19
N GLY H 96 -47.74 48.47 0.93
CA GLY H 96 -46.85 47.42 1.43
C GLY H 96 -47.47 46.60 2.53
N PHE H 97 -46.95 45.41 2.74
CA PHE H 97 -47.48 44.54 3.78
C PHE H 97 -46.65 43.28 3.95
N TRP H 98 -46.54 42.82 5.18
CA TRP H 98 -45.78 41.61 5.42
C TRP H 98 -46.71 40.41 5.38
N GLU H 99 -46.66 39.66 4.28
CA GLU H 99 -47.51 38.50 4.14
C GLU H 99 -46.84 37.21 4.60
N GLY H 100 -47.68 36.23 4.91
CA GLY H 100 -47.23 34.92 5.33
C GLY H 100 -48.21 33.94 4.71
N CYS H 101 -47.73 32.93 4.01
CA CYS H 101 -48.59 31.93 3.36
C CYS H 101 -48.65 30.63 4.14
N LEU H 102 -49.83 30.09 4.33
CA LEU H 102 -49.92 28.86 5.07
C LEU H 102 -48.98 27.83 4.51
N SER H 103 -48.74 27.93 3.20
CA SER H 103 -47.85 26.99 2.54
C SER H 103 -46.39 27.31 2.76
N VAL H 104 -46.12 28.48 3.33
CA VAL H 104 -44.76 28.88 3.64
C VAL H 104 -44.77 29.27 5.11
N PRO H 105 -44.86 28.27 5.99
CA PRO H 105 -44.90 28.35 7.46
C PRO H 105 -43.72 29.01 8.19
N GLY H 106 -44.06 29.87 9.15
CA GLY H 106 -43.04 30.55 9.94
C GLY H 106 -42.23 31.64 9.25
N MET H 107 -42.73 32.17 8.15
CA MET H 107 -42.00 33.22 7.42
C MET H 107 -42.91 34.27 6.84
N ARG H 108 -42.38 35.50 6.86
CA ARG H 108 -43.07 36.68 6.31
C ARG H 108 -42.19 37.22 5.19
N GLY H 109 -42.78 38.11 4.42
CA GLY H 109 -42.05 38.74 3.34
C GLY H 109 -42.79 40.01 3.02
N TYR H 110 -42.07 41.06 2.71
CA TYR H 110 -42.73 42.32 2.40
C TYR H 110 -43.21 42.27 0.97
N VAL H 111 -44.49 42.54 0.77
CA VAL H 111 -45.10 42.50 -0.56
C VAL H 111 -45.99 43.68 -0.93
N GLU H 112 -45.69 44.35 -2.04
CA GLU H 112 -46.53 45.46 -2.46
C GLU H 112 -47.48 45.04 -3.59
N ARG H 113 -48.79 45.19 -3.35
CA ARG H 113 -49.82 44.86 -4.34
C ARG H 113 -50.69 46.08 -4.55
N PRO H 114 -51.45 46.10 -5.65
CA PRO H 114 -52.30 47.25 -5.89
C PRO H 114 -53.30 47.33 -4.74
N ASN H 115 -53.89 48.50 -4.51
CA ASN H 115 -54.86 48.63 -3.41
C ASN H 115 -56.28 48.97 -3.85
N GLN H 116 -56.54 48.86 -5.14
CA GLN H 116 -57.88 49.11 -5.68
C GLN H 116 -58.07 48.13 -6.82
N ILE H 117 -58.96 47.17 -6.61
CA ILE H 117 -59.19 46.15 -7.61
C ILE H 117 -60.65 45.85 -7.87
N ARG H 118 -60.95 45.39 -9.08
CA ARG H 118 -62.31 45.02 -9.44
C ARG H 118 -62.34 43.51 -9.55
N MET H 119 -63.04 42.89 -8.62
CA MET H 119 -63.14 41.46 -8.59
C MET H 119 -64.54 40.98 -8.96
N GLN H 120 -64.59 39.82 -9.60
CA GLN H 120 -65.85 39.23 -10.01
C GLN H 120 -65.81 37.77 -9.60
N TRP H 121 -66.80 37.35 -8.80
CA TRP H 121 -66.84 35.96 -8.37
C TRP H 121 -68.23 35.35 -8.34
N MET H 122 -68.40 34.35 -7.48
CA MET H 122 -69.67 33.66 -7.40
C MET H 122 -69.69 32.85 -6.10
N ASP H 123 -70.83 32.79 -5.44
CA ASP H 123 -70.91 32.09 -4.16
C ASP H 123 -71.58 30.73 -4.23
N GLU H 124 -71.54 30.02 -3.11
CA GLU H 124 -72.13 28.67 -2.99
C GLU H 124 -73.55 28.60 -3.53
N LYS H 125 -74.23 29.75 -3.53
CA LYS H 125 -75.61 29.81 -4.00
C LYS H 125 -75.69 30.04 -5.50
N GLY H 126 -74.61 30.52 -6.09
CA GLY H 126 -74.60 30.75 -7.52
C GLY H 126 -74.75 32.21 -7.90
N ASN H 127 -74.91 33.08 -6.92
CA ASN H 127 -75.04 34.50 -7.20
C ASN H 127 -73.69 35.02 -7.70
N GLN H 128 -73.71 35.80 -8.78
CA GLN H 128 -72.48 36.34 -9.36
C GLN H 128 -72.33 37.82 -9.01
N PHE H 129 -71.19 38.19 -8.45
CA PHE H 129 -70.92 39.58 -8.07
C PHE H 129 -69.93 40.27 -8.99
N ASP H 130 -69.75 41.56 -8.74
CA ASP H 130 -68.83 42.37 -9.52
C ASP H 130 -68.71 43.72 -8.82
N GLU H 131 -67.92 43.75 -7.76
CA GLU H 131 -67.73 44.98 -6.99
C GLU H 131 -66.27 45.40 -7.00
N THR H 132 -66.01 46.60 -6.53
CA THR H 132 -64.65 47.10 -6.45
C THR H 132 -64.21 47.04 -4.99
N ILE H 133 -63.12 46.33 -4.75
CA ILE H 133 -62.57 46.15 -3.41
C ILE H 133 -61.32 46.99 -3.20
N ASP H 134 -61.07 47.34 -1.94
CA ASP H 134 -59.89 48.11 -1.56
C ASP H 134 -59.40 47.80 -0.16
N GLY H 135 -58.22 48.30 0.17
CA GLY H 135 -57.67 48.05 1.48
C GLY H 135 -57.42 46.58 1.74
N TYR H 136 -57.04 46.29 2.98
CA TYR H 136 -56.73 44.94 3.45
C TYR H 136 -57.41 43.78 2.70
N LYS H 137 -58.71 43.88 2.53
CA LYS H 137 -59.44 42.83 1.83
C LYS H 137 -58.80 42.56 0.47
N ALA H 138 -58.64 43.62 -0.33
CA ALA H 138 -58.03 43.49 -1.65
C ALA H 138 -56.72 42.72 -1.56
N ILE H 139 -55.97 42.98 -0.48
CA ILE H 139 -54.70 42.32 -0.24
C ILE H 139 -54.97 40.84 -0.06
N VAL H 140 -55.83 40.51 0.88
CA VAL H 140 -56.18 39.11 1.11
C VAL H 140 -56.62 38.49 -0.21
N TYR H 141 -57.73 39.00 -0.76
CA TYR H 141 -58.25 38.51 -2.01
C TYR H 141 -57.17 38.20 -3.05
N GLN H 142 -56.33 39.20 -3.34
CA GLN H 142 -55.26 39.02 -4.31
C GLN H 142 -54.36 37.87 -3.95
N HIS H 143 -54.05 37.73 -2.67
CA HIS H 143 -53.19 36.65 -2.19
C HIS H 143 -53.84 35.32 -2.57
N GLU H 144 -55.12 35.17 -2.20
CA GLU H 144 -55.84 33.93 -2.49
C GLU H 144 -55.98 33.67 -3.98
N CYS H 145 -56.45 34.67 -4.72
CA CYS H 145 -56.60 34.51 -6.14
C CYS H 145 -55.27 34.04 -6.79
N ASP H 146 -54.13 34.42 -6.21
CA ASP H 146 -52.82 34.03 -6.75
C ASP H 146 -52.67 32.52 -6.76
N HIS H 147 -53.12 31.87 -5.70
CA HIS H 147 -53.02 30.42 -5.61
C HIS H 147 -53.74 29.76 -6.78
N LEU H 148 -54.69 30.47 -7.34
CA LEU H 148 -55.45 29.92 -8.45
C LEU H 148 -54.66 29.98 -9.73
N GLN H 149 -53.78 30.97 -9.87
CA GLN H 149 -52.95 31.11 -11.07
C GLN H 149 -51.60 30.45 -10.86
N GLY H 150 -51.49 29.69 -9.77
CA GLY H 150 -50.25 29.01 -9.43
C GLY H 150 -49.16 29.99 -8.98
N ILE H 151 -49.51 30.97 -8.16
CA ILE H 151 -48.55 31.96 -7.68
C ILE H 151 -48.52 32.17 -6.18
N LEU H 152 -47.32 32.15 -5.63
CA LEU H 152 -47.11 32.33 -4.21
C LEU H 152 -46.52 33.70 -3.96
N TYR H 153 -46.91 34.32 -2.84
CA TYR H 153 -46.39 35.64 -2.52
C TYR H 153 -44.88 35.73 -2.72
N VAL H 154 -44.16 34.64 -2.46
CA VAL H 154 -42.72 34.64 -2.64
C VAL H 154 -42.32 35.10 -4.04
N ASP H 155 -43.21 34.93 -4.99
CA ASP H 155 -42.92 35.32 -6.36
C ASP H 155 -42.97 36.84 -6.51
N ARG H 156 -43.60 37.51 -5.53
CA ARG H 156 -43.75 38.96 -5.59
C ARG H 156 -42.92 39.76 -4.56
N LEU H 157 -42.02 39.11 -3.84
CA LEU H 157 -41.21 39.84 -2.88
C LEU H 157 -40.59 41.07 -3.53
N LYS H 158 -40.77 42.22 -2.89
CA LYS H 158 -40.21 43.47 -3.40
C LYS H 158 -38.69 43.37 -3.38
N ASP H 159 -38.16 43.00 -2.22
CA ASP H 159 -36.72 42.85 -2.04
C ASP H 159 -36.49 41.65 -1.17
N THR H 160 -35.69 40.70 -1.66
CA THR H 160 -35.39 39.48 -0.93
C THR H 160 -34.76 39.73 0.43
N LYS H 161 -34.26 40.95 0.63
CA LYS H 161 -33.66 41.27 1.92
C LYS H 161 -34.80 41.25 2.93
N LEU H 162 -35.95 41.79 2.53
CA LEU H 162 -37.15 41.85 3.37
C LEU H 162 -37.96 40.56 3.30
N PHE H 163 -37.40 39.51 3.88
CA PHE H 163 -38.02 38.21 3.86
C PHE H 163 -37.23 37.39 4.87
N GLY H 164 -37.92 36.73 5.79
CA GLY H 164 -37.21 35.94 6.78
C GLY H 164 -38.13 35.14 7.68
N PHE H 165 -37.56 34.49 8.69
CA PHE H 165 -38.35 33.69 9.62
C PHE H 165 -38.96 34.54 10.72
N ASN H 166 -40.20 34.23 11.06
CA ASN H 166 -40.92 34.95 12.11
C ASN H 166 -40.08 34.96 13.39
N GLU H 167 -39.65 33.78 13.81
CA GLU H 167 -38.83 33.64 15.01
C GLU H 167 -37.83 34.79 15.16
N THR H 168 -37.16 35.13 14.05
CA THR H 168 -36.15 36.20 14.09
C THR H 168 -36.52 37.56 13.54
N LEU H 169 -37.68 37.69 12.90
CA LEU H 169 -38.09 39.00 12.36
C LEU H 169 -38.64 39.83 13.52
N ASP H 170 -39.04 39.13 14.57
CA ASP H 170 -39.59 39.74 15.79
C ASP H 170 -38.43 40.06 16.78
N SER H 171 -37.49 40.92 16.37
CA SER H 171 -36.33 41.32 17.19
C SER H 171 -35.50 42.42 16.48
#